data_3ZZ7
# 
_entry.id   3ZZ7 
# 
_audit_conform.dict_name       mmcif_pdbx.dic 
_audit_conform.dict_version    5.397 
_audit_conform.dict_location   http://mmcif.pdb.org/dictionaries/ascii/mmcif_pdbx.dic 
# 
loop_
_database_2.database_id 
_database_2.database_code 
_database_2.pdbx_database_accession 
_database_2.pdbx_DOI 
PDB   3ZZ7         pdb_00003zz7 10.2210/pdb3zz7/pdb 
PDBE  EBI-49402    ?            ?                   
WWPDB D_1290049402 ?            ?                   
# 
loop_
_pdbx_audit_revision_history.ordinal 
_pdbx_audit_revision_history.data_content_type 
_pdbx_audit_revision_history.major_revision 
_pdbx_audit_revision_history.minor_revision 
_pdbx_audit_revision_history.revision_date 
1 'Structure model' 1 0 2012-09-19 
2 'Structure model' 1 1 2019-05-08 
3 'Structure model' 1 2 2024-05-01 
4 'Structure model' 1 3 2024-10-09 
# 
_pdbx_audit_revision_details.ordinal             1 
_pdbx_audit_revision_details.revision_ordinal    1 
_pdbx_audit_revision_details.data_content_type   'Structure model' 
_pdbx_audit_revision_details.provider            repository 
_pdbx_audit_revision_details.type                'Initial release' 
_pdbx_audit_revision_details.description         ? 
_pdbx_audit_revision_details.details             ? 
# 
loop_
_pdbx_audit_revision_group.ordinal 
_pdbx_audit_revision_group.revision_ordinal 
_pdbx_audit_revision_group.data_content_type 
_pdbx_audit_revision_group.group 
1  2 'Structure model' 'Data collection'          
2  2 'Structure model' 'Derived calculations'     
3  2 'Structure model' 'Experimental preparation' 
4  2 'Structure model' Other                      
5  3 'Structure model' 'Data collection'          
6  3 'Structure model' 'Database references'      
7  3 'Structure model' 'Derived calculations'     
8  3 'Structure model' Other                      
9  3 'Structure model' 'Refinement description'   
10 4 'Structure model' 'Structure summary'        
# 
loop_
_pdbx_audit_revision_category.ordinal 
_pdbx_audit_revision_category.revision_ordinal 
_pdbx_audit_revision_category.data_content_type 
_pdbx_audit_revision_category.category 
1  2 'Structure model' exptl_crystal_grow            
2  2 'Structure model' pdbx_database_proc            
3  2 'Structure model' pdbx_database_status          
4  2 'Structure model' struct_conn                   
5  3 'Structure model' chem_comp_atom                
6  3 'Structure model' chem_comp_bond                
7  3 'Structure model' database_2                    
8  3 'Structure model' pdbx_database_status          
9  3 'Structure model' pdbx_initial_refinement_model 
10 3 'Structure model' struct_site                   
11 4 'Structure model' pdbx_entry_details            
12 4 'Structure model' pdbx_modification_feature     
# 
loop_
_pdbx_audit_revision_item.ordinal 
_pdbx_audit_revision_item.revision_ordinal 
_pdbx_audit_revision_item.data_content_type 
_pdbx_audit_revision_item.item 
1 2 'Structure model' '_exptl_crystal_grow.method'                  
2 2 'Structure model' '_pdbx_database_status.recvd_author_approval' 
3 2 'Structure model' '_struct_conn.pdbx_leaving_atom_flag'         
4 3 'Structure model' '_database_2.pdbx_DOI'                        
5 3 'Structure model' '_database_2.pdbx_database_accession'         
6 3 'Structure model' '_pdbx_database_status.status_code_sf'        
7 3 'Structure model' '_struct_site.pdbx_auth_asym_id'              
8 3 'Structure model' '_struct_site.pdbx_auth_comp_id'              
9 3 'Structure model' '_struct_site.pdbx_auth_seq_id'               
# 
_database_PDB_caveat.id     1 
_database_PDB_caveat.text   'G81 A 1181  HAS WRONG CHIRALITY AT ATOM  C61' 
# 
_pdbx_database_status.status_code                     REL 
_pdbx_database_status.entry_id                        3ZZ7 
_pdbx_database_status.deposit_site                    PDBE 
_pdbx_database_status.process_site                    PDBE 
_pdbx_database_status.SG_entry                        . 
_pdbx_database_status.recvd_initial_deposition_date   2011-08-31 
_pdbx_database_status.pdb_format_compatible           Y 
_pdbx_database_status.status_code_sf                  REL 
_pdbx_database_status.status_code_mr                  ? 
_pdbx_database_status.status_code_cs                  ? 
_pdbx_database_status.methods_development_category    ? 
_pdbx_database_status.status_code_nmr_data            ? 
# 
loop_
_pdbx_database_related.db_name 
_pdbx_database_related.db_id 
_pdbx_database_related.content_type 
_pdbx_database_related.details 
PDB 3ZYE unspecified 'CRYSTAL STRUCTURE OF 3C PROTEASE MUTANT (T68A) OF COXSACKIEVIRUS B3' 
PDB 3ZYD unspecified . 
PDB 3ZZB unspecified 
'CRYSTAL STRUCTURE OF 3C PROTEASE OF COXSACKIEVIRUS B3 COMPLEXED WITH ALPHA, BETA-UNSATURATED ETHYL ESTER INHIBITOR 85' 
PDB 3ZZ6 unspecified 'CRYSTAL STRUCTURE OF 3C PROTEASE OF COXSACKIEVIRUS B3 COMPLEXED WITH MICHAEL RECEPTOR INHIBITOR 75' 
PDB 3ZZC unspecified 
;CRYSTAL STRUCTURE OF 3C PROTEASE MUTANT (T68A AND N126Y) OF COXSACKIEVIRUS B3 COMPLEXED WITH ALPHA, BETA- UNSATURATED ETHYL ESTER INHIBITOR 83
;
PDB 3ZZD unspecified 
;CRYSTAL STRUCTURE OF 3C PROTEASE MUTANT (T68A AND N126Y) OF COXSACKIEVIRUS B3 COMPLEXED WITH ALPHA, BETA- UNSATURATED ETHYL ESTER INHIBITOR 85
;
PDB 3ZZ8 unspecified 
'CRYSTAL STRUCTURE OF 3C PROTEASE OF COXSACKIEVIRUS B3 COMPLEXED WITH ALPHA, BETA-UNSATURATED ETHYL ESTER INHIBITOR 82' 
PDB 3ZZ9 unspecified 
'CRYSTAL STRUCTURE OF 3C PROTEASE OF COXSACKIEVIRUS B3 COMPLEXED WITH ALPHA, BETA-UNSATURATED ETHYL ESTER INHIBITOR 83' 
PDB 3ZZ3 unspecified 'CRYSTAL STRUCTURE OF 3C PROTEASE MUTANT (N126Y) OF COXSACKIEVIRUS B3' 
PDB 3ZZ5 unspecified 
'CRYSTAL STRUCTURE OF 3C PROTEASE OF COXSACKIEVIRUS B3 COMPLEXED WITH ALPHA, BETA-UNSATURATED ETHYL ESTER INHIBITOR 74' 
PDB 3ZZ4 unspecified 'CRYSTAL STRUCTURE OF 3C PROTEASE MUTANT (T68A AND N126Y) OF COXSACKIEVIRUS B3' 
PDB 3ZZA unspecified 
'CRYSTAL STRUCTURE OF 3C PROTEASE OF COXSACKIEVIRUS B3 COMPLEXED WITH ALPHA, BETA-UNSATURATED ETHYL ESTER INHIBITOR 84' 
# 
loop_
_audit_author.name 
_audit_author.pdbx_ordinal 
'Tan, J.'        1 
'Anand, K.'      2 
'Mesters, J.R.'  3 
'Hilgenfeld, R.' 4 
# 
_citation.id                        primary 
_citation.title                     
;Peptidic Alpha, Beta-Unsaturated Ethyl Esters as Inhibitors of the 3C Protease of Coxsackie Virus B3: Crystal Structures, Antiviral Activities, and Resistance Mutations
;
_citation.journal_abbrev            'To be Published' 
_citation.journal_volume            ? 
_citation.page_first                ? 
_citation.page_last                 ? 
_citation.year                      ? 
_citation.journal_id_ASTM           ? 
_citation.country                   ? 
_citation.journal_id_ISSN           ? 
_citation.journal_id_CSD            0353 
_citation.book_publisher            ? 
_citation.pdbx_database_id_PubMed   ? 
_citation.pdbx_database_id_DOI      ? 
# 
loop_
_citation_author.citation_id 
_citation_author.name 
_citation_author.ordinal 
_citation_author.identifier_ORCID 
primary 'Tan, J.'        1 ? 
primary 'Anand, K.'      2 ? 
primary 'Mesters, J.R.'  3 ? 
primary 'Hilgenfeld, R.' 4 ? 
# 
loop_
_entity.id 
_entity.type 
_entity.src_method 
_entity.pdbx_description 
_entity.formula_weight 
_entity.pdbx_number_of_molecules 
_entity.pdbx_ec 
_entity.pdbx_mutation 
_entity.pdbx_fragment 
_entity.details 
1 polymer     man '3C PROTEINASE'                                                                                        20429.488 
1  3.4.22.28 ? ? ? 
2 non-polymer syn 'ETHYL (4R)-4-{[N-(TERT-BUTOXYCARBONYL)-L-PHENYLALANYL]AMINO}-5-[(3S)-2-OXOPYRROLIDIN-3-YL]PENTANOATE' 475.578   
1  ?         ? ? ? 
3 water       nat water                                                                                                  18.015    
51 ?         ? ? ? 
# 
_entity_name_com.entity_id   1 
_entity_name_com.name        'POLYPROTEIN 3BCD' 
# 
_entity_poly.entity_id                      1 
_entity_poly.type                           'polypeptide(L)' 
_entity_poly.nstd_linkage                   no 
_entity_poly.nstd_monomer                   no 
_entity_poly.pdbx_seq_one_letter_code       
;MGPAFEFAVAMMKRNSSTVKTEYGEFTMLGIYDRWAVLPRHAKPGPTILMNDQEVGVLDAKELVDKDGTNLELTLLKLNR
NEKFRDIRGFLAKEEVEVNEAVLAINTSKFPNMYIPVGQVTEYGFLNLGGTPTKRMLMYNFPTRAGQCGGVLMSTGKVLG
IHVGGNGHQGFSAALLKHYFNDEQ
;
_entity_poly.pdbx_seq_one_letter_code_can   
;MGPAFEFAVAMMKRNSSTVKTEYGEFTMLGIYDRWAVLPRHAKPGPTILMNDQEVGVLDAKELVDKDGTNLELTLLKLNR
NEKFRDIRGFLAKEEVEVNEAVLAINTSKFPNMYIPVGQVTEYGFLNLGGTPTKRMLMYNFPTRAGQCGGVLMSTGKVLG
IHVGGNGHQGFSAALLKHYFNDEQ
;
_entity_poly.pdbx_strand_id                 A 
_entity_poly.pdbx_target_identifier         ? 
# 
loop_
_pdbx_entity_nonpoly.entity_id 
_pdbx_entity_nonpoly.name 
_pdbx_entity_nonpoly.comp_id 
2 'ETHYL (4R)-4-{[N-(TERT-BUTOXYCARBONYL)-L-PHENYLALANYL]AMINO}-5-[(3S)-2-OXOPYRROLIDIN-3-YL]PENTANOATE' G81 
3 water                                                                                                  HOH 
# 
loop_
_entity_poly_seq.entity_id 
_entity_poly_seq.num 
_entity_poly_seq.mon_id 
_entity_poly_seq.hetero 
1 1   MET n 
1 2   GLY n 
1 3   PRO n 
1 4   ALA n 
1 5   PHE n 
1 6   GLU n 
1 7   PHE n 
1 8   ALA n 
1 9   VAL n 
1 10  ALA n 
1 11  MET n 
1 12  MET n 
1 13  LYS n 
1 14  ARG n 
1 15  ASN n 
1 16  SER n 
1 17  SER n 
1 18  THR n 
1 19  VAL n 
1 20  LYS n 
1 21  THR n 
1 22  GLU n 
1 23  TYR n 
1 24  GLY n 
1 25  GLU n 
1 26  PHE n 
1 27  THR n 
1 28  MET n 
1 29  LEU n 
1 30  GLY n 
1 31  ILE n 
1 32  TYR n 
1 33  ASP n 
1 34  ARG n 
1 35  TRP n 
1 36  ALA n 
1 37  VAL n 
1 38  LEU n 
1 39  PRO n 
1 40  ARG n 
1 41  HIS n 
1 42  ALA n 
1 43  LYS n 
1 44  PRO n 
1 45  GLY n 
1 46  PRO n 
1 47  THR n 
1 48  ILE n 
1 49  LEU n 
1 50  MET n 
1 51  ASN n 
1 52  ASP n 
1 53  GLN n 
1 54  GLU n 
1 55  VAL n 
1 56  GLY n 
1 57  VAL n 
1 58  LEU n 
1 59  ASP n 
1 60  ALA n 
1 61  LYS n 
1 62  GLU n 
1 63  LEU n 
1 64  VAL n 
1 65  ASP n 
1 66  LYS n 
1 67  ASP n 
1 68  GLY n 
1 69  THR n 
1 70  ASN n 
1 71  LEU n 
1 72  GLU n 
1 73  LEU n 
1 74  THR n 
1 75  LEU n 
1 76  LEU n 
1 77  LYS n 
1 78  LEU n 
1 79  ASN n 
1 80  ARG n 
1 81  ASN n 
1 82  GLU n 
1 83  LYS n 
1 84  PHE n 
1 85  ARG n 
1 86  ASP n 
1 87  ILE n 
1 88  ARG n 
1 89  GLY n 
1 90  PHE n 
1 91  LEU n 
1 92  ALA n 
1 93  LYS n 
1 94  GLU n 
1 95  GLU n 
1 96  VAL n 
1 97  GLU n 
1 98  VAL n 
1 99  ASN n 
1 100 GLU n 
1 101 ALA n 
1 102 VAL n 
1 103 LEU n 
1 104 ALA n 
1 105 ILE n 
1 106 ASN n 
1 107 THR n 
1 108 SER n 
1 109 LYS n 
1 110 PHE n 
1 111 PRO n 
1 112 ASN n 
1 113 MET n 
1 114 TYR n 
1 115 ILE n 
1 116 PRO n 
1 117 VAL n 
1 118 GLY n 
1 119 GLN n 
1 120 VAL n 
1 121 THR n 
1 122 GLU n 
1 123 TYR n 
1 124 GLY n 
1 125 PHE n 
1 126 LEU n 
1 127 ASN n 
1 128 LEU n 
1 129 GLY n 
1 130 GLY n 
1 131 THR n 
1 132 PRO n 
1 133 THR n 
1 134 LYS n 
1 135 ARG n 
1 136 MET n 
1 137 LEU n 
1 138 MET n 
1 139 TYR n 
1 140 ASN n 
1 141 PHE n 
1 142 PRO n 
1 143 THR n 
1 144 ARG n 
1 145 ALA n 
1 146 GLY n 
1 147 GLN n 
1 148 CYS n 
1 149 GLY n 
1 150 GLY n 
1 151 VAL n 
1 152 LEU n 
1 153 MET n 
1 154 SER n 
1 155 THR n 
1 156 GLY n 
1 157 LYS n 
1 158 VAL n 
1 159 LEU n 
1 160 GLY n 
1 161 ILE n 
1 162 HIS n 
1 163 VAL n 
1 164 GLY n 
1 165 GLY n 
1 166 ASN n 
1 167 GLY n 
1 168 HIS n 
1 169 GLN n 
1 170 GLY n 
1 171 PHE n 
1 172 SER n 
1 173 ALA n 
1 174 ALA n 
1 175 LEU n 
1 176 LEU n 
1 177 LYS n 
1 178 HIS n 
1 179 TYR n 
1 180 PHE n 
1 181 ASN n 
1 182 ASP n 
1 183 GLU n 
1 184 GLN n 
# 
_entity_src_gen.entity_id                          1 
_entity_src_gen.pdbx_src_id                        1 
_entity_src_gen.pdbx_alt_source_flag               sample 
_entity_src_gen.pdbx_seq_type                      ? 
_entity_src_gen.pdbx_beg_seq_num                   ? 
_entity_src_gen.pdbx_end_seq_num                   ? 
_entity_src_gen.gene_src_common_name               ? 
_entity_src_gen.gene_src_genus                     ? 
_entity_src_gen.pdbx_gene_src_gene                 ? 
_entity_src_gen.gene_src_species                   ? 
_entity_src_gen.gene_src_strain                    B3 
_entity_src_gen.gene_src_tissue                    ? 
_entity_src_gen.gene_src_tissue_fraction           ? 
_entity_src_gen.gene_src_details                   ? 
_entity_src_gen.pdbx_gene_src_fragment             ? 
_entity_src_gen.pdbx_gene_src_scientific_name      'HUMAN COXSACKIEVIRUS' 
_entity_src_gen.pdbx_gene_src_ncbi_taxonomy_id     12072 
_entity_src_gen.pdbx_gene_src_variant              ? 
_entity_src_gen.pdbx_gene_src_cell_line            ? 
_entity_src_gen.pdbx_gene_src_atcc                 ? 
_entity_src_gen.pdbx_gene_src_organ                ? 
_entity_src_gen.pdbx_gene_src_organelle            ? 
_entity_src_gen.pdbx_gene_src_cell                 ? 
_entity_src_gen.pdbx_gene_src_cellular_location    ? 
_entity_src_gen.host_org_common_name               ? 
_entity_src_gen.pdbx_host_org_scientific_name      'ESCHERICHIA COLI' 
_entity_src_gen.pdbx_host_org_ncbi_taxonomy_id     469008 
_entity_src_gen.host_org_genus                     ? 
_entity_src_gen.pdbx_host_org_gene                 ? 
_entity_src_gen.pdbx_host_org_organ                ? 
_entity_src_gen.host_org_species                   ? 
_entity_src_gen.pdbx_host_org_tissue               ? 
_entity_src_gen.pdbx_host_org_tissue_fraction      ? 
_entity_src_gen.pdbx_host_org_strain               'BL21(DE3)GOLD' 
_entity_src_gen.pdbx_host_org_variant              ? 
_entity_src_gen.pdbx_host_org_cell_line            ? 
_entity_src_gen.pdbx_host_org_atcc                 ? 
_entity_src_gen.pdbx_host_org_culture_collection   ? 
_entity_src_gen.pdbx_host_org_cell                 ? 
_entity_src_gen.pdbx_host_org_organelle            ? 
_entity_src_gen.pdbx_host_org_cellular_location    ? 
_entity_src_gen.pdbx_host_org_vector_type          PLASMID 
_entity_src_gen.pdbx_host_org_vector               PET23A 
_entity_src_gen.host_org_details                   ? 
_entity_src_gen.expression_system_id               ? 
_entity_src_gen.plasmid_name                       PET23A-COX 
_entity_src_gen.plasmid_details                    ? 
_entity_src_gen.pdbx_description                   ? 
# 
loop_
_chem_comp.id 
_chem_comp.type 
_chem_comp.mon_nstd_flag 
_chem_comp.name 
_chem_comp.pdbx_synonyms 
_chem_comp.formula 
_chem_comp.formula_weight 
ALA 'L-peptide linking' y ALANINE                                                                                                ? 
'C3 H7 N O2'     89.093  
ARG 'L-peptide linking' y ARGININE                                                                                               ? 
'C6 H15 N4 O2 1' 175.209 
ASN 'L-peptide linking' y ASPARAGINE                                                                                             ? 
'C4 H8 N2 O3'    132.118 
ASP 'L-peptide linking' y 'ASPARTIC ACID'                                                                                        ? 
'C4 H7 N O4'     133.103 
CYS 'L-peptide linking' y CYSTEINE                                                                                               ? 
'C3 H7 N O2 S'   121.158 
G81 non-polymer         . 'ETHYL (4R)-4-{[N-(TERT-BUTOXYCARBONYL)-L-PHENYLALANYL]AMINO}-5-[(3S)-2-OXOPYRROLIDIN-3-YL]PENTANOATE' ? 
'C25 H37 N3 O6'  475.578 
GLN 'L-peptide linking' y GLUTAMINE                                                                                              ? 
'C5 H10 N2 O3'   146.144 
GLU 'L-peptide linking' y 'GLUTAMIC ACID'                                                                                        ? 
'C5 H9 N O4'     147.129 
GLY 'peptide linking'   y GLYCINE                                                                                                ? 
'C2 H5 N O2'     75.067  
HIS 'L-peptide linking' y HISTIDINE                                                                                              ? 
'C6 H10 N3 O2 1' 156.162 
HOH non-polymer         . WATER                                                                                                  ? 
'H2 O'           18.015  
ILE 'L-peptide linking' y ISOLEUCINE                                                                                             ? 
'C6 H13 N O2'    131.173 
LEU 'L-peptide linking' y LEUCINE                                                                                                ? 
'C6 H13 N O2'    131.173 
LYS 'L-peptide linking' y LYSINE                                                                                                 ? 
'C6 H15 N2 O2 1' 147.195 
MET 'L-peptide linking' y METHIONINE                                                                                             ? 
'C5 H11 N O2 S'  149.211 
PHE 'L-peptide linking' y PHENYLALANINE                                                                                          ? 
'C9 H11 N O2'    165.189 
PRO 'L-peptide linking' y PROLINE                                                                                                ? 
'C5 H9 N O2'     115.130 
SER 'L-peptide linking' y SERINE                                                                                                 ? 
'C3 H7 N O3'     105.093 
THR 'L-peptide linking' y THREONINE                                                                                              ? 
'C4 H9 N O3'     119.119 
TRP 'L-peptide linking' y TRYPTOPHAN                                                                                             ? 
'C11 H12 N2 O2'  204.225 
TYR 'L-peptide linking' y TYROSINE                                                                                               ? 
'C9 H11 N O3'    181.189 
VAL 'L-peptide linking' y VALINE                                                                                                 ? 
'C5 H11 N O2'    117.146 
# 
loop_
_pdbx_poly_seq_scheme.asym_id 
_pdbx_poly_seq_scheme.entity_id 
_pdbx_poly_seq_scheme.seq_id 
_pdbx_poly_seq_scheme.mon_id 
_pdbx_poly_seq_scheme.ndb_seq_num 
_pdbx_poly_seq_scheme.pdb_seq_num 
_pdbx_poly_seq_scheme.auth_seq_num 
_pdbx_poly_seq_scheme.pdb_mon_id 
_pdbx_poly_seq_scheme.auth_mon_id 
_pdbx_poly_seq_scheme.pdb_strand_id 
_pdbx_poly_seq_scheme.pdb_ins_code 
_pdbx_poly_seq_scheme.hetero 
A 1 1   MET 1   0   0   MET MET A . n 
A 1 2   GLY 2   1   1   GLY GLY A . n 
A 1 3   PRO 3   2   2   PRO PRO A . n 
A 1 4   ALA 4   3   3   ALA ALA A . n 
A 1 5   PHE 5   4   4   PHE PHE A . n 
A 1 6   GLU 6   5   5   GLU GLU A . n 
A 1 7   PHE 7   6   6   PHE PHE A . n 
A 1 8   ALA 8   7   7   ALA ALA A . n 
A 1 9   VAL 9   8   8   VAL VAL A . n 
A 1 10  ALA 10  9   9   ALA ALA A . n 
A 1 11  MET 11  10  10  MET MET A . n 
A 1 12  MET 12  11  11  MET MET A . n 
A 1 13  LYS 13  12  12  LYS LYS A . n 
A 1 14  ARG 14  13  13  ARG ARG A . n 
A 1 15  ASN 15  14  14  ASN ASN A . n 
A 1 16  SER 16  15  15  SER SER A . n 
A 1 17  SER 17  16  16  SER SER A . n 
A 1 18  THR 18  17  17  THR THR A . n 
A 1 19  VAL 19  18  18  VAL VAL A . n 
A 1 20  LYS 20  19  19  LYS LYS A . n 
A 1 21  THR 21  20  20  THR THR A . n 
A 1 22  GLU 22  21  21  GLU GLU A . n 
A 1 23  TYR 23  22  22  TYR TYR A . n 
A 1 24  GLY 24  23  23  GLY GLY A . n 
A 1 25  GLU 25  24  24  GLU GLU A . n 
A 1 26  PHE 26  25  25  PHE PHE A . n 
A 1 27  THR 27  26  26  THR THR A . n 
A 1 28  MET 28  27  27  MET MET A . n 
A 1 29  LEU 29  28  28  LEU LEU A . n 
A 1 30  GLY 30  29  29  GLY GLY A . n 
A 1 31  ILE 31  30  30  ILE ILE A . n 
A 1 32  TYR 32  31  31  TYR TYR A . n 
A 1 33  ASP 33  32  32  ASP ASP A . n 
A 1 34  ARG 34  33  33  ARG ARG A . n 
A 1 35  TRP 35  34  34  TRP TRP A . n 
A 1 36  ALA 36  35  35  ALA ALA A . n 
A 1 37  VAL 37  36  36  VAL VAL A . n 
A 1 38  LEU 38  37  37  LEU LEU A . n 
A 1 39  PRO 39  38  38  PRO PRO A . n 
A 1 40  ARG 40  39  39  ARG ARG A . n 
A 1 41  HIS 41  40  40  HIS HIS A . n 
A 1 42  ALA 42  41  41  ALA ALA A . n 
A 1 43  LYS 43  42  42  LYS LYS A . n 
A 1 44  PRO 44  43  43  PRO PRO A . n 
A 1 45  GLY 45  44  44  GLY GLY A . n 
A 1 46  PRO 46  45  45  PRO PRO A . n 
A 1 47  THR 47  46  46  THR THR A . n 
A 1 48  ILE 48  47  47  ILE ILE A . n 
A 1 49  LEU 49  48  48  LEU LEU A . n 
A 1 50  MET 50  49  49  MET MET A . n 
A 1 51  ASN 51  50  50  ASN ASN A . n 
A 1 52  ASP 52  51  51  ASP ASP A . n 
A 1 53  GLN 53  52  52  GLN GLN A . n 
A 1 54  GLU 54  53  53  GLU GLU A . n 
A 1 55  VAL 55  54  54  VAL VAL A . n 
A 1 56  GLY 56  55  55  GLY GLY A . n 
A 1 57  VAL 57  56  56  VAL VAL A . n 
A 1 58  LEU 58  57  57  LEU LEU A . n 
A 1 59  ASP 59  58  58  ASP ASP A . n 
A 1 60  ALA 60  59  59  ALA ALA A . n 
A 1 61  LYS 61  60  60  LYS LYS A . n 
A 1 62  GLU 62  61  61  GLU GLU A . n 
A 1 63  LEU 63  62  62  LEU LEU A . n 
A 1 64  VAL 64  63  63  VAL VAL A . n 
A 1 65  ASP 65  64  64  ASP ASP A . n 
A 1 66  LYS 66  65  65  LYS LYS A . n 
A 1 67  ASP 67  66  66  ASP ASP A . n 
A 1 68  GLY 68  67  67  GLY GLY A . n 
A 1 69  THR 69  68  68  THR THR A . n 
A 1 70  ASN 70  69  69  ASN ASN A . n 
A 1 71  LEU 71  70  70  LEU LEU A . n 
A 1 72  GLU 72  71  71  GLU GLU A . n 
A 1 73  LEU 73  72  72  LEU LEU A . n 
A 1 74  THR 74  73  73  THR THR A . n 
A 1 75  LEU 75  74  74  LEU LEU A . n 
A 1 76  LEU 76  75  75  LEU LEU A . n 
A 1 77  LYS 77  76  76  LYS LYS A . n 
A 1 78  LEU 78  77  77  LEU LEU A . n 
A 1 79  ASN 79  78  78  ASN ASN A . n 
A 1 80  ARG 80  79  79  ARG ARG A . n 
A 1 81  ASN 81  80  80  ASN ASN A . n 
A 1 82  GLU 82  81  81  GLU GLU A . n 
A 1 83  LYS 83  82  82  LYS LYS A . n 
A 1 84  PHE 84  83  83  PHE PHE A . n 
A 1 85  ARG 85  84  84  ARG ARG A . n 
A 1 86  ASP 86  85  85  ASP ASP A . n 
A 1 87  ILE 87  86  86  ILE ILE A . n 
A 1 88  ARG 88  87  87  ARG ARG A . n 
A 1 89  GLY 89  88  88  GLY GLY A . n 
A 1 90  PHE 90  89  89  PHE PHE A . n 
A 1 91  LEU 91  90  90  LEU LEU A . n 
A 1 92  ALA 92  91  91  ALA ALA A . n 
A 1 93  LYS 93  92  92  LYS LYS A . n 
A 1 94  GLU 94  93  93  GLU GLU A . n 
A 1 95  GLU 95  94  94  GLU GLU A . n 
A 1 96  VAL 96  95  95  VAL VAL A . n 
A 1 97  GLU 97  96  96  GLU GLU A . n 
A 1 98  VAL 98  97  97  VAL VAL A . n 
A 1 99  ASN 99  98  98  ASN ASN A . n 
A 1 100 GLU 100 99  99  GLU GLU A . n 
A 1 101 ALA 101 100 100 ALA ALA A . n 
A 1 102 VAL 102 101 101 VAL VAL A . n 
A 1 103 LEU 103 102 102 LEU LEU A . n 
A 1 104 ALA 104 103 103 ALA ALA A . n 
A 1 105 ILE 105 104 104 ILE ILE A . n 
A 1 106 ASN 106 105 105 ASN ASN A . n 
A 1 107 THR 107 106 106 THR THR A . n 
A 1 108 SER 108 107 107 SER SER A . n 
A 1 109 LYS 109 108 108 LYS LYS A . n 
A 1 110 PHE 110 109 109 PHE PHE A . n 
A 1 111 PRO 111 110 110 PRO PRO A . n 
A 1 112 ASN 112 111 111 ASN ASN A . n 
A 1 113 MET 113 112 112 MET MET A . n 
A 1 114 TYR 114 113 113 TYR TYR A . n 
A 1 115 ILE 115 114 114 ILE ILE A . n 
A 1 116 PRO 116 115 115 PRO PRO A . n 
A 1 117 VAL 117 116 116 VAL VAL A . n 
A 1 118 GLY 118 117 117 GLY GLY A . n 
A 1 119 GLN 119 118 118 GLN GLN A . n 
A 1 120 VAL 120 119 119 VAL VAL A . n 
A 1 121 THR 121 120 120 THR THR A . n 
A 1 122 GLU 122 121 121 GLU GLU A . n 
A 1 123 TYR 123 122 122 TYR TYR A . n 
A 1 124 GLY 124 123 123 GLY GLY A . n 
A 1 125 PHE 125 124 124 PHE PHE A . n 
A 1 126 LEU 126 125 125 LEU LEU A . n 
A 1 127 ASN 127 126 126 ASN ASN A . n 
A 1 128 LEU 128 127 127 LEU LEU A . n 
A 1 129 GLY 129 128 128 GLY GLY A . n 
A 1 130 GLY 130 129 129 GLY GLY A . n 
A 1 131 THR 131 130 130 THR THR A . n 
A 1 132 PRO 132 131 131 PRO PRO A . n 
A 1 133 THR 133 132 132 THR THR A . n 
A 1 134 LYS 134 133 133 LYS LYS A . n 
A 1 135 ARG 135 134 134 ARG ARG A . n 
A 1 136 MET 136 135 135 MET MET A . n 
A 1 137 LEU 137 136 136 LEU LEU A . n 
A 1 138 MET 138 137 137 MET MET A . n 
A 1 139 TYR 139 138 138 TYR TYR A . n 
A 1 140 ASN 140 139 139 ASN ASN A . n 
A 1 141 PHE 141 140 140 PHE PHE A . n 
A 1 142 PRO 142 141 141 PRO PRO A . n 
A 1 143 THR 143 142 142 THR THR A . n 
A 1 144 ARG 144 143 143 ARG ARG A . n 
A 1 145 ALA 145 144 144 ALA ALA A . n 
A 1 146 GLY 146 145 145 GLY GLY A . n 
A 1 147 GLN 147 146 146 GLN GLN A . n 
A 1 148 CYS 148 147 147 CYS CYS A . n 
A 1 149 GLY 149 148 148 GLY GLY A . n 
A 1 150 GLY 150 149 149 GLY GLY A . n 
A 1 151 VAL 151 150 150 VAL VAL A . n 
A 1 152 LEU 152 151 151 LEU LEU A . n 
A 1 153 MET 153 152 152 MET MET A . n 
A 1 154 SER 154 153 153 SER SER A . n 
A 1 155 THR 155 154 154 THR THR A . n 
A 1 156 GLY 156 155 155 GLY GLY A . n 
A 1 157 LYS 157 156 156 LYS LYS A . n 
A 1 158 VAL 158 157 157 VAL VAL A . n 
A 1 159 LEU 159 158 158 LEU LEU A . n 
A 1 160 GLY 160 159 159 GLY GLY A . n 
A 1 161 ILE 161 160 160 ILE ILE A . n 
A 1 162 HIS 162 161 161 HIS HIS A . n 
A 1 163 VAL 163 162 162 VAL VAL A . n 
A 1 164 GLY 164 163 163 GLY GLY A . n 
A 1 165 GLY 165 164 164 GLY GLY A . n 
A 1 166 ASN 166 165 165 ASN ASN A . n 
A 1 167 GLY 167 166 166 GLY GLY A . n 
A 1 168 HIS 168 167 167 HIS HIS A . n 
A 1 169 GLN 169 168 168 GLN GLN A . n 
A 1 170 GLY 170 169 169 GLY GLY A . n 
A 1 171 PHE 171 170 170 PHE PHE A . n 
A 1 172 SER 172 171 171 SER SER A . n 
A 1 173 ALA 173 172 172 ALA ALA A . n 
A 1 174 ALA 174 173 173 ALA ALA A . n 
A 1 175 LEU 175 174 174 LEU LEU A . n 
A 1 176 LEU 176 175 175 LEU LEU A . n 
A 1 177 LYS 177 176 176 LYS LYS A . n 
A 1 178 HIS 178 177 177 HIS HIS A . n 
A 1 179 TYR 179 178 178 TYR TYR A . n 
A 1 180 PHE 180 179 179 PHE PHE A . n 
A 1 181 ASN 181 180 180 ASN ASN A . n 
A 1 182 ASP 182 181 ?   ?   ?   A . n 
A 1 183 GLU 183 182 ?   ?   ?   A . n 
A 1 184 GLN 184 183 ?   ?   ?   A . n 
# 
loop_
_pdbx_nonpoly_scheme.asym_id 
_pdbx_nonpoly_scheme.entity_id 
_pdbx_nonpoly_scheme.mon_id 
_pdbx_nonpoly_scheme.ndb_seq_num 
_pdbx_nonpoly_scheme.pdb_seq_num 
_pdbx_nonpoly_scheme.auth_seq_num 
_pdbx_nonpoly_scheme.pdb_mon_id 
_pdbx_nonpoly_scheme.auth_mon_id 
_pdbx_nonpoly_scheme.pdb_strand_id 
_pdbx_nonpoly_scheme.pdb_ins_code 
B 2 G81 1  1181 1181 G81 G81 A . 
C 3 HOH 1  2001 2001 HOH HOH A . 
C 3 HOH 2  2002 2002 HOH HOH A . 
C 3 HOH 3  2003 2003 HOH HOH A . 
C 3 HOH 4  2004 2004 HOH HOH A . 
C 3 HOH 5  2005 2005 HOH HOH A . 
C 3 HOH 6  2006 2006 HOH HOH A . 
C 3 HOH 7  2007 2007 HOH HOH A . 
C 3 HOH 8  2008 2008 HOH HOH A . 
C 3 HOH 9  2009 2009 HOH HOH A . 
C 3 HOH 10 2010 2010 HOH HOH A . 
C 3 HOH 11 2011 2011 HOH HOH A . 
C 3 HOH 12 2012 2012 HOH HOH A . 
C 3 HOH 13 2013 2013 HOH HOH A . 
C 3 HOH 14 2014 2014 HOH HOH A . 
C 3 HOH 15 2015 2015 HOH HOH A . 
C 3 HOH 16 2016 2016 HOH HOH A . 
C 3 HOH 17 2017 2017 HOH HOH A . 
C 3 HOH 18 2018 2018 HOH HOH A . 
C 3 HOH 19 2019 2019 HOH HOH A . 
C 3 HOH 20 2020 2020 HOH HOH A . 
C 3 HOH 21 2021 2021 HOH HOH A . 
C 3 HOH 22 2022 2022 HOH HOH A . 
C 3 HOH 23 2023 2023 HOH HOH A . 
C 3 HOH 24 2024 2024 HOH HOH A . 
C 3 HOH 25 2025 2025 HOH HOH A . 
C 3 HOH 26 2026 2026 HOH HOH A . 
C 3 HOH 27 2027 2027 HOH HOH A . 
C 3 HOH 28 2028 2028 HOH HOH A . 
C 3 HOH 29 2029 2029 HOH HOH A . 
C 3 HOH 30 2030 2030 HOH HOH A . 
C 3 HOH 31 2031 2031 HOH HOH A . 
C 3 HOH 32 2032 2032 HOH HOH A . 
C 3 HOH 33 2033 2033 HOH HOH A . 
C 3 HOH 34 2034 2034 HOH HOH A . 
C 3 HOH 35 2035 2035 HOH HOH A . 
C 3 HOH 36 2036 2036 HOH HOH A . 
C 3 HOH 37 2037 2037 HOH HOH A . 
C 3 HOH 38 2038 2038 HOH HOH A . 
C 3 HOH 39 2039 2039 HOH HOH A . 
C 3 HOH 40 2040 2040 HOH HOH A . 
C 3 HOH 41 2041 2041 HOH HOH A . 
C 3 HOH 42 2042 2042 HOH HOH A . 
C 3 HOH 43 2043 2043 HOH HOH A . 
C 3 HOH 44 2044 2044 HOH HOH A . 
C 3 HOH 45 2045 2045 HOH HOH A . 
C 3 HOH 46 2046 2046 HOH HOH A . 
C 3 HOH 47 2047 2047 HOH HOH A . 
C 3 HOH 48 2048 2048 HOH HOH A . 
C 3 HOH 49 2049 2049 HOH HOH A . 
C 3 HOH 50 2050 2050 HOH HOH A . 
C 3 HOH 51 2051 2051 HOH HOH A . 
# 
loop_
_software.name 
_software.classification 
_software.version 
_software.citation_id 
_software.pdbx_ordinal 
REFMAC  refinement       5.5.0110 ? 1 
iMOSFLM 'data reduction' .        ? 2 
SCALA   'data scaling'   .        ? 3 
MOLREP  phasing          .        ? 4 
# 
_cell.entry_id           3ZZ7 
_cell.length_a           77.210 
_cell.length_b           64.170 
_cell.length_c           39.340 
_cell.angle_alpha        90.00 
_cell.angle_beta         116.33 
_cell.angle_gamma        90.00 
_cell.Z_PDB              4 
_cell.pdbx_unique_axis   ? 
# 
_symmetry.entry_id                         3ZZ7 
_symmetry.space_group_name_H-M             'C 1 2 1' 
_symmetry.pdbx_full_space_group_name_H-M   ? 
_symmetry.cell_setting                     ? 
_symmetry.Int_Tables_number                5 
# 
_exptl.entry_id          3ZZ7 
_exptl.method            'X-RAY DIFFRACTION' 
_exptl.crystals_number   1 
# 
_exptl_crystal.id                    1 
_exptl_crystal.density_meas          ? 
_exptl_crystal.density_Matthews      2.08 
_exptl_crystal.density_percent_sol   40.89 
_exptl_crystal.description           NONE 
# 
_exptl_crystal_grow.crystal_id      1 
_exptl_crystal_grow.method          'VAPOR DIFFUSION, SITTING DROP' 
_exptl_crystal_grow.temp            ? 
_exptl_crystal_grow.temp_details    ? 
_exptl_crystal_grow.pH              8.5 
_exptl_crystal_grow.pdbx_pH_range   ? 
_exptl_crystal_grow.pdbx_details    '100 MM TRIS-HCL PH 8.5, 0.2 M MAGNESIUM CHLORIDE, AND 22% PEG 4000; SITTING DROP' 
# 
_diffrn.id                     1 
_diffrn.ambient_temp           100 
_diffrn.ambient_temp_details   ? 
_diffrn.crystal_id             1 
# 
_diffrn_detector.diffrn_id              1 
_diffrn_detector.detector               CCD 
_diffrn_detector.type                   MARRESEARCH 
_diffrn_detector.pdbx_collection_date   ? 
_diffrn_detector.details                MIRRORS 
# 
_diffrn_radiation.diffrn_id                        1 
_diffrn_radiation.wavelength_id                    1 
_diffrn_radiation.pdbx_monochromatic_or_laue_m_l   M 
_diffrn_radiation.monochromator                    ? 
_diffrn_radiation.pdbx_diffrn_protocol             'SINGLE WAVELENGTH' 
_diffrn_radiation.pdbx_scattering_type             x-ray 
# 
_diffrn_radiation_wavelength.id           1 
_diffrn_radiation_wavelength.wavelength   0.9184 
_diffrn_radiation_wavelength.wt           1.0 
# 
_diffrn_source.diffrn_id                   1 
_diffrn_source.source                      SYNCHROTRON 
_diffrn_source.type                        'BESSY BEAMLINE 14.1' 
_diffrn_source.pdbx_synchrotron_site       BESSY 
_diffrn_source.pdbx_synchrotron_beamline   14.1 
_diffrn_source.pdbx_wavelength             0.9184 
_diffrn_source.pdbx_wavelength_list        ? 
# 
_reflns.pdbx_diffrn_id               1 
_reflns.pdbx_ordinal                 1 
_reflns.entry_id                     3ZZ7 
_reflns.observed_criterion_sigma_I   2.0 
_reflns.observed_criterion_sigma_F   ? 
_reflns.d_resolution_low             35.26 
_reflns.d_resolution_high            1.80 
_reflns.number_obs                   15951 
_reflns.number_all                   ? 
_reflns.percent_possible_obs         99.9 
_reflns.pdbx_Rmerge_I_obs            0.06 
_reflns.pdbx_Rsym_value              ? 
_reflns.pdbx_netI_over_sigmaI        9.60 
_reflns.B_iso_Wilson_estimate        ? 
_reflns.pdbx_redundancy              3.1 
# 
_reflns_shell.pdbx_diffrn_id         1 
_reflns_shell.pdbx_ordinal           1 
_reflns_shell.d_res_high             1.80 
_reflns_shell.d_res_low              1.90 
_reflns_shell.percent_possible_all   99.9 
_reflns_shell.Rmerge_I_obs           0.40 
_reflns_shell.pdbx_Rsym_value        ? 
_reflns_shell.meanI_over_sigI_obs    2.40 
_reflns_shell.pdbx_redundancy        3.0 
# 
_refine.pdbx_refine_id                           'X-RAY DIFFRACTION' 
_refine.entry_id                                 3ZZ7 
_refine.pdbx_diffrn_id                           1 
_refine.pdbx_TLS_residual_ADP_flag               ? 
_refine.ls_number_reflns_obs                     15155 
_refine.ls_number_reflns_all                     ? 
_refine.pdbx_ls_sigma_I                          ? 
_refine.pdbx_ls_sigma_F                          . 
_refine.pdbx_data_cutoff_high_absF               ? 
_refine.pdbx_data_cutoff_low_absF                ? 
_refine.pdbx_data_cutoff_high_rms_absF           ? 
_refine.ls_d_res_low                             47.05 
_refine.ls_d_res_high                            1.80 
_refine.ls_percent_reflns_obs                    99.91 
_refine.ls_R_factor_obs                          0.21807 
_refine.ls_R_factor_all                          ? 
_refine.ls_R_factor_R_work                       0.21587 
_refine.ls_R_factor_R_free                       0.26136 
_refine.ls_R_factor_R_free_error                 ? 
_refine.ls_R_factor_R_free_error_details         ? 
_refine.ls_percent_reflns_R_free                 5.0 
_refine.ls_number_reflns_R_free                  796 
_refine.ls_number_parameters                     ? 
_refine.ls_number_restraints                     ? 
_refine.occupancy_min                            ? 
_refine.occupancy_max                            ? 
_refine.correlation_coeff_Fo_to_Fc               0.951 
_refine.correlation_coeff_Fo_to_Fc_free          0.931 
_refine.B_iso_mean                               31.990 
_refine.aniso_B[1][1]                            -0.11 
_refine.aniso_B[2][2]                            -0.31 
_refine.aniso_B[3][3]                            2.23 
_refine.aniso_B[1][2]                            0.00 
_refine.aniso_B[1][3]                            2.04 
_refine.aniso_B[2][3]                            0.00 
_refine.solvent_model_details                    MASK 
_refine.solvent_model_param_ksol                 ? 
_refine.solvent_model_param_bsol                 ? 
_refine.pdbx_solvent_vdw_probe_radii             1.40 
_refine.pdbx_solvent_ion_probe_radii             0.80 
_refine.pdbx_solvent_shrinkage_radii             0.80 
_refine.pdbx_ls_cross_valid_method               THROUGHOUT 
_refine.details                                  'HYDROGENS HAVE BEEN ADDED IN THE RIDING POSITIONS.' 
_refine.pdbx_starting_model                      'CRYSTAL STRUCTURE OF COXSACKIEVIURS B3 3C PROTEASE' 
_refine.pdbx_method_to_determine_struct          'MOLECULAR REPLACEMENT' 
_refine.pdbx_isotropic_thermal_model             ? 
_refine.pdbx_stereochemistry_target_values       'MAXIMUM LIKELIHOOD' 
_refine.pdbx_stereochem_target_val_spec_case     ? 
_refine.pdbx_R_Free_selection_details            RANDOM 
_refine.pdbx_overall_ESU_R                       0.159 
_refine.pdbx_overall_ESU_R_Free                  0.150 
_refine.overall_SU_ML                            0.125 
_refine.pdbx_overall_phase_error                 ? 
_refine.overall_SU_B                             4.107 
_refine.overall_SU_R_Cruickshank_DPI             ? 
_refine.pdbx_overall_SU_R_free_Cruickshank_DPI   ? 
_refine.pdbx_overall_SU_R_Blow_DPI               ? 
_refine.pdbx_overall_SU_R_free_Blow_DPI          ? 
# 
_refine_hist.pdbx_refine_id                   'X-RAY DIFFRACTION' 
_refine_hist.cycle_id                         LAST 
_refine_hist.pdbx_number_atoms_protein        1406 
_refine_hist.pdbx_number_atoms_nucleic_acid   0 
_refine_hist.pdbx_number_atoms_ligand         34 
_refine_hist.number_atoms_solvent             51 
_refine_hist.number_atoms_total               1491 
_refine_hist.d_res_high                       1.80 
_refine_hist.d_res_low                        47.05 
# 
loop_
_refine_ls_restr.type 
_refine_ls_restr.dev_ideal 
_refine_ls_restr.dev_ideal_target 
_refine_ls_restr.weight 
_refine_ls_restr.number 
_refine_ls_restr.pdbx_refine_id 
_refine_ls_restr.pdbx_restraint_function 
r_bond_refined_d             0.020  0.022  ? 1471 'X-RAY DIFFRACTION' ? 
r_bond_other_d               ?      ?      ? ?    'X-RAY DIFFRACTION' ? 
r_angle_refined_deg          1.936  1.992  ? 1982 'X-RAY DIFFRACTION' ? 
r_angle_other_deg            ?      ?      ? ?    'X-RAY DIFFRACTION' ? 
r_dihedral_angle_1_deg       7.120  5.000  ? 180  'X-RAY DIFFRACTION' ? 
r_dihedral_angle_2_deg       29.783 24.127 ? 63   'X-RAY DIFFRACTION' ? 
r_dihedral_angle_3_deg       17.307 15.000 ? 252  'X-RAY DIFFRACTION' ? 
r_dihedral_angle_4_deg       19.055 15.000 ? 8    'X-RAY DIFFRACTION' ? 
r_chiral_restr               0.129  0.200  ? 216  'X-RAY DIFFRACTION' ? 
r_gen_planes_refined         0.009  0.021  ? 1105 'X-RAY DIFFRACTION' ? 
r_gen_planes_other           ?      ?      ? ?    'X-RAY DIFFRACTION' ? 
r_nbd_refined                ?      ?      ? ?    'X-RAY DIFFRACTION' ? 
r_nbd_other                  ?      ?      ? ?    'X-RAY DIFFRACTION' ? 
r_nbtor_refined              ?      ?      ? ?    'X-RAY DIFFRACTION' ? 
r_nbtor_other                ?      ?      ? ?    'X-RAY DIFFRACTION' ? 
r_xyhbond_nbd_refined        ?      ?      ? ?    'X-RAY DIFFRACTION' ? 
r_xyhbond_nbd_other          ?      ?      ? ?    'X-RAY DIFFRACTION' ? 
r_metal_ion_refined          ?      ?      ? ?    'X-RAY DIFFRACTION' ? 
r_metal_ion_other            ?      ?      ? ?    'X-RAY DIFFRACTION' ? 
r_symmetry_vdw_refined       ?      ?      ? ?    'X-RAY DIFFRACTION' ? 
r_symmetry_vdw_other         ?      ?      ? ?    'X-RAY DIFFRACTION' ? 
r_symmetry_hbond_refined     ?      ?      ? ?    'X-RAY DIFFRACTION' ? 
r_symmetry_hbond_other       ?      ?      ? ?    'X-RAY DIFFRACTION' ? 
r_symmetry_metal_ion_refined ?      ?      ? ?    'X-RAY DIFFRACTION' ? 
r_symmetry_metal_ion_other   ?      ?      ? ?    'X-RAY DIFFRACTION' ? 
r_mcbond_it                  1.232  1.500  ? 892  'X-RAY DIFFRACTION' ? 
r_mcbond_other               ?      ?      ? ?    'X-RAY DIFFRACTION' ? 
r_mcangle_it                 2.057  2.000  ? 1429 'X-RAY DIFFRACTION' ? 
r_mcangle_other              ?      ?      ? ?    'X-RAY DIFFRACTION' ? 
r_scbond_it                  2.963  3.000  ? 579  'X-RAY DIFFRACTION' ? 
r_scbond_other               ?      ?      ? ?    'X-RAY DIFFRACTION' ? 
r_scangle_it                 4.473  4.500  ? 553  'X-RAY DIFFRACTION' ? 
r_scangle_other              ?      ?      ? ?    'X-RAY DIFFRACTION' ? 
r_long_range_B_refined       ?      ?      ? ?    'X-RAY DIFFRACTION' ? 
r_long_range_B_other         ?      ?      ? ?    'X-RAY DIFFRACTION' ? 
r_rigid_bond_restr           ?      ?      ? ?    'X-RAY DIFFRACTION' ? 
r_sphericity_free            ?      ?      ? ?    'X-RAY DIFFRACTION' ? 
r_sphericity_bonded          ?      ?      ? ?    'X-RAY DIFFRACTION' ? 
# 
_refine_ls_shell.pdbx_refine_id                   'X-RAY DIFFRACTION' 
_refine_ls_shell.pdbx_total_number_of_bins_used   20 
_refine_ls_shell.d_res_high                       1.802 
_refine_ls_shell.d_res_low                        1.849 
_refine_ls_shell.number_reflns_R_work             1115 
_refine_ls_shell.R_factor_R_work                  0.300 
_refine_ls_shell.percent_reflns_obs               99.83 
_refine_ls_shell.R_factor_R_free                  0.391 
_refine_ls_shell.R_factor_R_free_error            ? 
_refine_ls_shell.percent_reflns_R_free            ? 
_refine_ls_shell.number_reflns_R_free             55 
_refine_ls_shell.number_reflns_all                ? 
_refine_ls_shell.R_factor_all                     ? 
# 
_struct.entry_id                  3ZZ7 
_struct.title                     
'Crystal structure of 3C protease of coxsackievirus B3 complexed with alpha, beta-unsaturated ethyl ester inhibitor 81' 
_struct.pdbx_model_details        ? 
_struct.pdbx_CASP_flag            ? 
_struct.pdbx_model_type_details   ? 
# 
_struct_keywords.entry_id        3ZZ7 
_struct_keywords.pdbx_keywords   HYDROLASE 
_struct_keywords.text            'HYDROLASE, PICORNAVIRIDAE, BETA-UNSATURATED ETHYL ESTER INHIBITOR' 
# 
loop_
_struct_asym.id 
_struct_asym.pdbx_blank_PDB_chainid_flag 
_struct_asym.pdbx_modified 
_struct_asym.entity_id 
_struct_asym.details 
A N N 1 ? 
B N N 2 ? 
C N N 3 ? 
# 
_struct_ref.id                         1 
_struct_ref.db_name                    UNP 
_struct_ref.db_code                    Q90092_9ENTO 
_struct_ref.entity_id                  1 
_struct_ref.pdbx_seq_one_letter_code   ? 
_struct_ref.pdbx_align_begin           ? 
_struct_ref.pdbx_db_accession          Q90092 
_struct_ref.pdbx_db_isoform            ? 
# 
_struct_ref_seq.align_id                      1 
_struct_ref_seq.ref_id                        1 
_struct_ref_seq.pdbx_PDB_id_code              3ZZ7 
_struct_ref_seq.pdbx_strand_id                A 
_struct_ref_seq.seq_align_beg                 2 
_struct_ref_seq.pdbx_seq_align_beg_ins_code   ? 
_struct_ref_seq.seq_align_end                 184 
_struct_ref_seq.pdbx_seq_align_end_ins_code   ? 
_struct_ref_seq.pdbx_db_accession             Q90092 
_struct_ref_seq.db_align_beg                  14 
_struct_ref_seq.pdbx_db_align_beg_ins_code    ? 
_struct_ref_seq.db_align_end                  196 
_struct_ref_seq.pdbx_db_align_end_ins_code    ? 
_struct_ref_seq.pdbx_auth_seq_align_beg       1 
_struct_ref_seq.pdbx_auth_seq_align_end       183 
# 
_struct_ref_seq_dif.align_id                     1 
_struct_ref_seq_dif.pdbx_pdb_id_code             3ZZ7 
_struct_ref_seq_dif.mon_id                       MET 
_struct_ref_seq_dif.pdbx_pdb_strand_id           A 
_struct_ref_seq_dif.seq_num                      1 
_struct_ref_seq_dif.pdbx_pdb_ins_code            ? 
_struct_ref_seq_dif.pdbx_seq_db_name             UNP 
_struct_ref_seq_dif.pdbx_seq_db_accession_code   Q90092 
_struct_ref_seq_dif.db_mon_id                    ? 
_struct_ref_seq_dif.pdbx_seq_db_seq_num          ? 
_struct_ref_seq_dif.details                      'expression tag' 
_struct_ref_seq_dif.pdbx_auth_seq_num            0 
_struct_ref_seq_dif.pdbx_ordinal                 1 
# 
_pdbx_struct_assembly.id                   1 
_pdbx_struct_assembly.details              author_and_software_defined_assembly 
_pdbx_struct_assembly.method_details       PISA 
_pdbx_struct_assembly.oligomeric_details   dimeric 
_pdbx_struct_assembly.oligomeric_count     2 
# 
loop_
_pdbx_struct_assembly_prop.biol_id 
_pdbx_struct_assembly_prop.type 
_pdbx_struct_assembly_prop.value 
_pdbx_struct_assembly_prop.details 
1 'ABSA (A^2)' 1720  ? 
1 MORE         -16.3 ? 
1 'SSA (A^2)'  15160 ? 
# 
_pdbx_struct_assembly_gen.assembly_id       1 
_pdbx_struct_assembly_gen.oper_expression   1,2 
_pdbx_struct_assembly_gen.asym_id_list      A,B,C 
# 
loop_
_pdbx_struct_oper_list.id 
_pdbx_struct_oper_list.type 
_pdbx_struct_oper_list.name 
_pdbx_struct_oper_list.symmetry_operation 
_pdbx_struct_oper_list.matrix[1][1] 
_pdbx_struct_oper_list.matrix[1][2] 
_pdbx_struct_oper_list.matrix[1][3] 
_pdbx_struct_oper_list.vector[1] 
_pdbx_struct_oper_list.matrix[2][1] 
_pdbx_struct_oper_list.matrix[2][2] 
_pdbx_struct_oper_list.matrix[2][3] 
_pdbx_struct_oper_list.vector[2] 
_pdbx_struct_oper_list.matrix[3][1] 
_pdbx_struct_oper_list.matrix[3][2] 
_pdbx_struct_oper_list.matrix[3][3] 
_pdbx_struct_oper_list.vector[3] 
1 'identity operation'         1_555 x,y,z       1.0000000000  0.0000000000 0.0000000000  0.0000000000  0.0000000000 1.0000000000 0.0000000000  0.0000000000  0.0000000000  0.0000000000  1.0000000000  0.0000000000   
2 'crystal symmetry operation' 2_656 -x+1,y,-z+1 -0.9864332834 0.1617306374 -0.0281527658 -9.0770707349 0.1617306374 0.9280124989 -0.3356128764 -4.4943336875 -0.0281527658 -0.3356128764 -0.9415792154 -30.1930368917 
# 
_struct_biol.id   1 
# 
loop_
_struct_conf.conf_type_id 
_struct_conf.id 
_struct_conf.pdbx_PDB_helix_id 
_struct_conf.beg_label_comp_id 
_struct_conf.beg_label_asym_id 
_struct_conf.beg_label_seq_id 
_struct_conf.pdbx_beg_PDB_ins_code 
_struct_conf.end_label_comp_id 
_struct_conf.end_label_asym_id 
_struct_conf.end_label_seq_id 
_struct_conf.pdbx_end_PDB_ins_code 
_struct_conf.beg_auth_comp_id 
_struct_conf.beg_auth_asym_id 
_struct_conf.beg_auth_seq_id 
_struct_conf.end_auth_comp_id 
_struct_conf.end_auth_asym_id 
_struct_conf.end_auth_seq_id 
_struct_conf.pdbx_PDB_helix_class 
_struct_conf.details 
_struct_conf.pdbx_PDB_helix_length 
HELX_P HELX_P1 1 PRO A 3   ? ASN A 15  ? PRO A 2   ASN A 14  1 ? 13 
HELX_P HELX_P2 2 HIS A 41  ? LYS A 43  ? HIS A 40  LYS A 42  5 ? 3  
HELX_P HELX_P3 3 ILE A 87  ? PHE A 90  ? ILE A 86  PHE A 89  5 ? 4  
HELX_P HELX_P4 4 LEU A 176 ? PHE A 180 ? LEU A 175 PHE A 179 5 ? 5  
# 
_struct_conf_type.id          HELX_P 
_struct_conf_type.criteria    ? 
_struct_conf_type.reference   ? 
# 
_struct_conn.id                            covale1 
_struct_conn.conn_type_id                  covale 
_struct_conn.pdbx_leaving_atom_flag        none 
_struct_conn.pdbx_PDB_id                   ? 
_struct_conn.ptnr1_label_asym_id           A 
_struct_conn.ptnr1_label_comp_id           CYS 
_struct_conn.ptnr1_label_seq_id            148 
_struct_conn.ptnr1_label_atom_id           SG 
_struct_conn.pdbx_ptnr1_label_alt_id       ? 
_struct_conn.pdbx_ptnr1_PDB_ins_code       ? 
_struct_conn.pdbx_ptnr1_standard_comp_id   ? 
_struct_conn.ptnr1_symmetry                1_555 
_struct_conn.ptnr2_label_asym_id           B 
_struct_conn.ptnr2_label_comp_id           G81 
_struct_conn.ptnr2_label_seq_id            . 
_struct_conn.ptnr2_label_atom_id           C63 
_struct_conn.pdbx_ptnr2_label_alt_id       ? 
_struct_conn.pdbx_ptnr2_PDB_ins_code       ? 
_struct_conn.ptnr1_auth_asym_id            A 
_struct_conn.ptnr1_auth_comp_id            CYS 
_struct_conn.ptnr1_auth_seq_id             147 
_struct_conn.ptnr2_auth_asym_id            A 
_struct_conn.ptnr2_auth_comp_id            G81 
_struct_conn.ptnr2_auth_seq_id             1181 
_struct_conn.ptnr2_symmetry                1_555 
_struct_conn.pdbx_ptnr3_label_atom_id      ? 
_struct_conn.pdbx_ptnr3_label_seq_id       ? 
_struct_conn.pdbx_ptnr3_label_comp_id      ? 
_struct_conn.pdbx_ptnr3_label_asym_id      ? 
_struct_conn.pdbx_ptnr3_label_alt_id       ? 
_struct_conn.pdbx_ptnr3_PDB_ins_code       ? 
_struct_conn.details                       ? 
_struct_conn.pdbx_dist_value               1.821 
_struct_conn.pdbx_value_order              ? 
_struct_conn.pdbx_role                     ? 
# 
_struct_conn_type.id          covale 
_struct_conn_type.criteria    ? 
_struct_conn_type.reference   ? 
# 
_pdbx_modification_feature.ordinal                            1 
_pdbx_modification_feature.label_comp_id                      G81 
_pdbx_modification_feature.label_asym_id                      B 
_pdbx_modification_feature.label_seq_id                       . 
_pdbx_modification_feature.label_alt_id                       ? 
_pdbx_modification_feature.modified_residue_label_comp_id     CYS 
_pdbx_modification_feature.modified_residue_label_asym_id     A 
_pdbx_modification_feature.modified_residue_label_seq_id      148 
_pdbx_modification_feature.modified_residue_label_alt_id      ? 
_pdbx_modification_feature.auth_comp_id                       G81 
_pdbx_modification_feature.auth_asym_id                       A 
_pdbx_modification_feature.auth_seq_id                        1181 
_pdbx_modification_feature.PDB_ins_code                       ? 
_pdbx_modification_feature.symmetry                           1_555 
_pdbx_modification_feature.modified_residue_auth_comp_id      CYS 
_pdbx_modification_feature.modified_residue_auth_asym_id      A 
_pdbx_modification_feature.modified_residue_auth_seq_id       147 
_pdbx_modification_feature.modified_residue_PDB_ins_code      ? 
_pdbx_modification_feature.modified_residue_symmetry          1_555 
_pdbx_modification_feature.comp_id_linking_atom               C63 
_pdbx_modification_feature.modified_residue_id_linking_atom   SG 
_pdbx_modification_feature.modified_residue_id                CYS 
_pdbx_modification_feature.ref_pcm_id                         1 
_pdbx_modification_feature.ref_comp_id                        G81 
_pdbx_modification_feature.type                               None 
_pdbx_modification_feature.category                           'Covalent chemical modification' 
# 
loop_
_struct_sheet.id 
_struct_sheet.type 
_struct_sheet.number_strands 
_struct_sheet.details 
AA ? 7 ? 
AB ? 7 ? 
# 
loop_
_struct_sheet_order.sheet_id 
_struct_sheet_order.range_id_1 
_struct_sheet_order.range_id_2 
_struct_sheet_order.offset 
_struct_sheet_order.sense 
AA 1 2 ? anti-parallel 
AA 2 3 ? anti-parallel 
AA 3 4 ? anti-parallel 
AA 4 5 ? anti-parallel 
AA 5 6 ? anti-parallel 
AA 6 7 ? anti-parallel 
AB 1 2 ? anti-parallel 
AB 2 3 ? anti-parallel 
AB 3 4 ? anti-parallel 
AB 4 5 ? anti-parallel 
AB 5 6 ? anti-parallel 
AB 6 7 ? anti-parallel 
# 
loop_
_struct_sheet_range.sheet_id 
_struct_sheet_range.id 
_struct_sheet_range.beg_label_comp_id 
_struct_sheet_range.beg_label_asym_id 
_struct_sheet_range.beg_label_seq_id 
_struct_sheet_range.pdbx_beg_PDB_ins_code 
_struct_sheet_range.end_label_comp_id 
_struct_sheet_range.end_label_asym_id 
_struct_sheet_range.end_label_seq_id 
_struct_sheet_range.pdbx_end_PDB_ins_code 
_struct_sheet_range.beg_auth_comp_id 
_struct_sheet_range.beg_auth_asym_id 
_struct_sheet_range.beg_auth_seq_id 
_struct_sheet_range.end_auth_comp_id 
_struct_sheet_range.end_auth_asym_id 
_struct_sheet_range.end_auth_seq_id 
AA 1 SER A 16  ? THR A 21  ? SER A 15  THR A 20  
AA 2 GLY A 24  ? TYR A 32  ? GLY A 23  TYR A 31  
AA 3 TRP A 35  ? PRO A 39  ? TRP A 34  PRO A 38  
AA 4 ASN A 70  ? LEU A 78  ? ASN A 69  LEU A 77  
AA 5 GLN A 53  ? VAL A 64  ? GLN A 52  VAL A 63  
AA 6 THR A 47  ? MET A 50  ? THR A 46  MET A 49  
AA 7 SER A 16  ? THR A 21  ? SER A 15  THR A 20  
AB 1 VAL A 98  ? ILE A 105 ? VAL A 97  ILE A 104 
AB 2 MET A 113 ? LEU A 128 ? MET A 112 LEU A 127 
AB 3 THR A 131 ? ASN A 140 ? THR A 130 ASN A 139 
AB 4 GLN A 169 ? ALA A 174 ? GLN A 168 ALA A 173 
AB 5 LYS A 157 ? ASN A 166 ? LYS A 156 ASN A 165 
AB 6 VAL A 151 ? SER A 154 ? VAL A 150 SER A 153 
AB 7 VAL A 98  ? ILE A 105 ? VAL A 97  ILE A 104 
# 
loop_
_pdbx_struct_sheet_hbond.sheet_id 
_pdbx_struct_sheet_hbond.range_id_1 
_pdbx_struct_sheet_hbond.range_id_2 
_pdbx_struct_sheet_hbond.range_1_label_atom_id 
_pdbx_struct_sheet_hbond.range_1_label_comp_id 
_pdbx_struct_sheet_hbond.range_1_label_asym_id 
_pdbx_struct_sheet_hbond.range_1_label_seq_id 
_pdbx_struct_sheet_hbond.range_1_PDB_ins_code 
_pdbx_struct_sheet_hbond.range_1_auth_atom_id 
_pdbx_struct_sheet_hbond.range_1_auth_comp_id 
_pdbx_struct_sheet_hbond.range_1_auth_asym_id 
_pdbx_struct_sheet_hbond.range_1_auth_seq_id 
_pdbx_struct_sheet_hbond.range_2_label_atom_id 
_pdbx_struct_sheet_hbond.range_2_label_comp_id 
_pdbx_struct_sheet_hbond.range_2_label_asym_id 
_pdbx_struct_sheet_hbond.range_2_label_seq_id 
_pdbx_struct_sheet_hbond.range_2_PDB_ins_code 
_pdbx_struct_sheet_hbond.range_2_auth_atom_id 
_pdbx_struct_sheet_hbond.range_2_auth_comp_id 
_pdbx_struct_sheet_hbond.range_2_auth_asym_id 
_pdbx_struct_sheet_hbond.range_2_auth_seq_id 
AA 1 2 N THR A 21  ? N THR A 20  O GLY A 24  ? O GLY A 23  
AA 2 3 N ILE A 31  ? N ILE A 30  O TRP A 35  ? O TRP A 34  
AA 3 4 N LEU A 38  ? N LEU A 37  O THR A 74  ? O THR A 73  
AA 4 5 O LYS A 77  ? O LYS A 76  N LEU A 58  ? N LEU A 57  
AA 5 6 N VAL A 55  ? N VAL A 54  O ILE A 48  ? O ILE A 47  
AA 6 7 N LEU A 49  ? N LEU A 48  O LYS A 20  ? O LYS A 19  
AB 1 2 N ILE A 105 ? N ILE A 104 O MET A 113 ? O MET A 112 
AB 2 3 N LEU A 128 ? N LEU A 127 O THR A 131 ? O THR A 130 
AB 3 4 N TYR A 139 ? N TYR A 138 O GLY A 170 ? O GLY A 169 
AB 4 5 N ALA A 173 ? N ALA A 172 O ILE A 161 ? O ILE A 160 
AB 5 6 N LEU A 159 ? N LEU A 158 O LEU A 152 ? O LEU A 151 
AB 6 7 N MET A 153 ? N MET A 152 O VAL A 102 ? O VAL A 101 
# 
_struct_site.id                   AC1 
_struct_site.pdbx_evidence_code   Software 
_struct_site.pdbx_auth_asym_id    A 
_struct_site.pdbx_auth_comp_id    G81 
_struct_site.pdbx_auth_seq_id     1181 
_struct_site.pdbx_auth_ins_code   ? 
_struct_site.pdbx_num_residues    14 
_struct_site.details              'BINDING SITE FOR RESIDUE G81 A 1181' 
# 
loop_
_struct_site_gen.id 
_struct_site_gen.site_id 
_struct_site_gen.pdbx_num_res 
_struct_site_gen.label_comp_id 
_struct_site_gen.label_asym_id 
_struct_site_gen.label_seq_id 
_struct_site_gen.pdbx_auth_ins_code 
_struct_site_gen.auth_comp_id 
_struct_site_gen.auth_asym_id 
_struct_site_gen.auth_seq_id 
_struct_site_gen.label_atom_id 
_struct_site_gen.label_alt_id 
_struct_site_gen.symmetry 
_struct_site_gen.details 
1  AC1 14 GLU A 25  ? GLU A 24  . ? 1_555 ? 
2  AC1 14 HIS A 41  ? HIS A 40  . ? 1_555 ? 
3  AC1 14 GLU A 72  ? GLU A 71  . ? 1_555 ? 
4  AC1 14 LEU A 128 ? LEU A 127 . ? 1_555 ? 
5  AC1 14 THR A 143 ? THR A 142 . ? 1_555 ? 
6  AC1 14 ARG A 144 ? ARG A 143 . ? 1_555 ? 
7  AC1 14 ALA A 145 ? ALA A 144 . ? 1_555 ? 
8  AC1 14 GLY A 146 ? GLY A 145 . ? 1_555 ? 
9  AC1 14 CYS A 148 ? CYS A 147 . ? 1_555 ? 
10 AC1 14 HIS A 162 ? HIS A 161 . ? 1_555 ? 
11 AC1 14 VAL A 163 ? VAL A 162 . ? 1_555 ? 
12 AC1 14 GLY A 164 ? GLY A 163 . ? 1_555 ? 
13 AC1 14 GLY A 165 ? GLY A 164 . ? 1_555 ? 
14 AC1 14 ASN A 166 ? ASN A 165 . ? 1_555 ? 
# 
_pdbx_entry_details.entry_id                   3ZZ7 
_pdbx_entry_details.compound_details           ? 
_pdbx_entry_details.source_details             ? 
_pdbx_entry_details.nonpolymer_details         ? 
_pdbx_entry_details.sequence_details           ? 
_pdbx_entry_details.has_ligand_of_interest     ? 
_pdbx_entry_details.has_protein_modification   Y 
# 
_pdbx_validate_rmsd_angle.id                         1 
_pdbx_validate_rmsd_angle.PDB_model_num              1 
_pdbx_validate_rmsd_angle.auth_atom_id_1             CA 
_pdbx_validate_rmsd_angle.auth_asym_id_1             A 
_pdbx_validate_rmsd_angle.auth_comp_id_1             LEU 
_pdbx_validate_rmsd_angle.auth_seq_id_1              158 
_pdbx_validate_rmsd_angle.PDB_ins_code_1             ? 
_pdbx_validate_rmsd_angle.label_alt_id_1             ? 
_pdbx_validate_rmsd_angle.auth_atom_id_2             CB 
_pdbx_validate_rmsd_angle.auth_asym_id_2             A 
_pdbx_validate_rmsd_angle.auth_comp_id_2             LEU 
_pdbx_validate_rmsd_angle.auth_seq_id_2              158 
_pdbx_validate_rmsd_angle.PDB_ins_code_2             ? 
_pdbx_validate_rmsd_angle.label_alt_id_2             ? 
_pdbx_validate_rmsd_angle.auth_atom_id_3             CG 
_pdbx_validate_rmsd_angle.auth_asym_id_3             A 
_pdbx_validate_rmsd_angle.auth_comp_id_3             LEU 
_pdbx_validate_rmsd_angle.auth_seq_id_3              158 
_pdbx_validate_rmsd_angle.PDB_ins_code_3             ? 
_pdbx_validate_rmsd_angle.label_alt_id_3             ? 
_pdbx_validate_rmsd_angle.angle_value                131.40 
_pdbx_validate_rmsd_angle.angle_target_value         115.30 
_pdbx_validate_rmsd_angle.angle_deviation            16.10 
_pdbx_validate_rmsd_angle.angle_standard_deviation   2.30 
_pdbx_validate_rmsd_angle.linker_flag                N 
# 
loop_
_pdbx_validate_torsion.id 
_pdbx_validate_torsion.PDB_model_num 
_pdbx_validate_torsion.auth_comp_id 
_pdbx_validate_torsion.auth_asym_id 
_pdbx_validate_torsion.auth_seq_id 
_pdbx_validate_torsion.PDB_ins_code 
_pdbx_validate_torsion.label_alt_id 
_pdbx_validate_torsion.phi 
_pdbx_validate_torsion.psi 
1 1 ASP A 32  ? ? 54.64   -123.94 
2 1 LYS A 42  ? ? 39.33   62.78   
3 1 ASN A 50  ? ? 37.61   54.58   
4 1 GLU A 71  ? ? 73.27   30.62   
5 1 PHE A 140 ? ? -175.79 147.76  
# 
_pdbx_validate_chiral.id              1 
_pdbx_validate_chiral.PDB_model_num   1 
_pdbx_validate_chiral.auth_atom_id    C61 
_pdbx_validate_chiral.label_alt_id    ? 
_pdbx_validate_chiral.auth_asym_id    A 
_pdbx_validate_chiral.auth_comp_id    G81 
_pdbx_validate_chiral.auth_seq_id     1181 
_pdbx_validate_chiral.PDB_ins_code    ? 
_pdbx_validate_chiral.details         'WRONG HAND' 
_pdbx_validate_chiral.omega           . 
# 
_pdbx_database_remark.id     700 
_pdbx_database_remark.text   
;
SHEET
DETERMINATION METHOD: DSSP
THE SHEETS PRESENTED AS "AA" IN EACH CHAIN ON SHEET RECORDS
BELOW IS ACTUALLY AN  6-STRANDED BARREL THIS IS REPRESENTED BY
A  7-STRANDED SHEET IN WHICH THE FIRST AND LAST STRANDS
ARE IDENTICAL.

THE SHEETS PRESENTED AS "AB" IN EACH CHAIN ON SHEET RECORDS
BELOW IS ACTUALLY AN  6-STRANDED BARREL THIS IS REPRESENTED BY
A  7-STRANDED SHEET IN WHICH THE FIRST AND LAST STRANDS
ARE IDENTICAL.
;
# 
loop_
_pdbx_unobs_or_zero_occ_residues.id 
_pdbx_unobs_or_zero_occ_residues.PDB_model_num 
_pdbx_unobs_or_zero_occ_residues.polymer_flag 
_pdbx_unobs_or_zero_occ_residues.occupancy_flag 
_pdbx_unobs_or_zero_occ_residues.auth_asym_id 
_pdbx_unobs_or_zero_occ_residues.auth_comp_id 
_pdbx_unobs_or_zero_occ_residues.auth_seq_id 
_pdbx_unobs_or_zero_occ_residues.PDB_ins_code 
_pdbx_unobs_or_zero_occ_residues.label_asym_id 
_pdbx_unobs_or_zero_occ_residues.label_comp_id 
_pdbx_unobs_or_zero_occ_residues.label_seq_id 
1 1 Y 1 A ASP 181 ? A ASP 182 
2 1 Y 1 A GLU 182 ? A GLU 183 
3 1 Y 1 A GLN 183 ? A GLN 184 
# 
loop_
_chem_comp_atom.comp_id 
_chem_comp_atom.atom_id 
_chem_comp_atom.type_symbol 
_chem_comp_atom.pdbx_aromatic_flag 
_chem_comp_atom.pdbx_stereo_config 
_chem_comp_atom.pdbx_ordinal 
ALA N    N N N 1   
ALA CA   C N S 2   
ALA C    C N N 3   
ALA O    O N N 4   
ALA CB   C N N 5   
ALA OXT  O N N 6   
ALA H    H N N 7   
ALA H2   H N N 8   
ALA HA   H N N 9   
ALA HB1  H N N 10  
ALA HB2  H N N 11  
ALA HB3  H N N 12  
ALA HXT  H N N 13  
ARG N    N N N 14  
ARG CA   C N S 15  
ARG C    C N N 16  
ARG O    O N N 17  
ARG CB   C N N 18  
ARG CG   C N N 19  
ARG CD   C N N 20  
ARG NE   N N N 21  
ARG CZ   C N N 22  
ARG NH1  N N N 23  
ARG NH2  N N N 24  
ARG OXT  O N N 25  
ARG H    H N N 26  
ARG H2   H N N 27  
ARG HA   H N N 28  
ARG HB2  H N N 29  
ARG HB3  H N N 30  
ARG HG2  H N N 31  
ARG HG3  H N N 32  
ARG HD2  H N N 33  
ARG HD3  H N N 34  
ARG HE   H N N 35  
ARG HH11 H N N 36  
ARG HH12 H N N 37  
ARG HH21 H N N 38  
ARG HH22 H N N 39  
ARG HXT  H N N 40  
ASN N    N N N 41  
ASN CA   C N S 42  
ASN C    C N N 43  
ASN O    O N N 44  
ASN CB   C N N 45  
ASN CG   C N N 46  
ASN OD1  O N N 47  
ASN ND2  N N N 48  
ASN OXT  O N N 49  
ASN H    H N N 50  
ASN H2   H N N 51  
ASN HA   H N N 52  
ASN HB2  H N N 53  
ASN HB3  H N N 54  
ASN HD21 H N N 55  
ASN HD22 H N N 56  
ASN HXT  H N N 57  
ASP N    N N N 58  
ASP CA   C N S 59  
ASP C    C N N 60  
ASP O    O N N 61  
ASP CB   C N N 62  
ASP CG   C N N 63  
ASP OD1  O N N 64  
ASP OD2  O N N 65  
ASP OXT  O N N 66  
ASP H    H N N 67  
ASP H2   H N N 68  
ASP HA   H N N 69  
ASP HB2  H N N 70  
ASP HB3  H N N 71  
ASP HD2  H N N 72  
ASP HXT  H N N 73  
CYS N    N N N 74  
CYS CA   C N R 75  
CYS C    C N N 76  
CYS O    O N N 77  
CYS CB   C N N 78  
CYS SG   S N N 79  
CYS OXT  O N N 80  
CYS H    H N N 81  
CYS H2   H N N 82  
CYS HA   H N N 83  
CYS HB2  H N N 84  
CYS HB3  H N N 85  
CYS HG   H N N 86  
CYS HXT  H N N 87  
G81 O35  O N N 88  
G81 C31  C N N 89  
G81 O1   O N N 90  
G81 C1   C N N 91  
G81 C2   C N N 92  
G81 C4   C N N 93  
G81 C6   C N N 94  
G81 N33  N N N 95  
G81 C37  C N S 96  
G81 C41  C N N 97  
G81 C51  C Y N 98  
G81 C53  C Y N 99  
G81 C7   C Y N 100 
G81 C9   C Y N 101 
G81 C11  C Y N 102 
G81 C55  C Y N 103 
G81 C39  C N N 104 
G81 O47  O N N 105 
G81 N49  N N N 106 
G81 C57  C N R 107 
G81 C59  C N N 108 
G81 C61  C N S 109 
G81 C73  C N N 110 
G81 C71  C N N 111 
G81 N69  N N N 112 
G81 C65  C N N 113 
G81 O66  O N N 114 
G81 C63  C N N 115 
G81 C82  C N N 116 
G81 C84  C N N 117 
G81 O88  O N N 118 
G81 O86  O N N 119 
G81 C3   C N N 120 
G81 C5   C N N 121 
G81 H33  H N N 122 
G81 H21C H N N 123 
G81 H22C H N N 124 
G81 H23C H N N 125 
G81 H41C H N N 126 
G81 H42C H N N 127 
G81 H43C H N N 128 
G81 H61C H N N 129 
G81 H62C H N N 130 
G81 H63C H N N 131 
G81 H37  H N N 132 
G81 H411 H N N 133 
G81 H412 H N N 134 
G81 H53  H N N 135 
G81 H55  H N N 136 
G81 H7   H N N 137 
G81 H9   H N N 138 
G81 H11  H N N 139 
G81 H49  H N N 140 
G81 H57  H N N 141 
G81 H591 H N N 142 
G81 H592 H N N 143 
G81 H631 H N N 144 
G81 H632 H N N 145 
G81 H61  H N N 146 
G81 H731 H N N 147 
G81 H732 H N N 148 
G81 H711 H N N 149 
G81 H712 H N N 150 
G81 H69  H N N 151 
G81 H821 H N N 152 
G81 H822 H N N 153 
G81 H31C H N N 154 
G81 H32C H N N 155 
G81 H51C H N N 156 
G81 H52C H N N 157 
G81 H53C H N N 158 
GLN N    N N N 159 
GLN CA   C N S 160 
GLN C    C N N 161 
GLN O    O N N 162 
GLN CB   C N N 163 
GLN CG   C N N 164 
GLN CD   C N N 165 
GLN OE1  O N N 166 
GLN NE2  N N N 167 
GLN OXT  O N N 168 
GLN H    H N N 169 
GLN H2   H N N 170 
GLN HA   H N N 171 
GLN HB2  H N N 172 
GLN HB3  H N N 173 
GLN HG2  H N N 174 
GLN HG3  H N N 175 
GLN HE21 H N N 176 
GLN HE22 H N N 177 
GLN HXT  H N N 178 
GLU N    N N N 179 
GLU CA   C N S 180 
GLU C    C N N 181 
GLU O    O N N 182 
GLU CB   C N N 183 
GLU CG   C N N 184 
GLU CD   C N N 185 
GLU OE1  O N N 186 
GLU OE2  O N N 187 
GLU OXT  O N N 188 
GLU H    H N N 189 
GLU H2   H N N 190 
GLU HA   H N N 191 
GLU HB2  H N N 192 
GLU HB3  H N N 193 
GLU HG2  H N N 194 
GLU HG3  H N N 195 
GLU HE2  H N N 196 
GLU HXT  H N N 197 
GLY N    N N N 198 
GLY CA   C N N 199 
GLY C    C N N 200 
GLY O    O N N 201 
GLY OXT  O N N 202 
GLY H    H N N 203 
GLY H2   H N N 204 
GLY HA2  H N N 205 
GLY HA3  H N N 206 
GLY HXT  H N N 207 
HIS N    N N N 208 
HIS CA   C N S 209 
HIS C    C N N 210 
HIS O    O N N 211 
HIS CB   C N N 212 
HIS CG   C Y N 213 
HIS ND1  N Y N 214 
HIS CD2  C Y N 215 
HIS CE1  C Y N 216 
HIS NE2  N Y N 217 
HIS OXT  O N N 218 
HIS H    H N N 219 
HIS H2   H N N 220 
HIS HA   H N N 221 
HIS HB2  H N N 222 
HIS HB3  H N N 223 
HIS HD1  H N N 224 
HIS HD2  H N N 225 
HIS HE1  H N N 226 
HIS HE2  H N N 227 
HIS HXT  H N N 228 
HOH O    O N N 229 
HOH H1   H N N 230 
HOH H2   H N N 231 
ILE N    N N N 232 
ILE CA   C N S 233 
ILE C    C N N 234 
ILE O    O N N 235 
ILE CB   C N S 236 
ILE CG1  C N N 237 
ILE CG2  C N N 238 
ILE CD1  C N N 239 
ILE OXT  O N N 240 
ILE H    H N N 241 
ILE H2   H N N 242 
ILE HA   H N N 243 
ILE HB   H N N 244 
ILE HG12 H N N 245 
ILE HG13 H N N 246 
ILE HG21 H N N 247 
ILE HG22 H N N 248 
ILE HG23 H N N 249 
ILE HD11 H N N 250 
ILE HD12 H N N 251 
ILE HD13 H N N 252 
ILE HXT  H N N 253 
LEU N    N N N 254 
LEU CA   C N S 255 
LEU C    C N N 256 
LEU O    O N N 257 
LEU CB   C N N 258 
LEU CG   C N N 259 
LEU CD1  C N N 260 
LEU CD2  C N N 261 
LEU OXT  O N N 262 
LEU H    H N N 263 
LEU H2   H N N 264 
LEU HA   H N N 265 
LEU HB2  H N N 266 
LEU HB3  H N N 267 
LEU HG   H N N 268 
LEU HD11 H N N 269 
LEU HD12 H N N 270 
LEU HD13 H N N 271 
LEU HD21 H N N 272 
LEU HD22 H N N 273 
LEU HD23 H N N 274 
LEU HXT  H N N 275 
LYS N    N N N 276 
LYS CA   C N S 277 
LYS C    C N N 278 
LYS O    O N N 279 
LYS CB   C N N 280 
LYS CG   C N N 281 
LYS CD   C N N 282 
LYS CE   C N N 283 
LYS NZ   N N N 284 
LYS OXT  O N N 285 
LYS H    H N N 286 
LYS H2   H N N 287 
LYS HA   H N N 288 
LYS HB2  H N N 289 
LYS HB3  H N N 290 
LYS HG2  H N N 291 
LYS HG3  H N N 292 
LYS HD2  H N N 293 
LYS HD3  H N N 294 
LYS HE2  H N N 295 
LYS HE3  H N N 296 
LYS HZ1  H N N 297 
LYS HZ2  H N N 298 
LYS HZ3  H N N 299 
LYS HXT  H N N 300 
MET N    N N N 301 
MET CA   C N S 302 
MET C    C N N 303 
MET O    O N N 304 
MET CB   C N N 305 
MET CG   C N N 306 
MET SD   S N N 307 
MET CE   C N N 308 
MET OXT  O N N 309 
MET H    H N N 310 
MET H2   H N N 311 
MET HA   H N N 312 
MET HB2  H N N 313 
MET HB3  H N N 314 
MET HG2  H N N 315 
MET HG3  H N N 316 
MET HE1  H N N 317 
MET HE2  H N N 318 
MET HE3  H N N 319 
MET HXT  H N N 320 
PHE N    N N N 321 
PHE CA   C N S 322 
PHE C    C N N 323 
PHE O    O N N 324 
PHE CB   C N N 325 
PHE CG   C Y N 326 
PHE CD1  C Y N 327 
PHE CD2  C Y N 328 
PHE CE1  C Y N 329 
PHE CE2  C Y N 330 
PHE CZ   C Y N 331 
PHE OXT  O N N 332 
PHE H    H N N 333 
PHE H2   H N N 334 
PHE HA   H N N 335 
PHE HB2  H N N 336 
PHE HB3  H N N 337 
PHE HD1  H N N 338 
PHE HD2  H N N 339 
PHE HE1  H N N 340 
PHE HE2  H N N 341 
PHE HZ   H N N 342 
PHE HXT  H N N 343 
PRO N    N N N 344 
PRO CA   C N S 345 
PRO C    C N N 346 
PRO O    O N N 347 
PRO CB   C N N 348 
PRO CG   C N N 349 
PRO CD   C N N 350 
PRO OXT  O N N 351 
PRO H    H N N 352 
PRO HA   H N N 353 
PRO HB2  H N N 354 
PRO HB3  H N N 355 
PRO HG2  H N N 356 
PRO HG3  H N N 357 
PRO HD2  H N N 358 
PRO HD3  H N N 359 
PRO HXT  H N N 360 
SER N    N N N 361 
SER CA   C N S 362 
SER C    C N N 363 
SER O    O N N 364 
SER CB   C N N 365 
SER OG   O N N 366 
SER OXT  O N N 367 
SER H    H N N 368 
SER H2   H N N 369 
SER HA   H N N 370 
SER HB2  H N N 371 
SER HB3  H N N 372 
SER HG   H N N 373 
SER HXT  H N N 374 
THR N    N N N 375 
THR CA   C N S 376 
THR C    C N N 377 
THR O    O N N 378 
THR CB   C N R 379 
THR OG1  O N N 380 
THR CG2  C N N 381 
THR OXT  O N N 382 
THR H    H N N 383 
THR H2   H N N 384 
THR HA   H N N 385 
THR HB   H N N 386 
THR HG1  H N N 387 
THR HG21 H N N 388 
THR HG22 H N N 389 
THR HG23 H N N 390 
THR HXT  H N N 391 
TRP N    N N N 392 
TRP CA   C N S 393 
TRP C    C N N 394 
TRP O    O N N 395 
TRP CB   C N N 396 
TRP CG   C Y N 397 
TRP CD1  C Y N 398 
TRP CD2  C Y N 399 
TRP NE1  N Y N 400 
TRP CE2  C Y N 401 
TRP CE3  C Y N 402 
TRP CZ2  C Y N 403 
TRP CZ3  C Y N 404 
TRP CH2  C Y N 405 
TRP OXT  O N N 406 
TRP H    H N N 407 
TRP H2   H N N 408 
TRP HA   H N N 409 
TRP HB2  H N N 410 
TRP HB3  H N N 411 
TRP HD1  H N N 412 
TRP HE1  H N N 413 
TRP HE3  H N N 414 
TRP HZ2  H N N 415 
TRP HZ3  H N N 416 
TRP HH2  H N N 417 
TRP HXT  H N N 418 
TYR N    N N N 419 
TYR CA   C N S 420 
TYR C    C N N 421 
TYR O    O N N 422 
TYR CB   C N N 423 
TYR CG   C Y N 424 
TYR CD1  C Y N 425 
TYR CD2  C Y N 426 
TYR CE1  C Y N 427 
TYR CE2  C Y N 428 
TYR CZ   C Y N 429 
TYR OH   O N N 430 
TYR OXT  O N N 431 
TYR H    H N N 432 
TYR H2   H N N 433 
TYR HA   H N N 434 
TYR HB2  H N N 435 
TYR HB3  H N N 436 
TYR HD1  H N N 437 
TYR HD2  H N N 438 
TYR HE1  H N N 439 
TYR HE2  H N N 440 
TYR HH   H N N 441 
TYR HXT  H N N 442 
VAL N    N N N 443 
VAL CA   C N S 444 
VAL C    C N N 445 
VAL O    O N N 446 
VAL CB   C N N 447 
VAL CG1  C N N 448 
VAL CG2  C N N 449 
VAL OXT  O N N 450 
VAL H    H N N 451 
VAL H2   H N N 452 
VAL HA   H N N 453 
VAL HB   H N N 454 
VAL HG11 H N N 455 
VAL HG12 H N N 456 
VAL HG13 H N N 457 
VAL HG21 H N N 458 
VAL HG22 H N N 459 
VAL HG23 H N N 460 
VAL HXT  H N N 461 
# 
loop_
_chem_comp_bond.comp_id 
_chem_comp_bond.atom_id_1 
_chem_comp_bond.atom_id_2 
_chem_comp_bond.value_order 
_chem_comp_bond.pdbx_aromatic_flag 
_chem_comp_bond.pdbx_stereo_config 
_chem_comp_bond.pdbx_ordinal 
ALA N   CA   sing N N 1   
ALA N   H    sing N N 2   
ALA N   H2   sing N N 3   
ALA CA  C    sing N N 4   
ALA CA  CB   sing N N 5   
ALA CA  HA   sing N N 6   
ALA C   O    doub N N 7   
ALA C   OXT  sing N N 8   
ALA CB  HB1  sing N N 9   
ALA CB  HB2  sing N N 10  
ALA CB  HB3  sing N N 11  
ALA OXT HXT  sing N N 12  
ARG N   CA   sing N N 13  
ARG N   H    sing N N 14  
ARG N   H2   sing N N 15  
ARG CA  C    sing N N 16  
ARG CA  CB   sing N N 17  
ARG CA  HA   sing N N 18  
ARG C   O    doub N N 19  
ARG C   OXT  sing N N 20  
ARG CB  CG   sing N N 21  
ARG CB  HB2  sing N N 22  
ARG CB  HB3  sing N N 23  
ARG CG  CD   sing N N 24  
ARG CG  HG2  sing N N 25  
ARG CG  HG3  sing N N 26  
ARG CD  NE   sing N N 27  
ARG CD  HD2  sing N N 28  
ARG CD  HD3  sing N N 29  
ARG NE  CZ   sing N N 30  
ARG NE  HE   sing N N 31  
ARG CZ  NH1  sing N N 32  
ARG CZ  NH2  doub N N 33  
ARG NH1 HH11 sing N N 34  
ARG NH1 HH12 sing N N 35  
ARG NH2 HH21 sing N N 36  
ARG NH2 HH22 sing N N 37  
ARG OXT HXT  sing N N 38  
ASN N   CA   sing N N 39  
ASN N   H    sing N N 40  
ASN N   H2   sing N N 41  
ASN CA  C    sing N N 42  
ASN CA  CB   sing N N 43  
ASN CA  HA   sing N N 44  
ASN C   O    doub N N 45  
ASN C   OXT  sing N N 46  
ASN CB  CG   sing N N 47  
ASN CB  HB2  sing N N 48  
ASN CB  HB3  sing N N 49  
ASN CG  OD1  doub N N 50  
ASN CG  ND2  sing N N 51  
ASN ND2 HD21 sing N N 52  
ASN ND2 HD22 sing N N 53  
ASN OXT HXT  sing N N 54  
ASP N   CA   sing N N 55  
ASP N   H    sing N N 56  
ASP N   H2   sing N N 57  
ASP CA  C    sing N N 58  
ASP CA  CB   sing N N 59  
ASP CA  HA   sing N N 60  
ASP C   O    doub N N 61  
ASP C   OXT  sing N N 62  
ASP CB  CG   sing N N 63  
ASP CB  HB2  sing N N 64  
ASP CB  HB3  sing N N 65  
ASP CG  OD1  doub N N 66  
ASP CG  OD2  sing N N 67  
ASP OD2 HD2  sing N N 68  
ASP OXT HXT  sing N N 69  
CYS N   CA   sing N N 70  
CYS N   H    sing N N 71  
CYS N   H2   sing N N 72  
CYS CA  C    sing N N 73  
CYS CA  CB   sing N N 74  
CYS CA  HA   sing N N 75  
CYS C   O    doub N N 76  
CYS C   OXT  sing N N 77  
CYS CB  SG   sing N N 78  
CYS CB  HB2  sing N N 79  
CYS CB  HB3  sing N N 80  
CYS SG  HG   sing N N 81  
CYS OXT HXT  sing N N 82  
G81 O35 C31  doub N N 83  
G81 C31 O1   sing N N 84  
G81 C31 N33  sing N N 85  
G81 O1  C1   sing N N 86  
G81 C1  C2   sing N N 87  
G81 C1  C4   sing N N 88  
G81 C1  C6   sing N N 89  
G81 N33 C37  sing N N 90  
G81 C37 C41  sing N N 91  
G81 C37 C39  sing N N 92  
G81 C41 C51  sing N N 93  
G81 C51 C53  sing Y N 94  
G81 C51 C55  doub Y N 95  
G81 C53 C7   doub Y N 96  
G81 C7  C9   sing Y N 97  
G81 C9  C11  doub Y N 98  
G81 C11 C55  sing Y N 99  
G81 C39 O47  doub N N 100 
G81 C39 N49  sing N N 101 
G81 N49 C57  sing N N 102 
G81 C57 C59  sing N N 103 
G81 C57 C63  sing N N 104 
G81 C59 C61  sing N N 105 
G81 C61 C73  sing N N 106 
G81 C61 C65  sing N N 107 
G81 C73 C71  sing N N 108 
G81 C71 N69  sing N N 109 
G81 N69 C65  sing N N 110 
G81 C65 O66  doub N N 111 
G81 C63 C82  sing N N 112 
G81 C82 C84  sing N N 113 
G81 C84 O88  doub N N 114 
G81 C84 O86  sing N N 115 
G81 O86 C3   sing N N 116 
G81 C3  C5   sing N N 117 
G81 N33 H33  sing N N 118 
G81 C2  H21C sing N N 119 
G81 C2  H22C sing N N 120 
G81 C2  H23C sing N N 121 
G81 C4  H41C sing N N 122 
G81 C4  H42C sing N N 123 
G81 C4  H43C sing N N 124 
G81 C6  H61C sing N N 125 
G81 C6  H62C sing N N 126 
G81 C6  H63C sing N N 127 
G81 C37 H37  sing N N 128 
G81 C41 H411 sing N N 129 
G81 C41 H412 sing N N 130 
G81 C53 H53  sing N N 131 
G81 C55 H55  sing N N 132 
G81 C7  H7   sing N N 133 
G81 C9  H9   sing N N 134 
G81 C11 H11  sing N N 135 
G81 N49 H49  sing N N 136 
G81 C57 H57  sing N N 137 
G81 C59 H591 sing N N 138 
G81 C59 H592 sing N N 139 
G81 C63 H631 sing N N 140 
G81 C63 H632 sing N N 141 
G81 C61 H61  sing N N 142 
G81 C73 H731 sing N N 143 
G81 C73 H732 sing N N 144 
G81 C71 H711 sing N N 145 
G81 C71 H712 sing N N 146 
G81 N69 H69  sing N N 147 
G81 C82 H821 sing N N 148 
G81 C82 H822 sing N N 149 
G81 C3  H31C sing N N 150 
G81 C3  H32C sing N N 151 
G81 C5  H51C sing N N 152 
G81 C5  H52C sing N N 153 
G81 C5  H53C sing N N 154 
GLN N   CA   sing N N 155 
GLN N   H    sing N N 156 
GLN N   H2   sing N N 157 
GLN CA  C    sing N N 158 
GLN CA  CB   sing N N 159 
GLN CA  HA   sing N N 160 
GLN C   O    doub N N 161 
GLN C   OXT  sing N N 162 
GLN CB  CG   sing N N 163 
GLN CB  HB2  sing N N 164 
GLN CB  HB3  sing N N 165 
GLN CG  CD   sing N N 166 
GLN CG  HG2  sing N N 167 
GLN CG  HG3  sing N N 168 
GLN CD  OE1  doub N N 169 
GLN CD  NE2  sing N N 170 
GLN NE2 HE21 sing N N 171 
GLN NE2 HE22 sing N N 172 
GLN OXT HXT  sing N N 173 
GLU N   CA   sing N N 174 
GLU N   H    sing N N 175 
GLU N   H2   sing N N 176 
GLU CA  C    sing N N 177 
GLU CA  CB   sing N N 178 
GLU CA  HA   sing N N 179 
GLU C   O    doub N N 180 
GLU C   OXT  sing N N 181 
GLU CB  CG   sing N N 182 
GLU CB  HB2  sing N N 183 
GLU CB  HB3  sing N N 184 
GLU CG  CD   sing N N 185 
GLU CG  HG2  sing N N 186 
GLU CG  HG3  sing N N 187 
GLU CD  OE1  doub N N 188 
GLU CD  OE2  sing N N 189 
GLU OE2 HE2  sing N N 190 
GLU OXT HXT  sing N N 191 
GLY N   CA   sing N N 192 
GLY N   H    sing N N 193 
GLY N   H2   sing N N 194 
GLY CA  C    sing N N 195 
GLY CA  HA2  sing N N 196 
GLY CA  HA3  sing N N 197 
GLY C   O    doub N N 198 
GLY C   OXT  sing N N 199 
GLY OXT HXT  sing N N 200 
HIS N   CA   sing N N 201 
HIS N   H    sing N N 202 
HIS N   H2   sing N N 203 
HIS CA  C    sing N N 204 
HIS CA  CB   sing N N 205 
HIS CA  HA   sing N N 206 
HIS C   O    doub N N 207 
HIS C   OXT  sing N N 208 
HIS CB  CG   sing N N 209 
HIS CB  HB2  sing N N 210 
HIS CB  HB3  sing N N 211 
HIS CG  ND1  sing Y N 212 
HIS CG  CD2  doub Y N 213 
HIS ND1 CE1  doub Y N 214 
HIS ND1 HD1  sing N N 215 
HIS CD2 NE2  sing Y N 216 
HIS CD2 HD2  sing N N 217 
HIS CE1 NE2  sing Y N 218 
HIS CE1 HE1  sing N N 219 
HIS NE2 HE2  sing N N 220 
HIS OXT HXT  sing N N 221 
HOH O   H1   sing N N 222 
HOH O   H2   sing N N 223 
ILE N   CA   sing N N 224 
ILE N   H    sing N N 225 
ILE N   H2   sing N N 226 
ILE CA  C    sing N N 227 
ILE CA  CB   sing N N 228 
ILE CA  HA   sing N N 229 
ILE C   O    doub N N 230 
ILE C   OXT  sing N N 231 
ILE CB  CG1  sing N N 232 
ILE CB  CG2  sing N N 233 
ILE CB  HB   sing N N 234 
ILE CG1 CD1  sing N N 235 
ILE CG1 HG12 sing N N 236 
ILE CG1 HG13 sing N N 237 
ILE CG2 HG21 sing N N 238 
ILE CG2 HG22 sing N N 239 
ILE CG2 HG23 sing N N 240 
ILE CD1 HD11 sing N N 241 
ILE CD1 HD12 sing N N 242 
ILE CD1 HD13 sing N N 243 
ILE OXT HXT  sing N N 244 
LEU N   CA   sing N N 245 
LEU N   H    sing N N 246 
LEU N   H2   sing N N 247 
LEU CA  C    sing N N 248 
LEU CA  CB   sing N N 249 
LEU CA  HA   sing N N 250 
LEU C   O    doub N N 251 
LEU C   OXT  sing N N 252 
LEU CB  CG   sing N N 253 
LEU CB  HB2  sing N N 254 
LEU CB  HB3  sing N N 255 
LEU CG  CD1  sing N N 256 
LEU CG  CD2  sing N N 257 
LEU CG  HG   sing N N 258 
LEU CD1 HD11 sing N N 259 
LEU CD1 HD12 sing N N 260 
LEU CD1 HD13 sing N N 261 
LEU CD2 HD21 sing N N 262 
LEU CD2 HD22 sing N N 263 
LEU CD2 HD23 sing N N 264 
LEU OXT HXT  sing N N 265 
LYS N   CA   sing N N 266 
LYS N   H    sing N N 267 
LYS N   H2   sing N N 268 
LYS CA  C    sing N N 269 
LYS CA  CB   sing N N 270 
LYS CA  HA   sing N N 271 
LYS C   O    doub N N 272 
LYS C   OXT  sing N N 273 
LYS CB  CG   sing N N 274 
LYS CB  HB2  sing N N 275 
LYS CB  HB3  sing N N 276 
LYS CG  CD   sing N N 277 
LYS CG  HG2  sing N N 278 
LYS CG  HG3  sing N N 279 
LYS CD  CE   sing N N 280 
LYS CD  HD2  sing N N 281 
LYS CD  HD3  sing N N 282 
LYS CE  NZ   sing N N 283 
LYS CE  HE2  sing N N 284 
LYS CE  HE3  sing N N 285 
LYS NZ  HZ1  sing N N 286 
LYS NZ  HZ2  sing N N 287 
LYS NZ  HZ3  sing N N 288 
LYS OXT HXT  sing N N 289 
MET N   CA   sing N N 290 
MET N   H    sing N N 291 
MET N   H2   sing N N 292 
MET CA  C    sing N N 293 
MET CA  CB   sing N N 294 
MET CA  HA   sing N N 295 
MET C   O    doub N N 296 
MET C   OXT  sing N N 297 
MET CB  CG   sing N N 298 
MET CB  HB2  sing N N 299 
MET CB  HB3  sing N N 300 
MET CG  SD   sing N N 301 
MET CG  HG2  sing N N 302 
MET CG  HG3  sing N N 303 
MET SD  CE   sing N N 304 
MET CE  HE1  sing N N 305 
MET CE  HE2  sing N N 306 
MET CE  HE3  sing N N 307 
MET OXT HXT  sing N N 308 
PHE N   CA   sing N N 309 
PHE N   H    sing N N 310 
PHE N   H2   sing N N 311 
PHE CA  C    sing N N 312 
PHE CA  CB   sing N N 313 
PHE CA  HA   sing N N 314 
PHE C   O    doub N N 315 
PHE C   OXT  sing N N 316 
PHE CB  CG   sing N N 317 
PHE CB  HB2  sing N N 318 
PHE CB  HB3  sing N N 319 
PHE CG  CD1  doub Y N 320 
PHE CG  CD2  sing Y N 321 
PHE CD1 CE1  sing Y N 322 
PHE CD1 HD1  sing N N 323 
PHE CD2 CE2  doub Y N 324 
PHE CD2 HD2  sing N N 325 
PHE CE1 CZ   doub Y N 326 
PHE CE1 HE1  sing N N 327 
PHE CE2 CZ   sing Y N 328 
PHE CE2 HE2  sing N N 329 
PHE CZ  HZ   sing N N 330 
PHE OXT HXT  sing N N 331 
PRO N   CA   sing N N 332 
PRO N   CD   sing N N 333 
PRO N   H    sing N N 334 
PRO CA  C    sing N N 335 
PRO CA  CB   sing N N 336 
PRO CA  HA   sing N N 337 
PRO C   O    doub N N 338 
PRO C   OXT  sing N N 339 
PRO CB  CG   sing N N 340 
PRO CB  HB2  sing N N 341 
PRO CB  HB3  sing N N 342 
PRO CG  CD   sing N N 343 
PRO CG  HG2  sing N N 344 
PRO CG  HG3  sing N N 345 
PRO CD  HD2  sing N N 346 
PRO CD  HD3  sing N N 347 
PRO OXT HXT  sing N N 348 
SER N   CA   sing N N 349 
SER N   H    sing N N 350 
SER N   H2   sing N N 351 
SER CA  C    sing N N 352 
SER CA  CB   sing N N 353 
SER CA  HA   sing N N 354 
SER C   O    doub N N 355 
SER C   OXT  sing N N 356 
SER CB  OG   sing N N 357 
SER CB  HB2  sing N N 358 
SER CB  HB3  sing N N 359 
SER OG  HG   sing N N 360 
SER OXT HXT  sing N N 361 
THR N   CA   sing N N 362 
THR N   H    sing N N 363 
THR N   H2   sing N N 364 
THR CA  C    sing N N 365 
THR CA  CB   sing N N 366 
THR CA  HA   sing N N 367 
THR C   O    doub N N 368 
THR C   OXT  sing N N 369 
THR CB  OG1  sing N N 370 
THR CB  CG2  sing N N 371 
THR CB  HB   sing N N 372 
THR OG1 HG1  sing N N 373 
THR CG2 HG21 sing N N 374 
THR CG2 HG22 sing N N 375 
THR CG2 HG23 sing N N 376 
THR OXT HXT  sing N N 377 
TRP N   CA   sing N N 378 
TRP N   H    sing N N 379 
TRP N   H2   sing N N 380 
TRP CA  C    sing N N 381 
TRP CA  CB   sing N N 382 
TRP CA  HA   sing N N 383 
TRP C   O    doub N N 384 
TRP C   OXT  sing N N 385 
TRP CB  CG   sing N N 386 
TRP CB  HB2  sing N N 387 
TRP CB  HB3  sing N N 388 
TRP CG  CD1  doub Y N 389 
TRP CG  CD2  sing Y N 390 
TRP CD1 NE1  sing Y N 391 
TRP CD1 HD1  sing N N 392 
TRP CD2 CE2  doub Y N 393 
TRP CD2 CE3  sing Y N 394 
TRP NE1 CE2  sing Y N 395 
TRP NE1 HE1  sing N N 396 
TRP CE2 CZ2  sing Y N 397 
TRP CE3 CZ3  doub Y N 398 
TRP CE3 HE3  sing N N 399 
TRP CZ2 CH2  doub Y N 400 
TRP CZ2 HZ2  sing N N 401 
TRP CZ3 CH2  sing Y N 402 
TRP CZ3 HZ3  sing N N 403 
TRP CH2 HH2  sing N N 404 
TRP OXT HXT  sing N N 405 
TYR N   CA   sing N N 406 
TYR N   H    sing N N 407 
TYR N   H2   sing N N 408 
TYR CA  C    sing N N 409 
TYR CA  CB   sing N N 410 
TYR CA  HA   sing N N 411 
TYR C   O    doub N N 412 
TYR C   OXT  sing N N 413 
TYR CB  CG   sing N N 414 
TYR CB  HB2  sing N N 415 
TYR CB  HB3  sing N N 416 
TYR CG  CD1  doub Y N 417 
TYR CG  CD2  sing Y N 418 
TYR CD1 CE1  sing Y N 419 
TYR CD1 HD1  sing N N 420 
TYR CD2 CE2  doub Y N 421 
TYR CD2 HD2  sing N N 422 
TYR CE1 CZ   doub Y N 423 
TYR CE1 HE1  sing N N 424 
TYR CE2 CZ   sing Y N 425 
TYR CE2 HE2  sing N N 426 
TYR CZ  OH   sing N N 427 
TYR OH  HH   sing N N 428 
TYR OXT HXT  sing N N 429 
VAL N   CA   sing N N 430 
VAL N   H    sing N N 431 
VAL N   H2   sing N N 432 
VAL CA  C    sing N N 433 
VAL CA  CB   sing N N 434 
VAL CA  HA   sing N N 435 
VAL C   O    doub N N 436 
VAL C   OXT  sing N N 437 
VAL CB  CG1  sing N N 438 
VAL CB  CG2  sing N N 439 
VAL CB  HB   sing N N 440 
VAL CG1 HG11 sing N N 441 
VAL CG1 HG12 sing N N 442 
VAL CG1 HG13 sing N N 443 
VAL CG2 HG21 sing N N 444 
VAL CG2 HG22 sing N N 445 
VAL CG2 HG23 sing N N 446 
VAL OXT HXT  sing N N 447 
# 
_pdbx_initial_refinement_model.accession_code   ? 
_pdbx_initial_refinement_model.id               1 
_pdbx_initial_refinement_model.entity_id_list   ? 
_pdbx_initial_refinement_model.type             'experimental model' 
_pdbx_initial_refinement_model.source_name      Other 
_pdbx_initial_refinement_model.details          'CRYSTAL STRUCTURE OF COXSACKIEVIURS B3 3C PROTEASE' 
# 
_atom_sites.entry_id                    3ZZ7 
_atom_sites.fract_transf_matrix[1][1]   -0.00939932 
_atom_sites.fract_transf_matrix[1][2]   -0.00111250 
_atom_sites.fract_transf_matrix[1][3]   -0.01092051 
_atom_sites.fract_transf_matrix[2][1]   -0.00128352 
_atom_sites.fract_transf_matrix[2][2]   -0.01530097 
_atom_sites.fract_transf_matrix[2][3]   0.00266347 
_atom_sites.fract_transf_matrix[3][1]   -0.02737652 
_atom_sites.fract_transf_matrix[3][2]   0.00343927 
_atom_sites.fract_transf_matrix[3][3]   0.00656509 
_atom_sites.fract_transf_vector[1]      0.289996 
_atom_sites.fract_transf_vector[2]      0.004215 
_atom_sites.fract_transf_vector[3]      0.482592 
# 
loop_
_atom_type.symbol 
C 
N 
O 
S 
# 
loop_
_atom_site.group_PDB 
_atom_site.id 
_atom_site.type_symbol 
_atom_site.label_atom_id 
_atom_site.label_alt_id 
_atom_site.label_comp_id 
_atom_site.label_asym_id 
_atom_site.label_entity_id 
_atom_site.label_seq_id 
_atom_site.pdbx_PDB_ins_code 
_atom_site.Cartn_x 
_atom_site.Cartn_y 
_atom_site.Cartn_z 
_atom_site.occupancy 
_atom_site.B_iso_or_equiv 
_atom_site.pdbx_formal_charge 
_atom_site.auth_seq_id 
_atom_site.auth_comp_id 
_atom_site.auth_asym_id 
_atom_site.auth_atom_id 
_atom_site.pdbx_PDB_model_num 
ATOM   1    N N   . MET A 1 1   ? -7.691  13.362  -13.743 1.00 39.34 ? 0    MET A N   1 
ATOM   2    C CA  . MET A 1 1   ? -7.478  11.896  -13.810 1.00 38.92 ? 0    MET A CA  1 
ATOM   3    C C   . MET A 1 1   ? -6.140  11.625  -14.494 1.00 35.93 ? 0    MET A C   1 
ATOM   4    O O   . MET A 1 1   ? -5.393  10.755  -14.075 1.00 37.81 ? 0    MET A O   1 
ATOM   5    C CB  . MET A 1 1   ? -8.622  11.239  -14.551 1.00 39.83 ? 0    MET A CB  1 
ATOM   6    C CG  . MET A 1 1   ? -8.990  9.868   -14.051 1.00 44.62 ? 0    MET A CG  1 
ATOM   7    S SD  . MET A 1 1   ? -10.203 9.184   -15.206 1.00 50.08 ? 0    MET A SD  1 
ATOM   8    C CE  . MET A 1 1   ? -11.796 9.657   -14.505 1.00 50.22 ? 0    MET A CE  1 
ATOM   9    N N   . GLY A 1 2   ? -5.840  12.397  -15.528 1.00 33.18 ? 1    GLY A N   1 
ATOM   10   C CA  . GLY A 1 2   ? -4.616  12.270  -16.276 1.00 29.56 ? 1    GLY A CA  1 
ATOM   11   C C   . GLY A 1 2   ? -3.386  12.578  -15.448 1.00 29.33 ? 1    GLY A C   1 
ATOM   12   O O   . GLY A 1 2   ? -2.422  11.778  -15.453 1.00 27.63 ? 1    GLY A O   1 
ATOM   13   N N   . PRO A 1 3   ? -3.391  13.737  -14.741 1.00 28.62 ? 2    PRO A N   1 
ATOM   14   C CA  . PRO A 1 3   ? -2.251  14.118  -13.889 1.00 27.43 ? 2    PRO A CA  1 
ATOM   15   C C   . PRO A 1 3   ? -2.051  13.071  -12.775 1.00 26.39 ? 2    PRO A C   1 
ATOM   16   O O   . PRO A 1 3   ? -0.904  12.731  -12.453 1.00 24.77 ? 2    PRO A O   1 
ATOM   17   C CB  . PRO A 1 3   ? -2.680  15.477  -13.301 1.00 27.87 ? 2    PRO A CB  1 
ATOM   18   C CG  . PRO A 1 3   ? -3.614  16.021  -14.308 1.00 27.79 ? 2    PRO A CG  1 
ATOM   19   C CD  . PRO A 1 3   ? -4.389  14.832  -14.837 1.00 29.30 ? 2    PRO A CD  1 
ATOM   20   N N   . ALA A 1 4   ? -3.155  12.518  -12.264 1.00 26.04 ? 3    ALA A N   1 
ATOM   21   C CA  . ALA A 1 4   ? -3.057  11.424  -11.278 1.00 25.91 ? 3    ALA A CA  1 
ATOM   22   C C   . ALA A 1 4   ? -2.293  10.194  -11.829 1.00 24.43 ? 3    ALA A C   1 
ATOM   23   O O   . ALA A 1 4   ? -1.428  9.622   -11.148 1.00 23.16 ? 3    ALA A O   1 
ATOM   24   C CB  . ALA A 1 4   ? -4.448  11.038  -10.793 1.00 26.52 ? 3    ALA A CB  1 
ATOM   25   N N   . PHE A 1 5   ? -2.576  9.811   -13.071 1.00 24.43 ? 4    PHE A N   1 
ATOM   26   C CA  . PHE A 1 5   ? -1.978  8.599   -13.656 1.00 22.92 ? 4    PHE A CA  1 
ATOM   27   C C   . PHE A 1 5   ? -0.532  8.892   -13.958 1.00 21.92 ? 4    PHE A C   1 
ATOM   28   O O   . PHE A 1 5   ? 0.408   8.094   -13.719 1.00 20.71 ? 4    PHE A O   1 
ATOM   29   C CB  . PHE A 1 5   ? -2.785  8.304   -14.936 1.00 22.82 ? 4    PHE A CB  1 
ATOM   30   C CG  . PHE A 1 5   ? -2.212  7.217   -15.840 1.00 25.46 ? 4    PHE A CG  1 
ATOM   31   C CD1 . PHE A 1 5   ? -2.469  5.861   -15.584 1.00 26.93 ? 4    PHE A CD1 1 
ATOM   32   C CD2 . PHE A 1 5   ? -1.473  7.555   -17.009 1.00 29.82 ? 4    PHE A CD2 1 
ATOM   33   C CE1 . PHE A 1 5   ? -1.953  4.827   -16.491 1.00 29.46 ? 4    PHE A CE1 1 
ATOM   34   C CE2 . PHE A 1 5   ? -0.944  6.562   -17.895 1.00 28.73 ? 4    PHE A CE2 1 
ATOM   35   C CZ  . PHE A 1 5   ? -1.201  5.193   -17.648 1.00 24.68 ? 4    PHE A CZ  1 
ATOM   36   N N   . GLU A 1 6   ? -0.321  10.105  -14.450 1.00 23.20 ? 5    GLU A N   1 
ATOM   37   C CA  . GLU A 1 6   ? 1.054   10.561  -14.686 1.00 23.05 ? 5    GLU A CA  1 
ATOM   38   C C   . GLU A 1 6   ? 1.984   10.450  -13.418 1.00 23.52 ? 5    GLU A C   1 
ATOM   39   O O   . GLU A 1 6   ? 3.077   9.827   -13.450 1.00 22.54 ? 5    GLU A O   1 
ATOM   40   C CB  . GLU A 1 6   ? 1.033   11.982  -15.312 1.00 23.42 ? 5    GLU A CB  1 
ATOM   41   C CG  . GLU A 1 6   ? 1.066   11.840  -16.793 1.00 27.98 ? 5    GLU A CG  1 
ATOM   42   C CD  . GLU A 1 6   ? 1.439   13.056  -17.625 1.00 35.87 ? 5    GLU A CD  1 
ATOM   43   O OE1 . GLU A 1 6   ? 2.177   13.972  -17.153 1.00 35.68 ? 5    GLU A OE1 1 
ATOM   44   O OE2 . GLU A 1 6   ? 1.020   13.026  -18.813 1.00 37.95 ? 5    GLU A OE2 1 
ATOM   45   N N   . PHE A 1 7   ? 1.506   11.001  -12.311 1.00 24.21 ? 6    PHE A N   1 
ATOM   46   C CA  . PHE A 1 7   ? 2.171   10.925  -11.018 1.00 23.97 ? 6    PHE A CA  1 
ATOM   47   C C   . PHE A 1 7   ? 2.391   9.459   -10.585 1.00 22.41 ? 6    PHE A C   1 
ATOM   48   O O   . PHE A 1 7   ? 3.510   9.031   -10.249 1.00 22.21 ? 6    PHE A O   1 
ATOM   49   C CB  . PHE A 1 7   ? 1.294   11.610  -9.994  1.00 24.47 ? 6    PHE A CB  1 
ATOM   50   C CG  . PHE A 1 7   ? 1.834   11.526  -8.602  1.00 25.32 ? 6    PHE A CG  1 
ATOM   51   C CD1 . PHE A 1 7   ? 2.888   12.351  -8.204  1.00 26.03 ? 6    PHE A CD1 1 
ATOM   52   C CD2 . PHE A 1 7   ? 1.328   10.593  -7.689  1.00 25.37 ? 6    PHE A CD2 1 
ATOM   53   C CE1 . PHE A 1 7   ? 3.401   12.243  -6.914  1.00 23.25 ? 6    PHE A CE1 1 
ATOM   54   C CE2 . PHE A 1 7   ? 1.825   10.507  -6.412  1.00 25.16 ? 6    PHE A CE2 1 
ATOM   55   C CZ  . PHE A 1 7   ? 2.848   11.367  -6.008  1.00 25.42 ? 6    PHE A CZ  1 
ATOM   56   N N   . ALA A 1 8   ? 1.310   8.701   -10.659 1.00 22.88 ? 7    ALA A N   1 
ATOM   57   C CA  . ALA A 1 8   ? 1.360   7.249   -10.323 1.00 21.85 ? 7    ALA A CA  1 
ATOM   58   C C   . ALA A 1 8   ? 2.383   6.473   -11.085 1.00 21.15 ? 7    ALA A C   1 
ATOM   59   O O   . ALA A 1 8   ? 3.141   5.735   -10.478 1.00 22.25 ? 7    ALA A O   1 
ATOM   60   C CB  . ALA A 1 8   ? -0.051  6.622   -10.570 1.00 21.24 ? 7    ALA A CB  1 
ATOM   61   N N   . VAL A 1 9   ? 2.392   6.600   -12.420 1.00 21.85 ? 8    VAL A N   1 
ATOM   62   C CA  . VAL A 1 9   ? 3.371   5.917   -13.287 1.00 22.49 ? 8    VAL A CA  1 
ATOM   63   C C   . VAL A 1 9   ? 4.809   6.189   -12.828 1.00 21.45 ? 8    VAL A C   1 
ATOM   64   O O   . VAL A 1 9   ? 5.623   5.266   -12.659 1.00 20.14 ? 8    VAL A O   1 
ATOM   65   C CB  . VAL A 1 9   ? 3.206   6.227   -14.804 1.00 21.89 ? 8    VAL A CB  1 
ATOM   66   C CG1 . VAL A 1 9   ? 4.348   5.461   -15.561 1.00 22.84 ? 8    VAL A CG1 1 
ATOM   67   C CG2 . VAL A 1 9   ? 1.784   5.728   -15.276 1.00 24.43 ? 8    VAL A CG2 1 
ATOM   68   N N   . ALA A 1 10  ? 5.089   7.464   -12.613 1.00 21.55 ? 9    ALA A N   1 
ATOM   69   C CA  . ALA A 1 10  ? 6.430   7.909   -12.180 1.00 22.63 ? 9    ALA A CA  1 
ATOM   70   C C   . ALA A 1 10  ? 6.772   7.367   -10.787 1.00 21.82 ? 9    ALA A C   1 
ATOM   71   O O   . ALA A 1 10  ? 7.879   6.833   -10.535 1.00 23.18 ? 9    ALA A O   1 
ATOM   72   C CB  . ALA A 1 10  ? 6.480   9.450   -12.214 1.00 24.31 ? 9    ALA A CB  1 
ATOM   73   N N   . MET A 1 11  ? 5.770   7.430   -9.901  1.00 21.47 ? 10   MET A N   1 
ATOM   74   C CA  . MET A 1 11  ? 5.925   6.898   -8.510  1.00 21.50 ? 10   MET A CA  1 
ATOM   75   C C   . MET A 1 11  ? 6.259   5.407   -8.500  1.00 21.48 ? 10   MET A C   1 
ATOM   76   O O   . MET A 1 11  ? 7.198   4.965   -7.787  1.00 20.83 ? 10   MET A O   1 
ATOM   77   C CB  . MET A 1 11  ? 4.671   7.171   -7.641  1.00 18.93 ? 10   MET A CB  1 
ATOM   78   C CG  . MET A 1 11  ? 4.789   6.616   -6.174  1.00 20.24 ? 10   MET A CG  1 
ATOM   79   S SD  . MET A 1 11  ? 6.219   7.301   -5.271  1.00 24.93 ? 10   MET A SD  1 
ATOM   80   C CE  . MET A 1 11  ? 5.589   8.948   -5.136  1.00 24.12 ? 10   MET A CE  1 
ATOM   81   N N   . MET A 1 12  ? 5.488   4.641   -9.280  1.00 20.84 ? 11   MET A N   1 
ATOM   82   C CA  . MET A 1 12  ? 5.726   3.206   -9.337  1.00 22.34 ? 11   MET A CA  1 
ATOM   83   C C   . MET A 1 12  ? 7.065   2.846   -9.966  1.00 23.30 ? 11   MET A C   1 
ATOM   84   O O   . MET A 1 12  ? 7.729   1.846   -9.569  1.00 22.98 ? 11   MET A O   1 
ATOM   85   C CB  . MET A 1 12  ? 4.586   2.515   -10.065 1.00 21.79 ? 11   MET A CB  1 
ATOM   86   C CG  . MET A 1 12  ? 3.214   2.785   -9.412  1.00 21.20 ? 11   MET A CG  1 
ATOM   87   S SD  . MET A 1 12  ? 3.018   2.054   -7.751  1.00 22.14 ? 11   MET A SD  1 
ATOM   88   C CE  . MET A 1 12  ? 2.799   0.346   -8.128  1.00 20.40 ? 11   MET A CE  1 
ATOM   89   N N   . LYS A 1 13  ? 7.481   3.624   -10.961 1.00 23.75 ? 12   LYS A N   1 
ATOM   90   C CA  . LYS A 1 13  ? 8.729   3.304   -11.600 1.00 26.37 ? 12   LYS A CA  1 
ATOM   91   C C   . LYS A 1 13  ? 9.843   3.509   -10.561 1.00 25.45 ? 12   LYS A C   1 
ATOM   92   O O   . LYS A 1 13  ? 10.750  2.684   -10.470 1.00 26.80 ? 12   LYS A O   1 
ATOM   93   C CB  . LYS A 1 13  ? 8.903   4.181   -12.843 1.00 27.15 ? 12   LYS A CB  1 
ATOM   94   C CG  . LYS A 1 13  ? 10.265  4.178   -13.502 1.00 33.47 ? 12   LYS A CG  1 
ATOM   95   C CD  . LYS A 1 13  ? 10.124  4.966   -14.837 1.00 40.18 ? 12   LYS A CD  1 
ATOM   96   C CE  . LYS A 1 13  ? 10.835  4.246   -15.971 1.00 43.34 ? 12   LYS A CE  1 
ATOM   97   N NZ  . LYS A 1 13  ? 12.314  4.266   -15.707 1.00 45.39 ? 12   LYS A NZ  1 
ATOM   98   N N   . ARG A 1 14  ? 9.735   4.566   -9.754  1.00 26.20 ? 13   ARG A N   1 
ATOM   99   C CA  . ARG A 1 14  ? 10.813  4.982   -8.840  1.00 26.66 ? 13   ARG A CA  1 
ATOM   100  C C   . ARG A 1 14  ? 10.803  4.188   -7.519  1.00 26.27 ? 13   ARG A C   1 
ATOM   101  O O   . ARG A 1 14  ? 11.862  3.744   -6.998  1.00 26.34 ? 13   ARG A O   1 
ATOM   102  C CB  . ARG A 1 14  ? 10.682  6.483   -8.570  1.00 27.26 ? 13   ARG A CB  1 
ATOM   103  C CG  . ARG A 1 14  ? 11.886  7.122   -7.854  1.00 32.66 ? 13   ARG A CG  1 
ATOM   104  C CD  . ARG A 1 14  ? 13.120  7.130   -8.758  1.00 40.04 ? 13   ARG A CD  1 
ATOM   105  N NE  . ARG A 1 14  ? 14.290  7.584   -8.007  1.00 44.26 ? 13   ARG A NE  1 
ATOM   106  C CZ  . ARG A 1 14  ? 14.657  8.854   -7.910  1.00 47.65 ? 13   ARG A CZ  1 
ATOM   107  N NH1 . ARG A 1 14  ? 13.959  9.805   -8.539  1.00 48.24 ? 13   ARG A NH1 1 
ATOM   108  N NH2 . ARG A 1 14  ? 15.724  9.173   -7.180  1.00 49.20 ? 13   ARG A NH2 1 
ATOM   109  N N   . ASN A 1 15  ? 9.614   3.923   -7.008  1.00 24.48 ? 14   ASN A N   1 
ATOM   110  C CA  . ASN A 1 15  ? 9.504   3.379   -5.630  1.00 24.01 ? 14   ASN A CA  1 
ATOM   111  C C   . ASN A 1 15  ? 8.861   1.968   -5.398  1.00 23.41 ? 14   ASN A C   1 
ATOM   112  O O   . ASN A 1 15  ? 8.895   1.455   -4.275  1.00 24.03 ? 14   ASN A O   1 
ATOM   113  C CB  . ASN A 1 15  ? 8.815   4.393   -4.723  1.00 22.65 ? 14   ASN A CB  1 
ATOM   114  C CG  . ASN A 1 15  ? 9.789   5.423   -4.162  1.00 25.37 ? 14   ASN A CG  1 
ATOM   115  O OD1 . ASN A 1 15  ? 10.230  5.341   -2.996  1.00 31.09 ? 14   ASN A OD1 1 
ATOM   116  N ND2 . ASN A 1 15  ? 10.165  6.344   -4.998  1.00 20.71 ? 14   ASN A ND2 1 
ATOM   117  N N   . SER A 1 16  ? 8.262   1.364   -6.425  1.00 23.28 ? 15   SER A N   1 
ATOM   118  C CA  . SER A 1 16  ? 7.539   0.105   -6.235  1.00 21.83 ? 15   SER A CA  1 
ATOM   119  C C   . SER A 1 16  ? 8.376   -1.070  -6.663  1.00 22.62 ? 15   SER A C   1 
ATOM   120  O O   . SER A 1 16  ? 9.306   -0.912  -7.481  1.00 22.52 ? 15   SER A O   1 
ATOM   121  C CB  . SER A 1 16  ? 6.180   0.138   -6.961  1.00 22.73 ? 15   SER A CB  1 
ATOM   122  O OG  . SER A 1 16  ? 6.314   -0.150  -8.351  1.00 20.26 ? 15   SER A OG  1 
ATOM   123  N N   . SER A 1 17  ? 8.035   -2.244  -6.122  1.00 21.99 ? 16   SER A N   1 
ATOM   124  C CA  . SER A 1 17  ? 8.614   -3.476  -6.542  1.00 22.61 ? 16   SER A CA  1 
ATOM   125  C C   . SER A 1 17  ? 7.601   -4.581  -6.370  1.00 22.95 ? 16   SER A C   1 
ATOM   126  O O   . SER A 1 17  ? 6.540   -4.392  -5.755  1.00 23.89 ? 16   SER A O   1 
ATOM   127  C CB  . SER A 1 17  ? 9.878   -3.731  -5.707  1.00 23.24 ? 16   SER A CB  1 
ATOM   128  O OG  . SER A 1 17  ? 9.456   -3.900  -4.364  1.00 26.79 ? 16   SER A OG  1 
ATOM   129  N N   . THR A 1 18  ? 7.923   -5.761  -6.891  1.00 23.44 ? 17   THR A N   1 
ATOM   130  C CA  . THR A 1 18  ? 7.013   -6.869  -6.792  1.00 22.40 ? 17   THR A CA  1 
ATOM   131  C C   . THR A 1 18  ? 7.577   -7.813  -5.751  1.00 23.25 ? 17   THR A C   1 
ATOM   132  O O   . THR A 1 18  ? 8.781   -8.139  -5.788  1.00 23.40 ? 17   THR A O   1 
ATOM   133  C CB  . THR A 1 18  ? 6.951   -7.606  -8.145  1.00 23.90 ? 17   THR A CB  1 
ATOM   134  O OG1 . THR A 1 18  ? 6.345   -6.735  -9.128  1.00 26.56 ? 17   THR A OG1 1 
ATOM   135  C CG2 . THR A 1 18  ? 6.075   -8.938  -8.040  1.00 23.04 ? 17   THR A CG2 1 
ATOM   136  N N   . VAL A 1 19  ? 6.729   -8.278  -4.833  1.00 21.38 ? 18   VAL A N   1 
ATOM   137  C CA  . VAL A 1 19  ? 7.282   -9.033  -3.693  1.00 22.95 ? 18   VAL A CA  1 
ATOM   138  C C   . VAL A 1 19  ? 6.480   -10.289 -3.571  1.00 23.43 ? 18   VAL A C   1 
ATOM   139  O O   . VAL A 1 19  ? 5.286   -10.287 -3.816  1.00 24.74 ? 18   VAL A O   1 
ATOM   140  C CB  . VAL A 1 19  ? 7.241   -8.240  -2.348  1.00 22.33 ? 18   VAL A CB  1 
ATOM   141  C CG1 . VAL A 1 19  ? 7.531   -9.170  -1.106  1.00 23.81 ? 18   VAL A CG1 1 
ATOM   142  C CG2 . VAL A 1 19  ? 8.251   -7.119  -2.378  1.00 22.36 ? 18   VAL A CG2 1 
ATOM   143  N N   . LYS A 1 20  ? 7.176   -11.375 -3.222  1.00 24.98 ? 19   LYS A N   1 
ATOM   144  C CA  . LYS A 1 20  ? 6.518   -12.597 -2.863  1.00 26.06 ? 19   LYS A CA  1 
ATOM   145  C C   . LYS A 1 20  ? 6.898   -12.984 -1.427  1.00 25.35 ? 19   LYS A C   1 
ATOM   146  O O   . LYS A 1 20  ? 8.071   -12.991 -1.075  1.00 25.37 ? 19   LYS A O   1 
ATOM   147  C CB  . LYS A 1 20  ? 6.902   -13.756 -3.804  1.00 27.01 ? 19   LYS A CB  1 
ATOM   148  C CG  . LYS A 1 20  ? 6.066   -13.886 -5.073  1.00 33.48 ? 19   LYS A CG  1 
ATOM   149  C CD  . LYS A 1 20  ? 6.654   -14.985 -5.982  1.00 35.81 ? 19   LYS A CD  1 
ATOM   150  C CE  . LYS A 1 20  ? 6.053   -16.357 -5.677  1.00 40.66 ? 19   LYS A CE  1 
ATOM   151  N NZ  . LYS A 1 20  ? 6.266   -16.829 -4.263  1.00 45.79 ? 19   LYS A NZ  1 
ATOM   152  N N   . THR A 1 21  ? 5.860   -13.276 -0.636  1.00 25.34 ? 20   THR A N   1 
ATOM   153  C CA  . THR A 1 21  ? 5.998   -13.956 0.646   1.00 25.14 ? 20   THR A CA  1 
ATOM   154  C C   . THR A 1 21  ? 5.259   -15.319 0.503   1.00 24.91 ? 20   THR A C   1 
ATOM   155  O O   . THR A 1 21  ? 4.722   -15.662 -0.545  1.00 21.03 ? 20   THR A O   1 
ATOM   156  C CB  . THR A 1 21  ? 5.275   -13.186 1.803   1.00 25.81 ? 20   THR A CB  1 
ATOM   157  O OG1 . THR A 1 21  ? 3.856   -13.367 1.651   1.00 24.18 ? 20   THR A OG1 1 
ATOM   158  C CG2 . THR A 1 21  ? 5.592   -11.696 1.825   1.00 25.61 ? 20   THR A CG2 1 
ATOM   159  N N   . GLU A 1 22  ? 5.147   -16.043 1.615   1.00 24.95 ? 21   GLU A N   1 
ATOM   160  C CA  . GLU A 1 22  ? 4.528   -17.356 1.593   1.00 24.19 ? 21   GLU A CA  1 
ATOM   161  C C   . GLU A 1 22  ? 3.040   -17.256 1.470   1.00 25.65 ? 21   GLU A C   1 
ATOM   162  O O   . GLU A 1 22  ? 2.379   -18.248 1.116   1.00 25.22 ? 21   GLU A O   1 
ATOM   163  C CB  . GLU A 1 22  ? 4.910   -18.104 2.888   1.00 27.44 ? 21   GLU A CB  1 
ATOM   164  C CG  . GLU A 1 22  ? 6.342   -18.508 2.835   1.00 26.64 ? 21   GLU A CG  1 
ATOM   165  C CD  . GLU A 1 22  ? 7.229   -17.589 3.611   1.00 35.88 ? 21   GLU A CD  1 
ATOM   166  O OE1 . GLU A 1 22  ? 6.887   -16.390 3.771   1.00 39.37 ? 21   GLU A OE1 1 
ATOM   167  O OE2 . GLU A 1 22  ? 8.288   -18.070 4.089   1.00 42.03 ? 21   GLU A OE2 1 
ATOM   168  N N   . TYR A 1 23  ? 2.519   -16.044 1.713   1.00 22.95 ? 22   TYR A N   1 
ATOM   169  C CA  . TYR A 1 23  ? 1.084   -15.800 1.637   1.00 24.26 ? 22   TYR A CA  1 
ATOM   170  C C   . TYR A 1 23  ? 0.650   -15.185 0.286   1.00 23.61 ? 22   TYR A C   1 
ATOM   171  O O   . TYR A 1 23  ? -0.521  -15.058 0.033   1.00 25.44 ? 22   TYR A O   1 
ATOM   172  C CB  . TYR A 1 23  ? 0.662   -14.930 2.831   1.00 23.17 ? 22   TYR A CB  1 
ATOM   173  C CG  . TYR A 1 23  ? 0.660   -15.798 4.097   1.00 22.32 ? 22   TYR A CG  1 
ATOM   174  C CD1 . TYR A 1 23  ? 1.818   -16.019 4.819   1.00 21.57 ? 22   TYR A CD1 1 
ATOM   175  C CD2 . TYR A 1 23  ? -0.506  -16.455 4.491   1.00 24.18 ? 22   TYR A CD2 1 
ATOM   176  C CE1 . TYR A 1 23  ? 1.812   -16.864 5.974   1.00 19.44 ? 22   TYR A CE1 1 
ATOM   177  C CE2 . TYR A 1 23  ? -0.526  -17.275 5.631   1.00 22.93 ? 22   TYR A CE2 1 
ATOM   178  C CZ  . TYR A 1 23  ? 0.626   -17.518 6.326   1.00 25.92 ? 22   TYR A CZ  1 
ATOM   179  O OH  . TYR A 1 23  ? 0.549   -18.376 7.438   1.00 25.68 ? 22   TYR A OH  1 
ATOM   180  N N   . GLY A 1 24  ? 1.603   -14.874 -0.584  1.00 24.96 ? 23   GLY A N   1 
ATOM   181  C CA  . GLY A 1 24  ? 1.230   -14.423 -1.924  1.00 23.25 ? 23   GLY A CA  1 
ATOM   182  C C   . GLY A 1 24  ? 2.217   -13.493 -2.559  1.00 23.95 ? 23   GLY A C   1 
ATOM   183  O O   . GLY A 1 24  ? 3.306   -13.292 -2.047  1.00 22.10 ? 23   GLY A O   1 
ATOM   184  N N   . GLU A 1 25  ? 1.763   -12.883 -3.655  1.00 23.34 ? 24   GLU A N   1 
ATOM   185  C CA  . GLU A 1 25  ? 2.545   -11.919 -4.406  1.00 23.57 ? 24   GLU A CA  1 
ATOM   186  C C   . GLU A 1 25  ? 1.891   -10.582 -4.188  1.00 21.45 ? 24   GLU A C   1 
ATOM   187  O O   . GLU A 1 25  ? 0.647   -10.464 -4.191  1.00 21.68 ? 24   GLU A O   1 
ATOM   188  C CB  . GLU A 1 25  ? 2.513   -12.275 -5.894  1.00 25.47 ? 24   GLU A CB  1 
ATOM   189  C CG  . GLU A 1 25  ? 3.234   -11.306 -6.802  1.00 27.68 ? 24   GLU A CG  1 
ATOM   190  C CD  . GLU A 1 25  ? 3.448   -11.892 -8.215  1.00 29.55 ? 24   GLU A CD  1 
ATOM   191  O OE1 . GLU A 1 25  ? 2.598   -12.654 -8.727  1.00 29.92 ? 24   GLU A OE1 1 
ATOM   192  O OE2 . GLU A 1 25  ? 4.487   -11.567 -8.806  1.00 27.76 ? 24   GLU A OE2 1 
ATOM   193  N N   . PHE A 1 26  ? 2.711   -9.593  -3.885  1.00 18.58 ? 25   PHE A N   1 
ATOM   194  C CA  . PHE A 1 26  ? 2.149   -8.308  -3.561  1.00 19.93 ? 25   PHE A CA  1 
ATOM   195  C C   . PHE A 1 26  ? 2.904   -7.196  -4.285  1.00 18.54 ? 25   PHE A C   1 
ATOM   196  O O   . PHE A 1 26  ? 4.118   -7.295  -4.590  1.00 22.15 ? 25   PHE A O   1 
ATOM   197  C CB  . PHE A 1 26  ? 2.257   -8.071  -2.052  1.00 19.11 ? 25   PHE A CB  1 
ATOM   198  C CG  . PHE A 1 26  ? 1.430   -9.045  -1.220  1.00 22.52 ? 25   PHE A CG  1 
ATOM   199  C CD1 . PHE A 1 26  ? 1.955   -10.276 -0.862  1.00 22.65 ? 25   PHE A CD1 1 
ATOM   200  C CD2 . PHE A 1 26  ? 0.127   -8.735  -0.862  1.00 24.00 ? 25   PHE A CD2 1 
ATOM   201  C CE1 . PHE A 1 26  ? 1.185   -11.184 -0.113  1.00 24.12 ? 25   PHE A CE1 1 
ATOM   202  C CE2 . PHE A 1 26  ? -0.643  -9.614  -0.131  1.00 28.16 ? 25   PHE A CE2 1 
ATOM   203  C CZ  . PHE A 1 26  ? -0.112  -10.842 0.244   1.00 28.08 ? 25   PHE A CZ  1 
ATOM   204  N N   . THR A 1 27  ? 2.231   -6.093  -4.419  1.00 18.33 ? 26   THR A N   1 
ATOM   205  C CA  . THR A 1 27  ? 2.868   -4.837  -4.787  1.00 19.75 ? 26   THR A CA  1 
ATOM   206  C C   . THR A 1 27  ? 3.536   -4.292  -3.506  1.00 19.39 ? 26   THR A C   1 
ATOM   207  O O   . THR A 1 27  ? 2.976   -4.382  -2.447  1.00 19.44 ? 26   THR A O   1 
ATOM   208  C CB  . THR A 1 27  ? 1.837   -3.831  -5.306  1.00 19.48 ? 26   THR A CB  1 
ATOM   209  O OG1 . THR A 1 27  ? 1.279   -4.318  -6.512  1.00 19.52 ? 26   THR A OG1 1 
ATOM   210  C CG2 . THR A 1 27  ? 2.536   -2.432  -5.589  1.00 18.96 ? 26   THR A CG2 1 
ATOM   211  N N   . MET A 1 28  ? 4.767   -3.801  -3.580  1.00 18.69 ? 27   MET A N   1 
ATOM   212  C CA  . MET A 1 28  ? 5.408   -3.195  -2.406  1.00 19.87 ? 27   MET A CA  1 
ATOM   213  C C   . MET A 1 28  ? 5.898   -1.780  -2.733  1.00 19.67 ? 27   MET A C   1 
ATOM   214  O O   . MET A 1 28  ? 6.564   -1.577  -3.753  1.00 21.25 ? 27   MET A O   1 
ATOM   215  C CB  . MET A 1 28  ? 6.604   -4.042  -1.877  1.00 19.05 ? 27   MET A CB  1 
ATOM   216  C CG  . MET A 1 28  ? 7.054   -3.541  -0.505  1.00 21.75 ? 27   MET A CG  1 
ATOM   217  S SD  . MET A 1 28  ? 8.322   -4.575  0.288   1.00 23.58 ? 27   MET A SD  1 
ATOM   218  C CE  . MET A 1 28  ? 9.740   -4.229  -0.706  1.00 20.80 ? 27   MET A CE  1 
ATOM   219  N N   . LEU A 1 29  ? 5.560   -0.823  -1.870  1.00 18.87 ? 28   LEU A N   1 
ATOM   220  C CA  . LEU A 1 29  ? 6.113   0.508   -1.971  1.00 19.66 ? 28   LEU A CA  1 
ATOM   221  C C   . LEU A 1 29  ? 7.258   0.766   -0.967  1.00 21.11 ? 28   LEU A C   1 
ATOM   222  O O   . LEU A 1 29  ? 7.093   0.657   0.297   1.00 20.43 ? 28   LEU A O   1 
ATOM   223  C CB  . LEU A 1 29  ? 5.007   1.545   -1.749  1.00 19.58 ? 28   LEU A CB  1 
ATOM   224  C CG  . LEU A 1 29  ? 5.324   3.009   -2.041  1.00 19.99 ? 28   LEU A CG  1 
ATOM   225  C CD1 . LEU A 1 29  ? 5.547   3.328   -3.522  1.00 20.61 ? 28   LEU A CD1 1 
ATOM   226  C CD2 . LEU A 1 29  ? 4.224   3.914   -1.509  1.00 22.67 ? 28   LEU A CD2 1 
ATOM   227  N N   . GLY A 1 30  ? 8.411   1.115   -1.515  1.00 20.91 ? 29   GLY A N   1 
ATOM   228  C CA  . GLY A 1 30  ? 9.524   1.541   -0.667  1.00 22.36 ? 29   GLY A CA  1 
ATOM   229  C C   . GLY A 1 30  ? 9.254   2.991   -0.240  1.00 22.78 ? 29   GLY A C   1 
ATOM   230  O O   . GLY A 1 30  ? 8.822   3.797   -1.054  1.00 23.08 ? 29   GLY A O   1 
ATOM   231  N N   . ILE A 1 31  ? 9.465   3.305   1.033   1.00 23.81 ? 30   ILE A N   1 
ATOM   232  C CA  . ILE A 1 31  ? 9.127   4.654   1.561   1.00 25.83 ? 30   ILE A CA  1 
ATOM   233  C C   . ILE A 1 31  ? 10.347  5.562   1.846   1.00 26.72 ? 30   ILE A C   1 
ATOM   234  O O   . ILE A 1 31  ? 10.402  6.665   1.368   1.00 27.90 ? 30   ILE A O   1 
ATOM   235  C CB  . ILE A 1 31  ? 8.285   4.584   2.831   1.00 24.09 ? 30   ILE A CB  1 
ATOM   236  C CG1 . ILE A 1 31  ? 7.032   3.726   2.621   1.00 25.69 ? 30   ILE A CG1 1 
ATOM   237  C CG2 . ILE A 1 31  ? 7.888   5.994   3.279   1.00 23.89 ? 30   ILE A CG2 1 
ATOM   238  C CD1 . ILE A 1 31  ? 6.094   4.211   1.545   1.00 23.56 ? 30   ILE A CD1 1 
ATOM   239  N N   . TYR A 1 32  ? 11.302  5.098   2.643   1.00 29.75 ? 31   TYR A N   1 
ATOM   240  C CA  . TYR A 1 32  ? 12.538  5.839   2.724   1.00 31.52 ? 31   TYR A CA  1 
ATOM   241  C C   . TYR A 1 32  ? 13.596  4.882   3.241   1.00 32.36 ? 31   TYR A C   1 
ATOM   242  O O   . TYR A 1 32  ? 13.302  3.843   3.910   1.00 32.84 ? 31   TYR A O   1 
ATOM   243  C CB  . TYR A 1 32  ? 12.349  7.075   3.620   1.00 31.81 ? 31   TYR A CB  1 
ATOM   244  C CG  . TYR A 1 32  ? 12.426  6.738   5.087   1.00 33.05 ? 31   TYR A CG  1 
ATOM   245  C CD1 . TYR A 1 32  ? 11.403  6.012   5.716   1.00 35.31 ? 31   TYR A CD1 1 
ATOM   246  C CD2 . TYR A 1 32  ? 13.558  7.091   5.844   1.00 35.30 ? 31   TYR A CD2 1 
ATOM   247  C CE1 . TYR A 1 32  ? 11.482  5.663   7.065   1.00 36.05 ? 31   TYR A CE1 1 
ATOM   248  C CE2 . TYR A 1 32  ? 13.658  6.757   7.196   1.00 34.00 ? 31   TYR A CE2 1 
ATOM   249  C CZ  . TYR A 1 32  ? 12.640  6.037   7.798   1.00 36.78 ? 31   TYR A CZ  1 
ATOM   250  O OH  . TYR A 1 32  ? 12.734  5.685   9.126   1.00 35.87 ? 31   TYR A OH  1 
ATOM   251  N N   . ASP A 1 33  ? 14.843  5.213   2.948   1.00 34.13 ? 32   ASP A N   1 
ATOM   252  C CA  . ASP A 1 33  ? 15.909  4.410   3.504   1.00 35.63 ? 32   ASP A CA  1 
ATOM   253  C C   . ASP A 1 33  ? 15.675  2.907   3.126   1.00 34.59 ? 32   ASP A C   1 
ATOM   254  O O   . ASP A 1 33  ? 15.542  2.593   1.934   1.00 34.72 ? 32   ASP A O   1 
ATOM   255  C CB  . ASP A 1 33  ? 15.920  4.679   5.011   1.00 36.80 ? 32   ASP A CB  1 
ATOM   256  C CG  . ASP A 1 33  ? 17.062  4.045   5.690   1.00 39.97 ? 32   ASP A CG  1 
ATOM   257  O OD1 . ASP A 1 33  ? 18.136  3.904   5.047   1.00 46.50 ? 32   ASP A OD1 1 
ATOM   258  O OD2 . ASP A 1 33  ? 16.872  3.659   6.854   1.00 44.99 ? 32   ASP A OD2 1 
ATOM   259  N N   . ARG A 1 34  ? 15.604  1.989   4.087   1.00 34.20 ? 33   ARG A N   1 
ATOM   260  C CA  . ARG A 1 34  ? 15.283  0.579   3.747   1.00 33.14 ? 33   ARG A CA  1 
ATOM   261  C C   . ARG A 1 34  ? 13.939  0.110   4.239   1.00 32.21 ? 33   ARG A C   1 
ATOM   262  O O   . ARG A 1 34  ? 13.722  -1.117  4.414   1.00 31.71 ? 33   ARG A O   1 
ATOM   263  C CB  . ARG A 1 34  ? 16.343  -0.396  4.284   1.00 33.80 ? 33   ARG A CB  1 
ATOM   264  C CG  . ARG A 1 34  ? 17.650  -0.345  3.484   1.00 35.26 ? 33   ARG A CG  1 
ATOM   265  C CD  . ARG A 1 34  ? 18.635  0.574   4.190   1.00 39.19 ? 33   ARG A CD  1 
ATOM   266  N NE  . ARG A 1 34  ? 19.844  0.793   3.414   1.00 41.70 ? 33   ARG A NE  1 
ATOM   267  C CZ  . ARG A 1 34  ? 20.946  1.344   3.922   1.00 44.25 ? 33   ARG A CZ  1 
ATOM   268  N NH1 . ARG A 1 34  ? 20.971  1.707   5.218   1.00 41.50 ? 33   ARG A NH1 1 
ATOM   269  N NH2 . ARG A 1 34  ? 22.019  1.518   3.141   1.00 42.02 ? 33   ARG A NH2 1 
ATOM   270  N N   . TRP A 1 35  ? 13.076  1.084   4.515   1.00 30.53 ? 34   TRP A N   1 
ATOM   271  C CA  . TRP A 1 35  ? 11.744  0.821   5.031   1.00 29.27 ? 34   TRP A CA  1 
ATOM   272  C C   . TRP A 1 35  ? 10.767  0.789   3.888   1.00 27.18 ? 34   TRP A C   1 
ATOM   273  O O   . TRP A 1 35  ? 10.693  1.737   3.123   1.00 26.16 ? 34   TRP A O   1 
ATOM   274  C CB  . TRP A 1 35  ? 11.305  1.889   6.031   1.00 29.86 ? 34   TRP A CB  1 
ATOM   275  C CG  . TRP A 1 35  ? 11.892  1.689   7.417   1.00 29.72 ? 34   TRP A CG  1 
ATOM   276  C CD1 . TRP A 1 35  ? 12.889  2.402   7.966   1.00 27.72 ? 34   TRP A CD1 1 
ATOM   277  C CD2 . TRP A 1 35  ? 11.483  0.722   8.396   1.00 28.12 ? 34   TRP A CD2 1 
ATOM   278  N NE1 . TRP A 1 35  ? 13.131  1.950   9.249   1.00 30.11 ? 34   TRP A NE1 1 
ATOM   279  C CE2 . TRP A 1 35  ? 12.286  0.912   9.532   1.00 29.48 ? 34   TRP A CE2 1 
ATOM   280  C CE3 . TRP A 1 35  ? 10.520  -0.301  8.419   1.00 32.37 ? 34   TRP A CE3 1 
ATOM   281  C CZ2 . TRP A 1 35  ? 12.174  0.121   10.682  1.00 30.38 ? 34   TRP A CZ2 1 
ATOM   282  C CZ3 . TRP A 1 35  ? 10.390  -1.080  9.582   1.00 31.95 ? 34   TRP A CZ3 1 
ATOM   283  C CH2 . TRP A 1 35  ? 11.235  -0.870  10.689  1.00 32.13 ? 34   TRP A CH2 1 
ATOM   284  N N   . ALA A 1 36  ? 9.956   -0.267  3.866   1.00 26.20 ? 35   ALA A N   1 
ATOM   285  C CA  . ALA A 1 36  ? 8.815   -0.323  2.924   1.00 25.22 ? 35   ALA A CA  1 
ATOM   286  C C   . ALA A 1 36  ? 7.579   -0.778  3.671   1.00 24.67 ? 35   ALA A C   1 
ATOM   287  O O   . ALA A 1 36  ? 7.592   -0.962  4.907   1.00 24.69 ? 35   ALA A O   1 
ATOM   288  C CB  . ALA A 1 36  ? 9.131   -1.345  1.784   1.00 25.43 ? 35   ALA A CB  1 
ATOM   289  N N   . VAL A 1 37  ? 6.508   -0.972  2.915   1.00 22.37 ? 36   VAL A N   1 
ATOM   290  C CA  . VAL A 1 37  ? 5.281   -1.294  3.520   1.00 21.06 ? 36   VAL A CA  1 
ATOM   291  C C   . VAL A 1 37  ? 4.563   -2.342  2.670   1.00 20.48 ? 36   VAL A C   1 
ATOM   292  O O   . VAL A 1 37  ? 4.623   -2.331  1.404   1.00 19.88 ? 36   VAL A O   1 
ATOM   293  C CB  . VAL A 1 37  ? 4.443   0.011   3.729   1.00 19.13 ? 36   VAL A CB  1 
ATOM   294  C CG1 . VAL A 1 37  ? 4.225   0.738   2.393   1.00 19.13 ? 36   VAL A CG1 1 
ATOM   295  C CG2 . VAL A 1 37  ? 3.112   -0.315  4.399   1.00 20.31 ? 36   VAL A CG2 1 
ATOM   296  N N   . LEU A 1 38  ? 3.866   -3.241  3.370   1.00 23.11 ? 37   LEU A N   1 
ATOM   297  C CA  . LEU A 1 38  ? 2.987   -4.213  2.762   1.00 21.84 ? 37   LEU A CA  1 
ATOM   298  C C   . LEU A 1 38  ? 1.660   -4.254  3.522   1.00 22.57 ? 37   LEU A C   1 
ATOM   299  O O   . LEU A 1 38  ? 1.553   -3.804  4.687   1.00 22.07 ? 37   LEU A O   1 
ATOM   300  C CB  . LEU A 1 38  ? 3.632   -5.582  2.904   1.00 22.09 ? 37   LEU A CB  1 
ATOM   301  C CG  . LEU A 1 38  ? 4.862   -5.858  2.039   1.00 20.16 ? 37   LEU A CG  1 
ATOM   302  C CD1 . LEU A 1 38  ? 5.406   -7.143  2.521   1.00 19.73 ? 37   LEU A CD1 1 
ATOM   303  C CD2 . LEU A 1 38  ? 4.405   -6.012  0.615   1.00 20.27 ? 37   LEU A CD2 1 
ATOM   304  N N   . PRO A 1 39  ? 0.648   -4.856  2.915   1.00 23.63 ? 38   PRO A N   1 
ATOM   305  C CA  . PRO A 1 39  ? -0.588  -5.039  3.683   1.00 25.03 ? 38   PRO A CA  1 
ATOM   306  C C   . PRO A 1 39  ? -0.314  -6.087  4.720   1.00 26.59 ? 38   PRO A C   1 
ATOM   307  O O   . PRO A 1 39  ? 0.606   -6.894  4.520   1.00 25.84 ? 38   PRO A O   1 
ATOM   308  C CB  . PRO A 1 39  ? -1.572  -5.580  2.672   1.00 26.06 ? 38   PRO A CB  1 
ATOM   309  C CG  . PRO A 1 39  ? -0.884  -5.594  1.377   1.00 26.35 ? 38   PRO A CG  1 
ATOM   310  C CD  . PRO A 1 39  ? 0.548   -5.345  1.530   1.00 24.75 ? 38   PRO A CD  1 
ATOM   311  N N   . ARG A 1 40  ? -1.014  -5.996  5.871   1.00 27.17 ? 39   ARG A N   1 
ATOM   312  C CA  . ARG A 1 40  ? -0.672  -6.854  7.004   1.00 29.20 ? 39   ARG A CA  1 
ATOM   313  C C   . ARG A 1 40  ? -0.710  -8.307  6.603   1.00 28.52 ? 39   ARG A C   1 
ATOM   314  O O   . ARG A 1 40  ? 0.225   -9.073  6.889   1.00 29.19 ? 39   ARG A O   1 
ATOM   315  C CB  . ARG A 1 40  ? -1.541  -6.614  8.242   1.00 28.67 ? 39   ARG A CB  1 
ATOM   316  C CG  . ARG A 1 40  ? -0.910  -7.326  9.539   1.00 34.66 ? 39   ARG A CG  1 
ATOM   317  C CD  . ARG A 1 40  ? -1.883  -7.428  10.730  1.00 39.90 ? 39   ARG A CD  1 
ATOM   318  N NE  . ARG A 1 40  ? -3.252  -7.672  10.250  1.00 46.23 ? 39   ARG A NE  1 
ATOM   319  C CZ  . ARG A 1 40  ? -3.650  -8.802  9.657   1.00 49.64 ? 39   ARG A CZ  1 
ATOM   320  N NH1 . ARG A 1 40  ? -2.782  -9.807  9.471   1.00 52.22 ? 39   ARG A NH1 1 
ATOM   321  N NH2 . ARG A 1 40  ? -4.907  -8.931  9.237   1.00 49.96 ? 39   ARG A NH2 1 
ATOM   322  N N   . HIS A 1 41  ? -1.776  -8.654  5.917   1.00 29.21 ? 40   HIS A N   1 
ATOM   323  C CA  . HIS A 1 41  ? -2.052  -10.033 5.542   1.00 30.09 ? 40   HIS A CA  1 
ATOM   324  C C   . HIS A 1 41  ? -1.045  -10.643 4.604   1.00 29.38 ? 40   HIS A C   1 
ATOM   325  O O   . HIS A 1 41  ? -1.118  -11.857 4.334   1.00 29.35 ? 40   HIS A O   1 
ATOM   326  C CB  . HIS A 1 41  ? -3.451  -10.157 4.961   1.00 31.88 ? 40   HIS A CB  1 
ATOM   327  C CG  . HIS A 1 41  ? -3.673  -9.300  3.758   1.00 35.71 ? 40   HIS A CG  1 
ATOM   328  N ND1 . HIS A 1 41  ? -4.370  -8.106  3.804   1.00 38.17 ? 40   HIS A ND1 1 
ATOM   329  C CD2 . HIS A 1 41  ? -3.284  -9.461  2.466   1.00 38.64 ? 40   HIS A CD2 1 
ATOM   330  C CE1 . HIS A 1 41  ? -4.416  -7.575  2.595   1.00 39.48 ? 40   HIS A CE1 1 
ATOM   331  N NE2 . HIS A 1 41  ? -3.766  -8.380  1.766   1.00 42.91 ? 40   HIS A NE2 1 
ATOM   332  N N   . ALA A 1 42  ? -0.114  -9.827  4.075   1.00 28.34 ? 41   ALA A N   1 
ATOM   333  C CA  . ALA A 1 42  ? 1.072   -10.391 3.393   1.00 27.46 ? 41   ALA A CA  1 
ATOM   334  C C   . ALA A 1 42  ? 1.938   -11.196 4.375   1.00 27.55 ? 41   ALA A C   1 
ATOM   335  O O   . ALA A 1 42  ? 2.735   -12.061 3.962   1.00 28.34 ? 41   ALA A O   1 
ATOM   336  C CB  . ALA A 1 42  ? 1.909   -9.284  2.725   1.00 26.84 ? 41   ALA A CB  1 
ATOM   337  N N   . LYS A 1 43  ? 1.787   -10.952 5.667   1.00 27.69 ? 42   LYS A N   1 
ATOM   338  C CA  . LYS A 1 43  ? 2.530   -11.756 6.701   1.00 28.33 ? 42   LYS A CA  1 
ATOM   339  C C   . LYS A 1 43  ? 3.987   -12.079 6.280   1.00 28.85 ? 42   LYS A C   1 
ATOM   340  O O   . LYS A 1 43  ? 4.346   -13.280 6.110   1.00 30.04 ? 42   LYS A O   1 
ATOM   341  C CB  . LYS A 1 43  ? 1.756   -13.072 6.988   1.00 27.61 ? 42   LYS A CB  1 
ATOM   342  C CG  . LYS A 1 43  ? 0.320   -12.855 7.429   1.00 30.71 ? 42   LYS A CG  1 
ATOM   343  C CD  . LYS A 1 43  ? -0.519  -14.151 7.428   1.00 28.41 ? 42   LYS A CD  1 
ATOM   344  C CE  . LYS A 1 43  ? -2.024  -13.839 7.545   1.00 32.91 ? 42   LYS A CE  1 
ATOM   345  N NZ  . LYS A 1 43  ? -2.308  -13.503 8.964   1.00 32.37 ? 42   LYS A NZ  1 
ATOM   346  N N   . PRO A 1 44  ? 4.841   -11.039 6.098   1.00 29.48 ? 43   PRO A N   1 
ATOM   347  C CA  . PRO A 1 44  ? 6.203   -11.310 5.615   1.00 29.57 ? 43   PRO A CA  1 
ATOM   348  C C   . PRO A 1 44  ? 7.011   -12.118 6.626   1.00 32.41 ? 43   PRO A C   1 
ATOM   349  O O   . PRO A 1 44  ? 7.021   -11.797 7.842   1.00 33.87 ? 43   PRO A O   1 
ATOM   350  C CB  . PRO A 1 44  ? 6.823   -9.925  5.475   1.00 29.67 ? 43   PRO A CB  1 
ATOM   351  C CG  . PRO A 1 44  ? 5.911   -8.996  6.268   1.00 28.17 ? 43   PRO A CG  1 
ATOM   352  C CD  . PRO A 1 44  ? 4.561   -9.590  6.155   1.00 29.11 ? 43   PRO A CD  1 
ATOM   353  N N   . GLY A 1 45  ? 7.745   -13.099 6.129   1.00 33.46 ? 44   GLY A N   1 
ATOM   354  C CA  . GLY A 1 45  ? 8.621   -13.899 6.984   1.00 34.85 ? 44   GLY A CA  1 
ATOM   355  C C   . GLY A 1 45  ? 9.999   -13.265 7.069   1.00 34.71 ? 44   GLY A C   1 
ATOM   356  O O   . GLY A 1 45  ? 10.162  -12.102 6.688   1.00 35.16 ? 44   GLY A O   1 
ATOM   357  N N   . PRO A 1 46  ? 11.002  -14.031 7.571   1.00 35.31 ? 45   PRO A N   1 
ATOM   358  C CA  . PRO A 1 46  ? 12.383  -13.534 7.763   1.00 35.46 ? 45   PRO A CA  1 
ATOM   359  C C   . PRO A 1 46  ? 13.103  -13.245 6.442   1.00 35.22 ? 45   PRO A C   1 
ATOM   360  O O   . PRO A 1 46  ? 14.080  -12.462 6.435   1.00 35.50 ? 45   PRO A O   1 
ATOM   361  C CB  . PRO A 1 46  ? 13.099  -14.675 8.532   1.00 35.08 ? 45   PRO A CB  1 
ATOM   362  C CG  . PRO A 1 46  ? 11.965  -15.657 8.938   1.00 36.16 ? 45   PRO A CG  1 
ATOM   363  C CD  . PRO A 1 46  ? 10.848  -15.456 7.963   1.00 36.34 ? 45   PRO A CD  1 
ATOM   364  N N   . THR A 1 47  ? 12.649  -13.902 5.359   1.00 34.46 ? 46   THR A N   1 
ATOM   365  C CA  . THR A 1 47  ? 12.999  -13.503 3.986   1.00 34.53 ? 46   THR A CA  1 
ATOM   366  C C   . THR A 1 47  ? 11.800  -13.324 3.055   1.00 32.84 ? 46   THR A C   1 
ATOM   367  O O   . THR A 1 47  ? 10.762  -14.029 3.172   1.00 33.77 ? 46   THR A O   1 
ATOM   368  C CB  . THR A 1 47  ? 14.017  -14.448 3.300   1.00 35.55 ? 46   THR A CB  1 
ATOM   369  O OG1 . THR A 1 47  ? 14.478  -13.808 2.099   1.00 39.09 ? 46   THR A OG1 1 
ATOM   370  C CG2 . THR A 1 47  ? 13.389  -15.778 2.902   1.00 36.06 ? 46   THR A CG2 1 
ATOM   371  N N   . ILE A 1 48  ? 11.943  -12.394 2.114   1.00 31.45 ? 47   ILE A N   1 
ATOM   372  C CA  . ILE A 1 48  ? 10.932  -12.181 1.063   1.00 29.42 ? 47   ILE A CA  1 
ATOM   373  C C   . ILE A 1 48  ? 11.608  -12.277 -0.302  1.00 30.50 ? 47   ILE A C   1 
ATOM   374  O O   . ILE A 1 48  ? 12.853  -12.221 -0.387  1.00 29.74 ? 47   ILE A O   1 
ATOM   375  C CB  . ILE A 1 48  ? 10.259  -10.781 1.195   1.00 30.12 ? 47   ILE A CB  1 
ATOM   376  C CG1 . ILE A 1 48  ? 11.348  -9.688  1.137   1.00 26.44 ? 47   ILE A CG1 1 
ATOM   377  C CG2 . ILE A 1 48  ? 9.345   -10.719 2.453   1.00 26.58 ? 47   ILE A CG2 1 
ATOM   378  C CD1 . ILE A 1 48  ? 10.796  -8.275  0.820   1.00 27.98 ? 47   ILE A CD1 1 
ATOM   379  N N   . LEU A 1 49  ? 10.802  -12.432 -1.352  1.00 30.72 ? 48   LEU A N   1 
ATOM   380  C CA  . LEU A 1 49  ? 11.313  -12.323 -2.758  1.00 32.07 ? 48   LEU A CA  1 
ATOM   381  C C   . LEU A 1 49  ? 10.967  -10.933 -3.265  1.00 30.82 ? 48   LEU A C   1 
ATOM   382  O O   . LEU A 1 49  ? 9.813   -10.539 -3.191  1.00 31.44 ? 48   LEU A O   1 
ATOM   383  C CB  . LEU A 1 49  ? 10.683  -13.413 -3.642  1.00 31.97 ? 48   LEU A CB  1 
ATOM   384  C CG  . LEU A 1 49  ? 11.746  -14.206 -4.378  1.00 36.45 ? 48   LEU A CG  1 
ATOM   385  C CD1 . LEU A 1 49  ? 12.734  -14.808 -3.384  1.00 38.84 ? 48   LEU A CD1 1 
ATOM   386  C CD2 . LEU A 1 49  ? 11.132  -15.276 -5.224  1.00 38.71 ? 48   LEU A CD2 1 
ATOM   387  N N   . MET A 1 50  ? 11.979  -10.169 -3.661  1.00 30.54 ? 49   MET A N   1 
ATOM   388  C CA  . MET A 1 50  ? 11.798  -8.810  -4.130  1.00 31.30 ? 49   MET A CA  1 
ATOM   389  C C   . MET A 1 50  ? 12.365  -8.771  -5.537  1.00 31.78 ? 49   MET A C   1 
ATOM   390  O O   . MET A 1 50  ? 13.563  -9.045  -5.712  1.00 32.79 ? 49   MET A O   1 
ATOM   391  C CB  . MET A 1 50  ? 12.573  -7.827  -3.258  1.00 31.17 ? 49   MET A CB  1 
ATOM   392  C CG  . MET A 1 50  ? 12.479  -6.400  -3.729  1.00 30.68 ? 49   MET A CG  1 
ATOM   393  S SD  . MET A 1 50  ? 13.092  -5.328  -2.453  1.00 33.66 ? 49   MET A SD  1 
ATOM   394  C CE  . MET A 1 50  ? 13.076  -3.685  -3.178  1.00 33.10 ? 49   MET A CE  1 
ATOM   395  N N   . ASN A 1 51  ? 11.513  -8.475  -6.532  1.00 32.32 ? 50   ASN A N   1 
ATOM   396  C CA  . ASN A 1 51  ? 11.878  -8.628  -7.956  1.00 31.76 ? 50   ASN A CA  1 
ATOM   397  C C   . ASN A 1 51  ? 12.747  -9.885  -8.152  1.00 32.91 ? 50   ASN A C   1 
ATOM   398  O O   . ASN A 1 51  ? 13.896  -9.812  -8.611  1.00 31.42 ? 50   ASN A O   1 
ATOM   399  C CB  . ASN A 1 51  ? 12.587  -7.375  -8.505  1.00 33.27 ? 50   ASN A CB  1 
ATOM   400  C CG  . ASN A 1 51  ? 11.776  -6.102  -8.271  1.00 31.85 ? 50   ASN A CG  1 
ATOM   401  O OD1 . ASN A 1 51  ? 10.553  -6.097  -8.397  1.00 29.71 ? 50   ASN A OD1 1 
ATOM   402  N ND2 . ASN A 1 51  ? 12.458  -5.032  -7.916  1.00 33.40 ? 50   ASN A ND2 1 
ATOM   403  N N   . ASP A 1 52  ? 12.206  -11.010 -7.686  1.00 33.23 ? 51   ASP A N   1 
ATOM   404  C CA  . ASP A 1 52  ? 12.778  -12.338 -7.904  1.00 34.76 ? 51   ASP A CA  1 
ATOM   405  C C   . ASP A 1 52  ? 14.066  -12.602 -7.177  1.00 35.66 ? 51   ASP A C   1 
ATOM   406  O O   . ASP A 1 52  ? 14.726  -13.642 -7.389  1.00 36.07 ? 51   ASP A O   1 
ATOM   407  C CB  . ASP A 1 52  ? 12.979  -12.605 -9.388  1.00 36.09 ? 51   ASP A CB  1 
ATOM   408  C CG  . ASP A 1 52  ? 11.670  -12.678 -10.147 1.00 37.63 ? 51   ASP A CG  1 
ATOM   409  O OD1 . ASP A 1 52  ? 10.677  -13.253 -9.620  1.00 40.59 ? 51   ASP A OD1 1 
ATOM   410  O OD2 . ASP A 1 52  ? 11.671  -12.179 -11.293 1.00 40.52 ? 51   ASP A OD2 1 
ATOM   411  N N   . GLN A 1 53  ? 14.424  -11.698 -6.289  1.00 36.14 ? 52   GLN A N   1 
ATOM   412  C CA  . GLN A 1 53  ? 15.650  -11.871 -5.530  1.00 37.43 ? 52   GLN A CA  1 
ATOM   413  C C   . GLN A 1 53  ? 15.396  -12.032 -4.028  1.00 37.26 ? 52   GLN A C   1 
ATOM   414  O O   . GLN A 1 53  ? 14.622  -11.292 -3.438  1.00 36.08 ? 52   GLN A O   1 
ATOM   415  C CB  . GLN A 1 53  ? 16.550  -10.677 -5.802  1.00 36.78 ? 52   GLN A CB  1 
ATOM   416  C CG  . GLN A 1 53  ? 17.929  -10.872 -5.316  1.00 41.64 ? 52   GLN A CG  1 
ATOM   417  C CD  . GLN A 1 53  ? 18.779  -9.639  -5.546  1.00 45.96 ? 52   GLN A CD  1 
ATOM   418  O OE1 . GLN A 1 53  ? 18.465  -8.797  -6.415  1.00 47.79 ? 52   GLN A OE1 1 
ATOM   419  N NE2 . GLN A 1 53  ? 19.841  -9.501  -4.756  1.00 45.31 ? 52   GLN A NE2 1 
ATOM   420  N N   . GLU A 1 54  ? 16.091  -12.978 -3.403  1.00 38.24 ? 53   GLU A N   1 
ATOM   421  C CA  . GLU A 1 54  ? 15.950  -13.158 -1.960  1.00 39.49 ? 53   GLU A CA  1 
ATOM   422  C C   . GLU A 1 54  ? 16.470  -11.959 -1.126  1.00 38.69 ? 53   GLU A C   1 
ATOM   423  O O   . GLU A 1 54  ? 17.604  -11.496 -1.299  1.00 38.91 ? 53   GLU A O   1 
ATOM   424  C CB  . GLU A 1 54  ? 16.547  -14.484 -1.484  1.00 40.44 ? 53   GLU A CB  1 
ATOM   425  C CG  . GLU A 1 54  ? 16.583  -14.583 0.072   1.00 45.36 ? 53   GLU A CG  1 
ATOM   426  C CD  . GLU A 1 54  ? 16.908  -15.988 0.581   1.00 50.77 ? 53   GLU A CD  1 
ATOM   427  O OE1 . GLU A 1 54  ? 18.032  -16.481 0.303   1.00 52.75 ? 53   GLU A OE1 1 
ATOM   428  O OE2 . GLU A 1 54  ? 16.036  -16.581 1.259   1.00 52.30 ? 53   GLU A OE2 1 
ATOM   429  N N   . VAL A 1 55  ? 15.597  -11.418 -0.263  1.00 37.50 ? 54   VAL A N   1 
ATOM   430  C CA  . VAL A 1 55  ? 15.990  -10.302 0.594   1.00 35.30 ? 54   VAL A CA  1 
ATOM   431  C C   . VAL A 1 55  ? 15.558  -10.568 2.039   1.00 34.61 ? 54   VAL A C   1 
ATOM   432  O O   . VAL A 1 55  ? 14.389  -10.927 2.305   1.00 32.40 ? 54   VAL A O   1 
ATOM   433  C CB  . VAL A 1 55  ? 15.441  -8.911  0.052   1.00 36.22 ? 54   VAL A CB  1 
ATOM   434  C CG1 . VAL A 1 55  ? 15.681  -7.787  1.035   1.00 35.65 ? 54   VAL A CG1 1 
ATOM   435  C CG2 . VAL A 1 55  ? 16.066  -8.554  -1.266  1.00 33.35 ? 54   VAL A CG2 1 
ATOM   436  N N   . GLY A 1 56  ? 16.512  -10.395 2.962   1.00 34.70 ? 55   GLY A N   1 
ATOM   437  C CA  . GLY A 1 56  ? 16.279  -10.598 4.402   1.00 34.73 ? 55   GLY A CA  1 
ATOM   438  C C   . GLY A 1 56  ? 15.530  -9.435  5.027   1.00 34.37 ? 55   GLY A C   1 
ATOM   439  O O   . GLY A 1 56  ? 15.823  -8.288  4.780   1.00 34.13 ? 55   GLY A O   1 
ATOM   440  N N   . VAL A 1 57  ? 14.546  -9.756  5.846   1.00 36.30 ? 56   VAL A N   1 
ATOM   441  C CA  . VAL A 1 57  ? 13.717  -8.774  6.500   1.00 36.34 ? 56   VAL A CA  1 
ATOM   442  C C   . VAL A 1 57  ? 14.292  -8.607  7.905   1.00 38.47 ? 56   VAL A C   1 
ATOM   443  O O   . VAL A 1 57  ? 14.168  -9.531  8.739   1.00 39.42 ? 56   VAL A O   1 
ATOM   444  C CB  . VAL A 1 57  ? 12.262  -9.308  6.555   1.00 36.89 ? 56   VAL A CB  1 
ATOM   445  C CG1 . VAL A 1 57  ? 11.367  -8.387  7.379   1.00 35.72 ? 56   VAL A CG1 1 
ATOM   446  C CG2 . VAL A 1 57  ? 11.695  -9.505  5.121   1.00 34.60 ? 56   VAL A CG2 1 
ATOM   447  N N   . LEU A 1 58  ? 14.961  -7.473  8.163   1.00 39.11 ? 57   LEU A N   1 
ATOM   448  C CA  . LEU A 1 58  ? 15.574  -7.184  9.482   1.00 40.05 ? 57   LEU A CA  1 
ATOM   449  C C   . LEU A 1 58  ? 14.562  -6.862  10.570  1.00 40.88 ? 57   LEU A C   1 
ATOM   450  O O   . LEU A 1 58  ? 14.805  -7.129  11.747  1.00 41.12 ? 57   LEU A O   1 
ATOM   451  C CB  . LEU A 1 58  ? 16.582  -6.043  9.395   1.00 39.75 ? 57   LEU A CB  1 
ATOM   452  C CG  . LEU A 1 58  ? 17.726  -6.318  8.438   1.00 41.46 ? 57   LEU A CG  1 
ATOM   453  C CD1 . LEU A 1 58  ? 18.529  -5.035  8.226   1.00 43.05 ? 57   LEU A CD1 1 
ATOM   454  C CD2 . LEU A 1 58  ? 18.566  -7.531  8.927   1.00 40.62 ? 57   LEU A CD2 1 
ATOM   455  N N   . ASP A 1 59  ? 13.423  -6.298  10.178  1.00 41.49 ? 58   ASP A N   1 
ATOM   456  C CA  . ASP A 1 59  ? 12.415  -5.923  11.150  1.00 42.04 ? 58   ASP A CA  1 
ATOM   457  C C   . ASP A 1 59  ? 11.055  -5.979  10.494  1.00 41.39 ? 58   ASP A C   1 
ATOM   458  O O   . ASP A 1 59  ? 10.945  -5.767  9.299   1.00 41.80 ? 58   ASP A O   1 
ATOM   459  C CB  . ASP A 1 59  ? 12.723  -4.494  11.652  1.00 43.25 ? 58   ASP A CB  1 
ATOM   460  C CG  . ASP A 1 59  ? 12.311  -4.257  13.094  1.00 44.62 ? 58   ASP A CG  1 
ATOM   461  O OD1 . ASP A 1 59  ? 11.821  -5.194  13.763  1.00 46.77 ? 58   ASP A OD1 1 
ATOM   462  O OD2 . ASP A 1 59  ? 12.448  -3.100  13.547  1.00 47.87 ? 58   ASP A OD2 1 
ATOM   463  N N   . ALA A 1 60  ? 10.008  -6.282  11.251  1.00 40.79 ? 59   ALA A N   1 
ATOM   464  C CA  . ALA A 1 60  ? 8.676   -5.967  10.768  1.00 39.88 ? 59   ALA A CA  1 
ATOM   465  C C   . ALA A 1 60  ? 7.818   -5.465  11.922  1.00 39.74 ? 59   ALA A C   1 
ATOM   466  O O   . ALA A 1 60  ? 7.946   -5.967  13.042  1.00 39.64 ? 59   ALA A O   1 
ATOM   467  C CB  . ALA A 1 60  ? 8.031   -7.165  10.072  1.00 39.58 ? 59   ALA A CB  1 
ATOM   468  N N   . LYS A 1 61  ? 6.965   -4.483  11.634  1.00 38.17 ? 60   LYS A N   1 
ATOM   469  C CA  . LYS A 1 61  ? 6.098   -3.836  12.613  1.00 37.56 ? 60   LYS A CA  1 
ATOM   470  C C   . LYS A 1 61  ? 4.655   -3.854  12.147  1.00 36.49 ? 60   LYS A C   1 
ATOM   471  O O   . LYS A 1 61  ? 4.264   -3.036  11.341  1.00 36.56 ? 60   LYS A O   1 
ATOM   472  C CB  . LYS A 1 61  ? 6.520   -2.370  12.777  1.00 38.33 ? 60   LYS A CB  1 
ATOM   473  C CG  . LYS A 1 61  ? 7.872   -2.126  13.452  1.00 40.35 ? 60   LYS A CG  1 
ATOM   474  C CD  . LYS A 1 61  ? 8.122   -0.634  13.626  1.00 47.23 ? 60   LYS A CD  1 
ATOM   475  C CE  . LYS A 1 61  ? 9.638   -0.288  13.719  1.00 49.44 ? 60   LYS A CE  1 
ATOM   476  N NZ  . LYS A 1 61  ? 10.498  -1.280  14.459  1.00 50.51 ? 60   LYS A NZ  1 
ATOM   477  N N   . GLU A 1 62  ? 3.871   -4.799  12.630  1.00 35.37 ? 61   GLU A N   1 
ATOM   478  C CA  . GLU A 1 62  ? 2.453   -4.803  12.346  1.00 35.77 ? 61   GLU A CA  1 
ATOM   479  C C   . GLU A 1 62  ? 1.771   -3.621  13.031  1.00 34.99 ? 61   GLU A C   1 
ATOM   480  O O   . GLU A 1 62  ? 1.768   -3.505  14.271  1.00 36.29 ? 61   GLU A O   1 
ATOM   481  C CB  . GLU A 1 62  ? 1.843   -6.144  12.755  1.00 36.41 ? 61   GLU A CB  1 
ATOM   482  C CG  . GLU A 1 62  ? 2.561   -7.380  12.120  1.00 40.34 ? 61   GLU A CG  1 
ATOM   483  C CD  . GLU A 1 62  ? 1.691   -8.638  11.991  1.00 46.99 ? 61   GLU A CD  1 
ATOM   484  O OE1 . GLU A 1 62  ? 0.513   -8.635  12.421  1.00 49.14 ? 61   GLU A OE1 1 
ATOM   485  O OE2 . GLU A 1 62  ? 2.192   -9.647  11.437  1.00 50.82 ? 61   GLU A OE2 1 
ATOM   486  N N   . LEU A 1 63  ? 1.203   -2.718  12.244  1.00 33.51 ? 62   LEU A N   1 
ATOM   487  C CA  . LEU A 1 63  ? 0.615   -1.509  12.813  1.00 31.16 ? 62   LEU A CA  1 
ATOM   488  C C   . LEU A 1 63  ? -0.800  -1.619  13.401  1.00 30.93 ? 62   LEU A C   1 
ATOM   489  O O   . LEU A 1 63  ? -1.755  -2.160  12.773  1.00 29.05 ? 62   LEU A O   1 
ATOM   490  C CB  . LEU A 1 63  ? 0.757   -0.293  11.855  1.00 31.12 ? 62   LEU A CB  1 
ATOM   491  C CG  . LEU A 1 63  ? 2.164   0.138   11.379  1.00 30.09 ? 62   LEU A CG  1 
ATOM   492  C CD1 . LEU A 1 63  ? 2.102   1.390   10.450  1.00 27.29 ? 62   LEU A CD1 1 
ATOM   493  C CD2 . LEU A 1 63  ? 3.173   0.438   12.462  1.00 32.94 ? 62   LEU A CD2 1 
ATOM   494  N N   . VAL A 1 64  ? -0.901  -1.087  14.634  1.00 31.59 ? 63   VAL A N   1 
ATOM   495  C CA  . VAL A 1 64  ? -2.155  -0.923  15.397  1.00 32.31 ? 63   VAL A CA  1 
ATOM   496  C C   . VAL A 1 64  ? -2.241  0.492   15.995  1.00 32.16 ? 63   VAL A C   1 
ATOM   497  O O   . VAL A 1 64  ? -1.207  1.142   16.197  1.00 31.53 ? 63   VAL A O   1 
ATOM   498  C CB  . VAL A 1 64  ? -2.241  -1.960  16.552  1.00 32.54 ? 63   VAL A CB  1 
ATOM   499  C CG1 . VAL A 1 64  ? -2.605  -3.344  15.998  1.00 32.19 ? 63   VAL A CG1 1 
ATOM   500  C CG2 . VAL A 1 64  ? -0.915  -2.008  17.293  1.00 34.85 ? 63   VAL A CG2 1 
ATOM   501  N N   . ASP A 1 65  ? -3.479  0.945   16.252  1.00 32.72 ? 64   ASP A N   1 
ATOM   502  C CA  . ASP A 1 65  ? -3.726  2.245   16.876  1.00 33.16 ? 64   ASP A CA  1 
ATOM   503  C C   . ASP A 1 65  ? -3.566  2.118   18.372  1.00 33.98 ? 64   ASP A C   1 
ATOM   504  O O   . ASP A 1 65  ? -3.184  1.042   18.874  1.00 34.05 ? 64   ASP A O   1 
ATOM   505  C CB  . ASP A 1 65  ? -5.049  2.899   16.466  1.00 32.85 ? 64   ASP A CB  1 
ATOM   506  C CG  . ASP A 1 65  ? -6.297  2.234   17.066  1.00 33.30 ? 64   ASP A CG  1 
ATOM   507  O OD1 . ASP A 1 65  ? -6.235  1.358   17.969  1.00 35.55 ? 64   ASP A OD1 1 
ATOM   508  O OD2 . ASP A 1 65  ? -7.387  2.620   16.608  1.00 37.67 ? 64   ASP A OD2 1 
ATOM   509  N N   . LYS A 1 66  ? -3.792  3.230   19.071  1.00 35.33 ? 65   LYS A N   1 
ATOM   510  C CA  . LYS A 1 66  ? -3.577  3.317   20.538  1.00 36.28 ? 65   LYS A CA  1 
ATOM   511  C C   . LYS A 1 66  ? -4.438  2.334   21.353  1.00 36.60 ? 65   LYS A C   1 
ATOM   512  O O   . LYS A 1 66  ? -4.104  1.932   22.491  1.00 37.68 ? 65   LYS A O   1 
ATOM   513  C CB  . LYS A 1 66  ? -3.824  4.759   20.982  1.00 36.72 ? 65   LYS A CB  1 
ATOM   514  C CG  . LYS A 1 66  ? -2.985  5.769   20.228  1.00 39.56 ? 65   LYS A CG  1 
ATOM   515  C CD  . LYS A 1 66  ? -1.557  5.271   20.060  1.00 44.66 ? 65   LYS A CD  1 
ATOM   516  C CE  . LYS A 1 66  ? -0.537  6.400   20.226  1.00 46.35 ? 65   LYS A CE  1 
ATOM   517  N NZ  . LYS A 1 66  ? -0.571  6.828   21.647  1.00 49.04 ? 65   LYS A NZ  1 
ATOM   518  N N   . ASP A 1 67  ? -5.556  1.950   20.772  1.00 35.90 ? 66   ASP A N   1 
ATOM   519  C CA  . ASP A 1 67  ? -6.400  0.997   21.401  1.00 36.30 ? 66   ASP A CA  1 
ATOM   520  C C   . ASP A 1 67  ? -6.237  -0.403  20.845  1.00 36.10 ? 66   ASP A C   1 
ATOM   521  O O   . ASP A 1 67  ? -7.149  -1.224  20.979  1.00 37.24 ? 66   ASP A O   1 
ATOM   522  C CB  . ASP A 1 67  ? -7.832  1.517   21.368  1.00 35.30 ? 66   ASP A CB  1 
ATOM   523  C CG  . ASP A 1 67  ? -8.061  2.510   22.465  1.00 38.64 ? 66   ASP A CG  1 
ATOM   524  O OD1 . ASP A 1 67  ? -7.642  2.180   23.600  1.00 41.12 ? 66   ASP A OD1 1 
ATOM   525  O OD2 . ASP A 1 67  ? -8.590  3.615   22.218  1.00 39.72 ? 66   ASP A OD2 1 
ATOM   526  N N   . GLY A 1 68  ? -5.071  -0.677  20.243  1.00 35.50 ? 67   GLY A N   1 
ATOM   527  C CA  . GLY A 1 68  ? -4.749  -1.992  19.689  1.00 34.34 ? 67   GLY A CA  1 
ATOM   528  C C   . GLY A 1 68  ? -5.472  -2.434  18.404  1.00 33.62 ? 67   GLY A C   1 
ATOM   529  O O   . GLY A 1 68  ? -5.279  -3.547  17.941  1.00 34.98 ? 67   GLY A O   1 
ATOM   530  N N   . THR A 1 69  ? -6.295  -1.574  17.832  1.00 32.53 ? 68   THR A N   1 
ATOM   531  C CA  . THR A 1 69  ? -7.093  -1.899  16.665  1.00 31.17 ? 68   THR A CA  1 
ATOM   532  C C   . THR A 1 69  ? -6.265  -2.018  15.373  1.00 31.22 ? 68   THR A C   1 
ATOM   533  O O   . THR A 1 69  ? -5.398  -1.196  15.108  1.00 29.66 ? 68   THR A O   1 
ATOM   534  C CB  . THR A 1 69  ? -8.173  -0.846  16.525  1.00 32.84 ? 68   THR A CB  1 
ATOM   535  O OG1 . THR A 1 69  ? -8.833  -0.730  17.779  1.00 32.07 ? 68   THR A OG1 1 
ATOM   536  C CG2 . THR A 1 69  ? -9.214  -1.168  15.433  1.00 33.56 ? 68   THR A CG2 1 
ATOM   537  N N   . ASN A 1 70  ? -6.519  -3.076  14.599  1.00 28.70 ? 69   ASN A N   1 
ATOM   538  C CA  . ASN A 1 70  ? -5.736  -3.327  13.384  1.00 27.77 ? 69   ASN A CA  1 
ATOM   539  C C   . ASN A 1 70  ? -5.737  -2.126  12.387  1.00 25.68 ? 69   ASN A C   1 
ATOM   540  O O   . ASN A 1 70  ? -6.777  -1.514  12.134  1.00 24.31 ? 69   ASN A O   1 
ATOM   541  C CB  . ASN A 1 70  ? -6.194  -4.643  12.736  1.00 27.94 ? 69   ASN A CB  1 
ATOM   542  C CG  . ASN A 1 70  ? -5.506  -4.915  11.407  1.00 26.65 ? 69   ASN A CG  1 
ATOM   543  O OD1 . ASN A 1 70  ? -4.276  -4.896  11.306  1.00 27.51 ? 69   ASN A OD1 1 
ATOM   544  N ND2 . ASN A 1 70  ? -6.294  -5.178  10.408  1.00 30.45 ? 69   ASN A ND2 1 
ATOM   545  N N   . LEU A 1 71  ? -4.546  -1.751  11.912  1.00 26.49 ? 70   LEU A N   1 
ATOM   546  C CA  . LEU A 1 71  ? -4.426  -0.789  10.778  1.00 24.75 ? 70   LEU A CA  1 
ATOM   547  C C   . LEU A 1 71  ? -4.110  -1.422  9.432   1.00 25.26 ? 70   LEU A C   1 
ATOM   548  O O   . LEU A 1 71  ? -4.181  -0.714  8.361   1.00 24.68 ? 70   LEU A O   1 
ATOM   549  C CB  . LEU A 1 71  ? -3.410  0.306   11.095  1.00 23.96 ? 70   LEU A CB  1 
ATOM   550  C CG  . LEU A 1 71  ? -3.869  1.130   12.313  1.00 23.87 ? 70   LEU A CG  1 
ATOM   551  C CD1 . LEU A 1 71  ? -2.708  1.905   12.771  1.00 26.22 ? 70   LEU A CD1 1 
ATOM   552  C CD2 . LEU A 1 71  ? -5.077  2.069   11.972  1.00 20.92 ? 70   LEU A CD2 1 
ATOM   553  N N   . GLU A 1 72  ? -3.711  -2.700  9.481   1.00 24.99 ? 71   GLU A N   1 
ATOM   554  C CA  . GLU A 1 72  ? -3.599  -3.587  8.287   1.00 24.62 ? 71   GLU A CA  1 
ATOM   555  C C   . GLU A 1 72  ? -2.412  -3.249  7.410   1.00 24.66 ? 71   GLU A C   1 
ATOM   556  O O   . GLU A 1 72  ? -2.436  -3.444  6.205   1.00 25.29 ? 71   GLU A O   1 
ATOM   557  C CB  . GLU A 1 72  ? -4.886  -3.589  7.441   1.00 26.45 ? 71   GLU A CB  1 
ATOM   558  C CG  . GLU A 1 72  ? -4.930  -4.705  6.345   1.00 26.34 ? 71   GLU A CG  1 
ATOM   559  C CD  . GLU A 1 72  ? -4.884  -6.117  6.922   1.00 33.60 ? 71   GLU A CD  1 
ATOM   560  O OE1 . GLU A 1 72  ? -5.467  -6.336  8.034   1.00 32.69 ? 71   GLU A OE1 1 
ATOM   561  O OE2 . GLU A 1 72  ? -4.250  -6.990  6.273   1.00 33.87 ? 71   GLU A OE2 1 
ATOM   562  N N   . LEU A 1 73  ? -1.376  -2.754  8.036   1.00 24.80 ? 72   LEU A N   1 
ATOM   563  C CA  . LEU A 1 73  ? -0.148  -2.401  7.347   1.00 24.66 ? 72   LEU A CA  1 
ATOM   564  C C   . LEU A 1 73  ? 0.908   -3.038  8.161   1.00 24.48 ? 72   LEU A C   1 
ATOM   565  O O   . LEU A 1 73  ? 0.788   -3.058  9.414   1.00 26.25 ? 72   LEU A O   1 
ATOM   566  C CB  . LEU A 1 73  ? 0.092   -0.900  7.395   1.00 23.92 ? 72   LEU A CB  1 
ATOM   567  C CG  . LEU A 1 73  ? -0.929  -0.040  6.629   1.00 23.14 ? 72   LEU A CG  1 
ATOM   568  C CD1 . LEU A 1 73  ? -0.556  1.407   6.849   1.00 22.88 ? 72   LEU A CD1 1 
ATOM   569  C CD2 . LEU A 1 73  ? -0.885  -0.428  5.143   1.00 22.26 ? 72   LEU A CD2 1 
ATOM   570  N N   . THR A 1 74  ? 1.943   -3.508  7.471   1.00 25.61 ? 73   THR A N   1 
ATOM   571  C CA  . THR A 1 74  ? 3.165   -3.970  8.080   1.00 25.66 ? 73   THR A CA  1 
ATOM   572  C C   . THR A 1 74  ? 4.304   -3.144  7.508   1.00 26.04 ? 73   THR A C   1 
ATOM   573  O O   . THR A 1 74  ? 4.404   -2.989  6.283   1.00 27.14 ? 73   THR A O   1 
ATOM   574  C CB  . THR A 1 74  ? 3.383   -5.433  7.716   1.00 27.17 ? 73   THR A CB  1 
ATOM   575  O OG1 . THR A 1 74  ? 2.298   -6.225  8.220   1.00 28.63 ? 73   THR A OG1 1 
ATOM   576  C CG2 . THR A 1 74  ? 4.697   -5.962  8.307   1.00 26.09 ? 73   THR A CG2 1 
ATOM   577  N N   . LEU A 1 75  ? 5.159   -2.595  8.360   1.00 25.36 ? 74   LEU A N   1 
ATOM   578  C CA  . LEU A 1 75  ? 6.331   -1.893  7.890   1.00 27.77 ? 74   LEU A CA  1 
ATOM   579  C C   . LEU A 1 75  ? 7.470   -2.879  7.985   1.00 28.54 ? 74   LEU A C   1 
ATOM   580  O O   . LEU A 1 75  ? 7.511   -3.704  8.888   1.00 28.64 ? 74   LEU A O   1 
ATOM   581  C CB  . LEU A 1 75  ? 6.598   -0.636  8.702   1.00 27.49 ? 74   LEU A CB  1 
ATOM   582  C CG  . LEU A 1 75  ? 5.393   0.287   8.947   1.00 29.88 ? 74   LEU A CG  1 
ATOM   583  C CD1 . LEU A 1 75  ? 5.801   1.547   9.731   1.00 32.80 ? 74   LEU A CD1 1 
ATOM   584  C CD2 . LEU A 1 75  ? 4.713   0.645   7.667   1.00 27.98 ? 74   LEU A CD2 1 
ATOM   585  N N   . LEU A 1 76  ? 8.369   -2.837  7.024   1.00 30.19 ? 75   LEU A N   1 
ATOM   586  C CA  . LEU A 1 76  ? 9.432   -3.812  7.028   1.00 30.98 ? 75   LEU A CA  1 
ATOM   587  C C   . LEU A 1 76  ? 10.725  -3.177  6.651   1.00 31.25 ? 75   LEU A C   1 
ATOM   588  O O   . LEU A 1 76  ? 10.773  -2.271  5.839   1.00 32.41 ? 75   LEU A O   1 
ATOM   589  C CB  . LEU A 1 76  ? 9.120   -5.061  6.175   1.00 31.35 ? 75   LEU A CB  1 
ATOM   590  C CG  . LEU A 1 76  ? 8.428   -5.144  4.818   1.00 31.69 ? 75   LEU A CG  1 
ATOM   591  C CD1 . LEU A 1 76  ? 9.070   -4.195  3.851   1.00 35.71 ? 75   LEU A CD1 1 
ATOM   592  C CD2 . LEU A 1 76  ? 8.485   -6.589  4.280   1.00 30.35 ? 75   LEU A CD2 1 
ATOM   593  N N   . LYS A 1 77  ? 11.770  -3.603  7.329   1.00 32.60 ? 76   LYS A N   1 
ATOM   594  C CA  . LYS A 1 77  ? 13.083  -3.044  7.084   1.00 33.34 ? 76   LYS A CA  1 
ATOM   595  C C   . LYS A 1 77  ? 13.897  -4.101  6.389   1.00 34.34 ? 76   LYS A C   1 
ATOM   596  O O   . LYS A 1 77  ? 14.071  -5.208  6.920   1.00 34.14 ? 76   LYS A O   1 
ATOM   597  C CB  . LYS A 1 77  ? 13.754  -2.612  8.390   1.00 34.48 ? 76   LYS A CB  1 
ATOM   598  C CG  . LYS A 1 77  ? 15.048  -1.819  8.125   1.00 33.80 ? 76   LYS A CG  1 
ATOM   599  C CD  . LYS A 1 77  ? 15.562  -1.147  9.393   1.00 42.19 ? 76   LYS A CD  1 
ATOM   600  C CE  . LYS A 1 77  ? 16.427  0.091   9.076   1.00 42.27 ? 76   LYS A CE  1 
ATOM   601  N NZ  . LYS A 1 77  ? 17.696  -0.291  8.394   1.00 46.68 ? 76   LYS A NZ  1 
ATOM   602  N N   . LEU A 1 78  ? 14.406  -3.751  5.212   1.00 35.40 ? 77   LEU A N   1 
ATOM   603  C CA  . LEU A 1 78  ? 15.036  -4.729  4.331   1.00 36.62 ? 77   LEU A CA  1 
ATOM   604  C C   . LEU A 1 78  ? 16.529  -4.760  4.526   1.00 37.21 ? 77   LEU A C   1 
ATOM   605  O O   . LEU A 1 78  ? 17.157  -3.710  4.623   1.00 37.05 ? 77   LEU A O   1 
ATOM   606  C CB  . LEU A 1 78  ? 14.700  -4.446  2.854   1.00 35.60 ? 77   LEU A CB  1 
ATOM   607  C CG  . LEU A 1 78  ? 13.191  -4.345  2.622   1.00 35.55 ? 77   LEU A CG  1 
ATOM   608  C CD1 . LEU A 1 78  ? 12.856  -3.702  1.301   1.00 33.66 ? 77   LEU A CD1 1 
ATOM   609  C CD2 . LEU A 1 78  ? 12.520  -5.674  2.769   1.00 32.34 ? 77   LEU A CD2 1 
ATOM   610  N N   . ASN A 1 79  ? 17.086  -5.965  4.551   1.00 38.39 ? 78   ASN A N   1 
ATOM   611  C CA  . ASN A 1 79  ? 18.543  -6.143  4.600   1.00 38.92 ? 78   ASN A CA  1 
ATOM   612  C C   . ASN A 1 79  ? 19.052  -5.837  3.214   1.00 39.00 ? 78   ASN A C   1 
ATOM   613  O O   . ASN A 1 79  ? 19.207  -6.730  2.376   1.00 39.62 ? 78   ASN A O   1 
ATOM   614  C CB  . ASN A 1 79  ? 18.869  -7.582  4.977   1.00 39.77 ? 78   ASN A CB  1 
ATOM   615  C CG  . ASN A 1 79  ? 20.314  -7.788  5.407   1.00 41.91 ? 78   ASN A CG  1 
ATOM   616  O OD1 . ASN A 1 79  ? 21.236  -7.055  5.011   1.00 43.28 ? 78   ASN A OD1 1 
ATOM   617  N ND2 . ASN A 1 79  ? 20.515  -8.816  6.222   1.00 44.08 ? 78   ASN A ND2 1 
ATOM   618  N N   . ARG A 1 80  ? 19.293  -4.564  2.955   1.00 38.68 ? 79   ARG A N   1 
ATOM   619  C CA  . ARG A 1 80  ? 19.510  -4.125  1.599   1.00 38.67 ? 79   ARG A CA  1 
ATOM   620  C C   . ARG A 1 80  ? 20.400  -2.900  1.647   1.00 39.34 ? 79   ARG A C   1 
ATOM   621  O O   . ARG A 1 80  ? 20.233  -2.052  2.538   1.00 39.87 ? 79   ARG A O   1 
ATOM   622  C CB  . ARG A 1 80  ? 18.136  -3.816  0.985   1.00 39.15 ? 79   ARG A CB  1 
ATOM   623  C CG  . ARG A 1 80  ? 18.122  -3.356  -0.435  1.00 37.22 ? 79   ARG A CG  1 
ATOM   624  C CD  . ARG A 1 80  ? 16.693  -3.250  -0.933  1.00 35.12 ? 79   ARG A CD  1 
ATOM   625  N NE  . ARG A 1 80  ? 16.713  -3.207  -2.386  1.00 33.30 ? 79   ARG A NE  1 
ATOM   626  C CZ  . ARG A 1 80  ? 16.268  -2.203  -3.121  1.00 32.11 ? 79   ARG A CZ  1 
ATOM   627  N NH1 . ARG A 1 80  ? 15.713  -1.135  -2.551  1.00 32.62 ? 79   ARG A NH1 1 
ATOM   628  N NH2 . ARG A 1 80  ? 16.380  -2.268  -4.442  1.00 32.24 ? 79   ARG A NH2 1 
ATOM   629  N N   . ASN A 1 81  ? 21.377  -2.829  0.734   1.00 39.61 ? 80   ASN A N   1 
ATOM   630  C CA  . ASN A 1 81  ? 22.261  -1.666  0.660   1.00 40.98 ? 80   ASN A CA  1 
ATOM   631  C C   . ASN A 1 81  ? 21.657  -0.481  -0.112  1.00 40.62 ? 80   ASN A C   1 
ATOM   632  O O   . ASN A 1 81  ? 21.817  0.666   0.291   1.00 42.21 ? 80   ASN A O   1 
ATOM   633  C CB  . ASN A 1 81  ? 23.681  -2.020  0.137   1.00 41.39 ? 80   ASN A CB  1 
ATOM   634  C CG  . ASN A 1 81  ? 24.354  -3.155  0.929   1.00 44.09 ? 80   ASN A CG  1 
ATOM   635  O OD1 . ASN A 1 81  ? 24.426  -3.132  2.167   1.00 47.78 ? 80   ASN A OD1 1 
ATOM   636  N ND2 . ASN A 1 81  ? 24.868  -4.148  0.205   1.00 45.46 ? 80   ASN A ND2 1 
ATOM   637  N N   . GLU A 1 82  ? 20.961  -0.732  -1.213  1.00 40.23 ? 81   GLU A N   1 
ATOM   638  C CA  . GLU A 1 82  ? 20.256  0.362   -1.942  1.00 40.17 ? 81   GLU A CA  1 
ATOM   639  C C   . GLU A 1 82  ? 19.118  1.008   -1.096  1.00 39.28 ? 81   GLU A C   1 
ATOM   640  O O   . GLU A 1 82  ? 18.356  0.292   -0.436  1.00 39.24 ? 81   GLU A O   1 
ATOM   641  C CB  . GLU A 1 82  ? 19.690  -0.148  -3.279  1.00 40.81 ? 81   GLU A CB  1 
ATOM   642  C CG  . GLU A 1 82  ? 19.465  0.956   -4.332  1.00 43.91 ? 81   GLU A CG  1 
ATOM   643  C CD  . GLU A 1 82  ? 18.634  0.481   -5.543  1.00 49.87 ? 81   GLU A CD  1 
ATOM   644  O OE1 . GLU A 1 82  ? 18.732  -0.715  -5.941  1.00 49.48 ? 81   GLU A OE1 1 
ATOM   645  O OE2 . GLU A 1 82  ? 17.883  1.325   -6.105  1.00 51.04 ? 81   GLU A OE2 1 
ATOM   646  N N   . LYS A 1 83  ? 19.048  2.345   -1.095  1.00 38.54 ? 82   LYS A N   1 
ATOM   647  C CA  . LYS A 1 83  ? 18.038  3.112   -0.323  1.00 37.23 ? 82   LYS A CA  1 
ATOM   648  C C   . LYS A 1 83  ? 16.911  3.585   -1.209  1.00 35.95 ? 82   LYS A C   1 
ATOM   649  O O   . LYS A 1 83  ? 17.138  4.021   -2.324  1.00 35.51 ? 82   LYS A O   1 
ATOM   650  C CB  . LYS A 1 83  ? 18.645  4.361   0.344   1.00 37.92 ? 82   LYS A CB  1 
ATOM   651  C CG  . LYS A 1 83  ? 19.503  4.061   1.527   1.00 39.76 ? 82   LYS A CG  1 
ATOM   652  C CD  . LYS A 1 83  ? 20.356  5.306   1.887   1.00 47.18 ? 82   LYS A CD  1 
ATOM   653  C CE  . LYS A 1 83  ? 21.256  5.040   3.099   1.00 44.77 ? 82   LYS A CE  1 
ATOM   654  N NZ  . LYS A 1 83  ? 21.326  6.236   4.012   1.00 45.72 ? 82   LYS A NZ  1 
ATOM   655  N N   . PHE A 1 84  ? 15.687  3.547   -0.683  1.00 33.93 ? 83   PHE A N   1 
ATOM   656  C CA  . PHE A 1 84  ? 14.542  4.001   -1.444  1.00 31.42 ? 83   PHE A CA  1 
ATOM   657  C C   . PHE A 1 84  ? 14.559  5.501   -1.512  1.00 31.27 ? 83   PHE A C   1 
ATOM   658  O O   . PHE A 1 84  ? 14.835  6.135   -0.502  1.00 32.71 ? 83   PHE A O   1 
ATOM   659  C CB  . PHE A 1 84  ? 13.241  3.598   -0.720  1.00 30.42 ? 83   PHE A CB  1 
ATOM   660  C CG  . PHE A 1 84  ? 13.014  2.140   -0.629  1.00 26.04 ? 83   PHE A CG  1 
ATOM   661  C CD1 . PHE A 1 84  ? 12.930  1.369   -1.780  1.00 27.30 ? 83   PHE A CD1 1 
ATOM   662  C CD2 . PHE A 1 84  ? 12.776  1.548   0.603   1.00 28.76 ? 83   PHE A CD2 1 
ATOM   663  C CE1 . PHE A 1 84  ? 12.661  0.041   -1.716  1.00 29.10 ? 83   PHE A CE1 1 
ATOM   664  C CE2 . PHE A 1 84  ? 12.508  0.200   0.697   1.00 28.51 ? 83   PHE A CE2 1 
ATOM   665  C CZ  . PHE A 1 84  ? 12.434  -0.555  -0.480  1.00 32.04 ? 83   PHE A CZ  1 
ATOM   666  N N   . ARG A 1 85  ? 14.298  6.075   -2.683  1.00 30.59 ? 84   ARG A N   1 
ATOM   667  C CA  . ARG A 1 85  ? 13.928  7.479   -2.789  1.00 30.97 ? 84   ARG A CA  1 
ATOM   668  C C   . ARG A 1 85  ? 12.898  7.884   -1.708  1.00 31.54 ? 84   ARG A C   1 
ATOM   669  O O   . ARG A 1 85  ? 11.769  7.389   -1.694  1.00 29.77 ? 84   ARG A O   1 
ATOM   670  C CB  . ARG A 1 85  ? 13.339  7.759   -4.182  1.00 32.48 ? 84   ARG A CB  1 
ATOM   671  C CG  . ARG A 1 85  ? 13.276  9.243   -4.622  1.00 32.82 ? 84   ARG A CG  1 
ATOM   672  C CD  . ARG A 1 85  ? 11.896  9.919   -4.682  1.00 36.03 ? 84   ARG A CD  1 
ATOM   673  N NE  . ARG A 1 85  ? 10.865  9.141   -5.397  1.00 33.42 ? 84   ARG A NE  1 
ATOM   674  C CZ  . ARG A 1 85  ? 9.918   9.656   -6.170  1.00 32.02 ? 84   ARG A CZ  1 
ATOM   675  N NH1 . ARG A 1 85  ? 9.858   10.975  -6.394  1.00 33.58 ? 84   ARG A NH1 1 
ATOM   676  N NH2 . ARG A 1 85  ? 9.019   8.858   -6.727  1.00 30.86 ? 84   ARG A NH2 1 
ATOM   677  N N   . ASP A 1 86  ? 13.271  8.825   -0.840  1.00 31.19 ? 85   ASP A N   1 
ATOM   678  C CA  . ASP A 1 86  ? 12.358  9.313   0.237   1.00 30.84 ? 85   ASP A CA  1 
ATOM   679  C C   . ASP A 1 86  ? 11.080  9.927   -0.274  1.00 29.98 ? 85   ASP A C   1 
ATOM   680  O O   . ASP A 1 86  ? 11.076  11.027  -0.822  1.00 29.82 ? 85   ASP A O   1 
ATOM   681  C CB  . ASP A 1 86  ? 13.052  10.325  1.153   1.00 32.05 ? 85   ASP A CB  1 
ATOM   682  C CG  . ASP A 1 86  ? 12.237  10.657  2.414   1.00 34.01 ? 85   ASP A CG  1 
ATOM   683  O OD1 . ASP A 1 86  ? 11.052  10.228  2.596   1.00 33.38 ? 85   ASP A OD1 1 
ATOM   684  O OD2 . ASP A 1 86  ? 12.807  11.390  3.251   1.00 38.89 ? 85   ASP A OD2 1 
ATOM   685  N N   . ILE A 1 87  ? 9.962   9.232   -0.058  1.00 29.03 ? 86   ILE A N   1 
ATOM   686  C CA  . ILE A 1 87  ? 8.679   9.743   -0.513  1.00 26.69 ? 86   ILE A CA  1 
ATOM   687  C C   . ILE A 1 87  ? 7.775   10.151  0.645   1.00 28.16 ? 86   ILE A C   1 
ATOM   688  O O   . ILE A 1 87  ? 6.538   10.401  0.448   1.00 26.92 ? 86   ILE A O   1 
ATOM   689  C CB  . ILE A 1 87  ? 7.926   8.749   -1.487  1.00 27.21 ? 86   ILE A CB  1 
ATOM   690  C CG1 . ILE A 1 87  ? 7.712   7.385   -0.804  1.00 25.66 ? 86   ILE A CG1 1 
ATOM   691  C CG2 . ILE A 1 87  ? 8.712   8.613   -2.814  1.00 25.18 ? 86   ILE A CG2 1 
ATOM   692  C CD1 . ILE A 1 87  ? 6.573   6.472   -1.490  1.00 19.73 ? 86   ILE A CD1 1 
ATOM   693  N N   . ARG A 1 88  ? 8.362   10.246  1.848   1.00 27.73 ? 87   ARG A N   1 
ATOM   694  C CA  . ARG A 1 88  ? 7.567   10.654  3.057   1.00 28.58 ? 87   ARG A CA  1 
ATOM   695  C C   . ARG A 1 88  ? 6.783   11.958  2.838   1.00 28.55 ? 87   ARG A C   1 
ATOM   696  O O   . ARG A 1 88  ? 5.627   12.121  3.309   1.00 26.39 ? 87   ARG A O   1 
ATOM   697  C CB  . ARG A 1 88  ? 8.398   10.659  4.332   1.00 28.87 ? 87   ARG A CB  1 
ATOM   698  C CG  . ARG A 1 88  ? 8.905   9.288   4.708   1.00 31.53 ? 87   ARG A CG  1 
ATOM   699  C CD  . ARG A 1 88  ? 9.800   9.326   5.893   1.00 29.99 ? 87   ARG A CD  1 
ATOM   700  N NE  . ARG A 1 88  ? 11.031  9.974   5.527   1.00 32.98 ? 87   ARG A NE  1 
ATOM   701  C CZ  . ARG A 1 88  ? 11.998  10.297  6.384   1.00 37.70 ? 87   ARG A CZ  1 
ATOM   702  N NH1 . ARG A 1 88  ? 11.875  10.034  7.698   1.00 37.12 ? 87   ARG A NH1 1 
ATOM   703  N NH2 . ARG A 1 88  ? 13.100  10.856  5.905   1.00 36.74 ? 87   ARG A NH2 1 
ATOM   704  N N   . GLY A 1 89  ? 7.415   12.881  2.093   1.00 28.57 ? 88   GLY A N   1 
ATOM   705  C CA  . GLY A 1 89  ? 6.767   14.114  1.610   1.00 28.19 ? 88   GLY A CA  1 
ATOM   706  C C   . GLY A 1 89  ? 5.386   13.954  1.017   1.00 27.23 ? 88   GLY A C   1 
ATOM   707  O O   . GLY A 1 89  ? 4.563   14.852  1.119   1.00 27.05 ? 88   GLY A O   1 
ATOM   708  N N   . PHE A 1 90  ? 5.132   12.803  0.371   1.00 25.56 ? 89   PHE A N   1 
ATOM   709  C CA  . PHE A 1 90  ? 3.876   12.593  -0.300  1.00 25.35 ? 89   PHE A CA  1 
ATOM   710  C C   . PHE A 1 90  ? 2.748   11.975  0.555   1.00 23.58 ? 89   PHE A C   1 
ATOM   711  O O   . PHE A 1 90  ? 1.599   11.810  0.043   1.00 24.35 ? 89   PHE A O   1 
ATOM   712  C CB  . PHE A 1 90  ? 4.145   11.667  -1.496  1.00 25.29 ? 89   PHE A CB  1 
ATOM   713  C CG  . PHE A 1 90  ? 5.049   12.265  -2.544  1.00 25.04 ? 89   PHE A CG  1 
ATOM   714  C CD1 . PHE A 1 90  ? 4.567   13.269  -3.380  1.00 25.89 ? 89   PHE A CD1 1 
ATOM   715  C CD2 . PHE A 1 90  ? 6.364   11.799  -2.720  1.00 25.71 ? 89   PHE A CD2 1 
ATOM   716  C CE1 . PHE A 1 90  ? 5.367   13.820  -4.387  1.00 25.10 ? 89   PHE A CE1 1 
ATOM   717  C CE2 . PHE A 1 90  ? 7.188   12.369  -3.739  1.00 29.16 ? 89   PHE A CE2 1 
ATOM   718  C CZ  . PHE A 1 90  ? 6.672   13.353  -4.573  1.00 25.44 ? 89   PHE A CZ  1 
ATOM   719  N N   . LEU A 1 91  ? 3.098   11.626  1.794   1.00 22.41 ? 90   LEU A N   1 
ATOM   720  C CA  . LEU A 1 91  ? 2.216   10.965  2.779   1.00 22.55 ? 90   LEU A CA  1 
ATOM   721  C C   . LEU A 1 91  ? 1.564   12.016  3.668   1.00 22.63 ? 90   LEU A C   1 
ATOM   722  O O   . LEU A 1 91  ? 2.270   12.775  4.337   1.00 24.07 ? 90   LEU A O   1 
ATOM   723  C CB  . LEU A 1 91  ? 3.017   10.035  3.691   1.00 20.62 ? 90   LEU A CB  1 
ATOM   724  C CG  . LEU A 1 91  ? 3.864   8.980   3.003   1.00 23.75 ? 90   LEU A CG  1 
ATOM   725  C CD1 . LEU A 1 91  ? 4.557   8.084   4.022   1.00 22.44 ? 90   LEU A CD1 1 
ATOM   726  C CD2 . LEU A 1 91  ? 2.898   8.148   2.017   1.00 21.09 ? 90   LEU A CD2 1 
ATOM   727  N N   . ALA A 1 92  ? 0.240   12.051  3.689   1.00 23.44 ? 91   ALA A N   1 
ATOM   728  C CA  . ALA A 1 92  ? -0.502  13.000  4.535   1.00 25.19 ? 91   ALA A CA  1 
ATOM   729  C C   . ALA A 1 92  ? -0.464  12.698  6.045   1.00 24.41 ? 91   ALA A C   1 
ATOM   730  O O   . ALA A 1 92  ? -0.171  11.592  6.469   1.00 24.59 ? 91   ALA A O   1 
ATOM   731  C CB  . ALA A 1 92  ? -1.910  13.130  4.055   1.00 24.08 ? 91   ALA A CB  1 
ATOM   732  N N   . LYS A 1 93  ? -0.685  13.731  6.884   1.00 25.02 ? 92   LYS A N   1 
ATOM   733  C CA  . LYS A 1 93  ? -0.660  13.551  8.331   1.00 24.26 ? 92   LYS A CA  1 
ATOM   734  C C   . LYS A 1 93  ? -1.932  12.881  8.812   1.00 26.26 ? 92   LYS A C   1 
ATOM   735  O O   . LYS A 1 93  ? -1.959  12.294  9.897   1.00 24.88 ? 92   LYS A O   1 
ATOM   736  C CB  . LYS A 1 93  ? -0.541  14.914  9.059   1.00 25.14 ? 92   LYS A CB  1 
ATOM   737  C CG  . LYS A 1 93  ? 0.798   15.632  8.687   1.00 26.35 ? 92   LYS A CG  1 
ATOM   738  C CD  . LYS A 1 93  ? 1.030   16.837  9.616   1.00 28.31 ? 92   LYS A CD  1 
ATOM   739  C CE  . LYS A 1 93  ? 2.498   17.351  9.488   1.00 28.93 ? 92   LYS A CE  1 
ATOM   740  N NZ  . LYS A 1 93  ? 2.569   18.702  10.199  1.00 28.22 ? 92   LYS A NZ  1 
ATOM   741  N N   . GLU A 1 94  ? -2.983  13.069  8.038   1.00 27.03 ? 93   GLU A N   1 
ATOM   742  C CA  . GLU A 1 94  ? -4.241  12.383  8.275   1.00 29.39 ? 93   GLU A CA  1 
ATOM   743  C C   . GLU A 1 94  ? -4.823  11.839  6.982   1.00 29.63 ? 93   GLU A C   1 
ATOM   744  O O   . GLU A 1 94  ? -4.347  12.184  5.880   1.00 28.27 ? 93   GLU A O   1 
ATOM   745  C CB  . GLU A 1 94  ? -5.252  13.349  8.866   1.00 29.96 ? 93   GLU A CB  1 
ATOM   746  C CG  . GLU A 1 94  ? -5.606  14.530  8.004   1.00 34.90 ? 93   GLU A CG  1 
ATOM   747  C CD  . GLU A 1 94  ? -6.585  15.428  8.732   1.00 39.97 ? 93   GLU A CD  1 
ATOM   748  O OE1 . GLU A 1 94  ? -6.465  15.497  9.967   1.00 42.02 ? 93   GLU A OE1 1 
ATOM   749  O OE2 . GLU A 1 94  ? -7.473  16.034  8.089   1.00 44.99 ? 93   GLU A OE2 1 
ATOM   750  N N   . GLU A 1 95  ? -5.895  11.041  7.129   1.00 29.85 ? 94   GLU A N   1 
ATOM   751  C CA  . GLU A 1 95  ? -6.607  10.401  6.016   1.00 30.74 ? 94   GLU A CA  1 
ATOM   752  C C   . GLU A 1 95  ? -7.067  11.347  4.911   1.00 30.95 ? 94   GLU A C   1 
ATOM   753  O O   . GLU A 1 95  ? -7.913  12.240  5.121   1.00 30.32 ? 94   GLU A O   1 
ATOM   754  C CB  . GLU A 1 95  ? -7.827  9.590   6.514   1.00 30.33 ? 94   GLU A CB  1 
ATOM   755  C CG  . GLU A 1 95  ? -7.540  8.487   7.467   1.00 31.83 ? 94   GLU A CG  1 
ATOM   756  C CD  . GLU A 1 95  ? -7.606  8.916   8.933   1.00 35.75 ? 94   GLU A CD  1 
ATOM   757  O OE1 . GLU A 1 95  ? -7.529  10.137  9.207   1.00 33.39 ? 94   GLU A OE1 1 
ATOM   758  O OE2 . GLU A 1 95  ? -7.727  8.024   9.818   1.00 37.13 ? 94   GLU A OE2 1 
ATOM   759  N N   . VAL A 1 96  ? -6.555  11.096  3.714   1.00 31.04 ? 95   VAL A N   1 
ATOM   760  C CA  . VAL A 1 96  ? -6.813  11.940  2.548   1.00 31.92 ? 95   VAL A CA  1 
ATOM   761  C C   . VAL A 1 96  ? -8.096  11.575  1.820   1.00 32.90 ? 95   VAL A C   1 
ATOM   762  O O   . VAL A 1 96  ? -8.319  10.415  1.473   1.00 33.77 ? 95   VAL A O   1 
ATOM   763  C CB  . VAL A 1 96  ? -5.615  11.892  1.563   1.00 29.52 ? 95   VAL A CB  1 
ATOM   764  C CG1 . VAL A 1 96  ? -5.869  12.718  0.364   1.00 33.82 ? 95   VAL A CG1 1 
ATOM   765  C CG2 . VAL A 1 96  ? -4.339  12.436  2.250   1.00 32.57 ? 95   VAL A CG2 1 
ATOM   766  N N   . GLU A 1 97  ? -8.934  12.572  1.561   1.00 34.19 ? 96   GLU A N   1 
ATOM   767  C CA  . GLU A 1 97  ? -10.009 12.431  0.609   1.00 34.71 ? 96   GLU A CA  1 
ATOM   768  C C   . GLU A 1 97  ? -9.698  13.239  -0.649  1.00 35.33 ? 96   GLU A C   1 
ATOM   769  O O   . GLU A 1 97  ? -9.156  14.369  -0.579  1.00 35.41 ? 96   GLU A O   1 
ATOM   770  C CB  . GLU A 1 97  ? -11.341 12.871  1.200   1.00 34.81 ? 96   GLU A CB  1 
ATOM   771  C CG  . GLU A 1 97  ? -11.888 11.923  2.227   1.00 37.00 ? 96   GLU A CG  1 
ATOM   772  C CD  . GLU A 1 97  ? -13.267 12.345  2.689   1.00 40.89 ? 96   GLU A CD  1 
ATOM   773  O OE1 . GLU A 1 97  ? -13.661 13.505  2.420   1.00 46.23 ? 96   GLU A OE1 1 
ATOM   774  O OE2 . GLU A 1 97  ? -13.953 11.536  3.325   1.00 41.75 ? 96   GLU A OE2 1 
ATOM   775  N N   . VAL A 1 98  ? -10.002 12.635  -1.791  1.00 35.04 ? 97   VAL A N   1 
ATOM   776  C CA  . VAL A 1 98  ? -9.697  13.229  -3.091  1.00 35.94 ? 97   VAL A CA  1 
ATOM   777  C C   . VAL A 1 98  ? -10.878 12.951  -4.018  1.00 35.43 ? 97   VAL A C   1 
ATOM   778  O O   . VAL A 1 98  ? -11.662 12.028  -3.774  1.00 34.81 ? 97   VAL A O   1 
ATOM   779  C CB  . VAL A 1 98  ? -8.378  12.681  -3.697  1.00 36.50 ? 97   VAL A CB  1 
ATOM   780  C CG1 . VAL A 1 98  ? -8.567  11.203  -4.124  1.00 37.48 ? 97   VAL A CG1 1 
ATOM   781  C CG2 . VAL A 1 98  ? -7.892  13.550  -4.882  1.00 36.91 ? 97   VAL A CG2 1 
ATOM   782  N N   . ASN A 1 99  ? -11.026 13.775  -5.057  1.00 36.46 ? 98   ASN A N   1 
ATOM   783  C CA  . ASN A 1 99  ? -12.050 13.497  -6.071  1.00 36.93 ? 98   ASN A CA  1 
ATOM   784  C C   . ASN A 1 99  ? -11.645 12.490  -7.151  1.00 36.44 ? 98   ASN A C   1 
ATOM   785  O O   . ASN A 1 99  ? -12.513 11.807  -7.709  1.00 36.62 ? 98   ASN A O   1 
ATOM   786  C CB  . ASN A 1 99  ? -12.536 14.796  -6.717  1.00 37.95 ? 98   ASN A CB  1 
ATOM   787  C CG  . ASN A 1 99  ? -13.346 15.642  -5.740  1.00 40.17 ? 98   ASN A CG  1 
ATOM   788  O OD1 . ASN A 1 99  ? -13.114 16.856  -5.609  1.00 43.04 ? 98   ASN A OD1 1 
ATOM   789  N ND2 . ASN A 1 99  ? -14.275 14.985  -5.005  1.00 38.75 ? 98   ASN A ND2 1 
ATOM   790  N N   . GLU A 1 100 ? -10.363 12.445  -7.511  1.00 35.16 ? 99   GLU A N   1 
ATOM   791  C CA  . GLU A 1 100 ? -9.962  11.496  -8.561  1.00 34.55 ? 99   GLU A CA  1 
ATOM   792  C C   . GLU A 1 100 ? -8.741  10.783  -8.099  1.00 32.37 ? 99   GLU A C   1 
ATOM   793  O O   . GLU A 1 100 ? -7.673  11.442  -7.945  1.00 33.22 ? 99   GLU A O   1 
ATOM   794  C CB  . GLU A 1 100 ? -9.653  12.195  -9.906  1.00 36.36 ? 99   GLU A CB  1 
ATOM   795  C CG  . GLU A 1 100 ? -10.849 12.935  -10.536 1.00 38.95 ? 99   GLU A CG  1 
ATOM   796  C CD  . GLU A 1 100 ? -11.964 12.007  -11.050 1.00 45.31 ? 99   GLU A CD  1 
ATOM   797  O OE1 . GLU A 1 100 ? -11.860 10.751  -10.971 1.00 48.48 ? 99   GLU A OE1 1 
ATOM   798  O OE2 . GLU A 1 100 ? -12.955 12.547  -11.580 1.00 48.50 ? 99   GLU A OE2 1 
ATOM   799  N N   . ALA A 1 101 ? -8.880  9.470   -7.869  1.00 29.86 ? 100  ALA A N   1 
ATOM   800  C CA  . ALA A 1 101 ? -7.701  8.631   -7.545  1.00 27.11 ? 100  ALA A CA  1 
ATOM   801  C C   . ALA A 1 101 ? -7.430  7.558   -8.611  1.00 24.33 ? 100  ALA A C   1 
ATOM   802  O O   . ALA A 1 101 ? -8.296  7.208   -9.415  1.00 23.51 ? 100  ALA A O   1 
ATOM   803  C CB  . ALA A 1 101 ? -7.868  7.981   -6.156  1.00 26.92 ? 100  ALA A CB  1 
ATOM   804  N N   . VAL A 1 102 ? -6.217  7.022   -8.562  1.00 21.61 ? 101  VAL A N   1 
ATOM   805  C CA  . VAL A 1 102 ? -5.759  5.921   -9.382  1.00 20.00 ? 101  VAL A CA  1 
ATOM   806  C C   . VAL A 1 102 ? -5.201  4.865   -8.385  1.00 19.89 ? 101  VAL A C   1 
ATOM   807  O O   . VAL A 1 102 ? -4.573  5.232   -7.392  1.00 19.81 ? 101  VAL A O   1 
ATOM   808  C CB  . VAL A 1 102 ? -4.681  6.444   -10.367 1.00 19.59 ? 101  VAL A CB  1 
ATOM   809  C CG1 . VAL A 1 102 ? -3.748  5.383   -10.918 1.00 21.31 ? 101  VAL A CG1 1 
ATOM   810  C CG2 . VAL A 1 102 ? -5.383  7.218   -11.537 1.00 23.46 ? 101  VAL A CG2 1 
ATOM   811  N N   . LEU A 1 103 ? -5.495  3.587   -8.610  1.00 17.73 ? 102  LEU A N   1 
ATOM   812  C CA  . LEU A 1 103 ? -4.842  2.488   -7.848  1.00 18.82 ? 102  LEU A CA  1 
ATOM   813  C C   . LEU A 1 103 ? -3.850  1.814   -8.760  1.00 17.64 ? 102  LEU A C   1 
ATOM   814  O O   . LEU A 1 103 ? -4.224  1.426   -9.898  1.00 18.37 ? 102  LEU A O   1 
ATOM   815  C CB  . LEU A 1 103 ? -5.892  1.489   -7.338  1.00 19.08 ? 102  LEU A CB  1 
ATOM   816  C CG  . LEU A 1 103 ? -5.211  0.385   -6.523  1.00 21.78 ? 102  LEU A CG  1 
ATOM   817  C CD1 . LEU A 1 103 ? -4.706  0.930   -5.225  1.00 15.90 ? 102  LEU A CD1 1 
ATOM   818  C CD2 . LEU A 1 103 ? -6.206  -0.776  -6.347  1.00 25.21 ? 102  LEU A CD2 1 
ATOM   819  N N   . ALA A 1 104 ? -2.591  1.724   -8.333  1.00 18.47 ? 103  ALA A N   1 
ATOM   820  C CA  . ALA A 1 104 ? -1.509  1.183   -9.139  1.00 17.84 ? 103  ALA A CA  1 
ATOM   821  C C   . ALA A 1 104 ? -1.062  -0.169  -8.588  1.00 19.09 ? 103  ALA A C   1 
ATOM   822  O O   . ALA A 1 104 ? -0.711  -0.297  -7.378  1.00 17.80 ? 103  ALA A O   1 
ATOM   823  C CB  . ALA A 1 104 ? -0.348  2.111   -9.152  1.00 19.05 ? 103  ALA A CB  1 
ATOM   824  N N   . ILE A 1 105 ? -0.988  -1.154  -9.477  1.00 17.89 ? 104  ILE A N   1 
ATOM   825  C CA  . ILE A 1 105 ? -0.575  -2.501  -9.092  1.00 20.06 ? 104  ILE A CA  1 
ATOM   826  C C   . ILE A 1 105 ? 0.586   -2.944  -9.888  1.00 21.49 ? 104  ILE A C   1 
ATOM   827  O O   . ILE A 1 105 ? 0.666   -2.614  -11.048 1.00 22.83 ? 104  ILE A O   1 
ATOM   828  C CB  . ILE A 1 105 ? -1.701  -3.505  -9.329  1.00 18.84 ? 104  ILE A CB  1 
ATOM   829  C CG1 . ILE A 1 105 ? -2.942  -3.007  -8.585  1.00 25.45 ? 104  ILE A CG1 1 
ATOM   830  C CG2 . ILE A 1 105 ? -1.201  -4.950  -8.888  1.00 19.80 ? 104  ILE A CG2 1 
ATOM   831  C CD1 . ILE A 1 105 ? -4.086  -2.990  -9.440  1.00 31.35 ? 104  ILE A CD1 1 
ATOM   832  N N   . ASN A 1 106 ? 1.529   -3.689  -9.291  1.00 22.19 ? 105  ASN A N   1 
ATOM   833  C CA  . ASN A 1 106 ? 2.741   -4.092  -10.012 1.00 23.11 ? 105  ASN A CA  1 
ATOM   834  C C   . ASN A 1 106 ? 3.191   -5.464  -9.499  1.00 23.36 ? 105  ASN A C   1 
ATOM   835  O O   . ASN A 1 106 ? 4.077   -5.546  -8.599  1.00 25.48 ? 105  ASN A O   1 
ATOM   836  C CB  . ASN A 1 106 ? 3.879   -3.029  -9.798  1.00 23.61 ? 105  ASN A CB  1 
ATOM   837  C CG  . ASN A 1 106 ? 5.223   -3.445  -10.388 1.00 28.13 ? 105  ASN A CG  1 
ATOM   838  O OD1 . ASN A 1 106 ? 5.317   -4.400  -11.156 1.00 33.55 ? 105  ASN A OD1 1 
ATOM   839  N ND2 . ASN A 1 106 ? 6.289   -2.707  -10.027 1.00 30.88 ? 105  ASN A ND2 1 
ATOM   840  N N   . THR A 1 107 ? 2.543   -6.502  -10.005 1.00 24.55 ? 106  THR A N   1 
ATOM   841  C CA  . THR A 1 107 ? 2.907   -7.946  -9.763  1.00 23.69 ? 106  THR A CA  1 
ATOM   842  C C   . THR A 1 107 ? 2.923   -8.747  -11.082 1.00 25.37 ? 106  THR A C   1 
ATOM   843  O O   . THR A 1 107 ? 2.577   -8.195  -12.139 1.00 25.10 ? 106  THR A O   1 
ATOM   844  C CB  . THR A 1 107 ? 1.879   -8.622  -8.842  1.00 23.64 ? 106  THR A CB  1 
ATOM   845  O OG1 . THR A 1 107 ? 0.614   -8.788  -9.530  1.00 22.17 ? 106  THR A OG1 1 
ATOM   846  C CG2 . THR A 1 107 ? 1.658   -7.889  -7.528  1.00 21.28 ? 106  THR A CG2 1 
ATOM   847  N N   . SER A 1 108 ? 3.226   -10.064 -11.039 1.00 26.58 ? 107  SER A N   1 
ATOM   848  C CA  . SER A 1 108 ? 3.123   -10.986 -12.235 1.00 28.30 ? 107  SER A CA  1 
ATOM   849  C C   . SER A 1 108 ? 1.745   -11.059 -12.813 1.00 28.80 ? 107  SER A C   1 
ATOM   850  O O   . SER A 1 108 ? 1.585   -11.035 -14.019 1.00 29.72 ? 107  SER A O   1 
ATOM   851  C CB  . SER A 1 108 ? 3.542   -12.421 -11.892 1.00 27.92 ? 107  SER A CB  1 
ATOM   852  O OG  . SER A 1 108 ? 4.868   -12.364 -11.407 1.00 34.84 ? 107  SER A OG  1 
ATOM   853  N N   . LYS A 1 109 ? 0.743   -11.121 -11.940 1.00 28.65 ? 108  LYS A N   1 
ATOM   854  C CA  . LYS A 1 109 ? -0.599  -11.208 -12.396 1.00 29.01 ? 108  LYS A CA  1 
ATOM   855  C C   . LYS A 1 109 ? -1.051  -9.850  -13.009 1.00 28.69 ? 108  LYS A C   1 
ATOM   856  O O   . LYS A 1 109 ? -1.679  -9.836  -14.086 1.00 29.14 ? 108  LYS A O   1 
ATOM   857  C CB  . LYS A 1 109 ? -1.504  -11.609 -11.239 1.00 29.12 ? 108  LYS A CB  1 
ATOM   858  C CG  . LYS A 1 109 ? -2.981  -11.840 -11.681 1.00 32.62 ? 108  LYS A CG  1 
ATOM   859  C CD  . LYS A 1 109 ? -3.925  -12.129 -10.544 1.00 35.50 ? 108  LYS A CD  1 
ATOM   860  C CE  . LYS A 1 109 ? -5.344  -12.429 -11.122 1.00 39.64 ? 108  LYS A CE  1 
ATOM   861  N NZ  . LYS A 1 109 ? -6.476  -12.407 -10.127 1.00 40.69 ? 108  LYS A NZ  1 
ATOM   862  N N   . PHE A 1 110 ? -0.745  -8.748  -12.321 1.00 26.70 ? 109  PHE A N   1 
ATOM   863  C CA  . PHE A 1 110 ? -1.058  -7.401  -12.840 1.00 26.13 ? 109  PHE A CA  1 
ATOM   864  C C   . PHE A 1 110 ? 0.233   -6.568  -13.002 1.00 25.63 ? 109  PHE A C   1 
ATOM   865  O O   . PHE A 1 110 ? 0.603   -5.784  -12.098 1.00 25.71 ? 109  PHE A O   1 
ATOM   866  C CB  . PHE A 1 110 ? -2.031  -6.674  -11.910 1.00 26.57 ? 109  PHE A CB  1 
ATOM   867  C CG  . PHE A 1 110 ? -3.281  -7.439  -11.582 1.00 26.77 ? 109  PHE A CG  1 
ATOM   868  C CD1 . PHE A 1 110 ? -4.338  -7.477  -12.477 1.00 29.93 ? 109  PHE A CD1 1 
ATOM   869  C CD2 . PHE A 1 110 ? -3.420  -8.101  -10.348 1.00 29.84 ? 109  PHE A CD2 1 
ATOM   870  C CE1 . PHE A 1 110 ? -5.518  -8.171  -12.168 1.00 28.72 ? 109  PHE A CE1 1 
ATOM   871  C CE2 . PHE A 1 110 ? -4.584  -8.794  -10.008 1.00 31.31 ? 109  PHE A CE2 1 
ATOM   872  C CZ  . PHE A 1 110 ? -5.651  -8.840  -10.917 1.00 32.70 ? 109  PHE A CZ  1 
ATOM   873  N N   . PRO A 1 111 ? 0.933   -6.703  -14.150 1.00 24.01 ? 110  PRO A N   1 
ATOM   874  C CA  . PRO A 1 111 ? 2.197   -5.977  -14.261 1.00 24.65 ? 110  PRO A CA  1 
ATOM   875  C C   . PRO A 1 111 ? 1.991   -4.544  -14.802 1.00 22.21 ? 110  PRO A C   1 
ATOM   876  O O   . PRO A 1 111 ? 1.452   -4.365  -15.891 1.00 27.28 ? 110  PRO A O   1 
ATOM   877  C CB  . PRO A 1 111 ? 3.060   -6.860  -15.189 1.00 24.55 ? 110  PRO A CB  1 
ATOM   878  C CG  . PRO A 1 111 ? 2.126   -7.889  -15.761 1.00 28.06 ? 110  PRO A CG  1 
ATOM   879  C CD  . PRO A 1 111 ? 0.782   -7.788  -15.143 1.00 26.47 ? 110  PRO A CD  1 
ATOM   880  N N   . ASN A 1 112 ? 2.316   -3.588  -13.975 1.00 21.57 ? 111  ASN A N   1 
ATOM   881  C CA  . ASN A 1 112 ? 2.226   -2.154  -14.191 1.00 21.73 ? 111  ASN A CA  1 
ATOM   882  C C   . ASN A 1 112 ? 0.874   -1.749  -14.761 1.00 19.45 ? 111  ASN A C   1 
ATOM   883  O O   . ASN A 1 112 ? 0.735   -1.230  -15.876 1.00 18.49 ? 111  ASN A O   1 
ATOM   884  C CB  . ASN A 1 112 ? 3.471   -1.616  -14.953 1.00 23.54 ? 111  ASN A CB  1 
ATOM   885  C CG  . ASN A 1 112 ? 3.903   -0.191  -14.464 1.00 27.33 ? 111  ASN A CG  1 
ATOM   886  O OD1 . ASN A 1 112 ? 4.017   0.070   -13.250 1.00 35.77 ? 111  ASN A OD1 1 
ATOM   887  N ND2 . ASN A 1 112 ? 4.199   0.704   -15.416 1.00 30.14 ? 111  ASN A ND2 1 
ATOM   888  N N   . MET A 1 113 ? -0.134  -2.048  -13.966 1.00 18.36 ? 112  MET A N   1 
ATOM   889  C CA  . MET A 1 113 ? -1.484  -1.735  -14.307 1.00 18.26 ? 112  MET A CA  1 
ATOM   890  C C   . MET A 1 113 ? -2.067  -0.661  -13.384 1.00 16.59 ? 112  MET A C   1 
ATOM   891  O O   . MET A 1 113 ? -1.766  -0.640  -12.178 1.00 19.77 ? 112  MET A O   1 
ATOM   892  C CB  . MET A 1 113 ? -2.292  -3.006  -14.263 1.00 17.82 ? 112  MET A CB  1 
ATOM   893  C CG  . MET A 1 113 ? -1.742  -4.031  -15.286 1.00 23.89 ? 112  MET A CG  1 
ATOM   894  S SD  . MET A 1 113 ? -2.806  -5.468  -15.454 1.00 31.92 ? 112  MET A SD  1 
ATOM   895  C CE  . MET A 1 113 ? -4.064  -4.667  -16.497 1.00 34.12 ? 112  MET A CE  1 
ATOM   896  N N   . TYR A 1 114 ? -3.041  0.134   -13.874 1.00 17.12 ? 113  TYR A N   1 
ATOM   897  C CA  . TYR A 1 114 ? -3.590  1.250   -13.144 1.00 15.07 ? 113  TYR A CA  1 
ATOM   898  C C   . TYR A 1 114 ? -5.099  1.292   -13.352 1.00 15.94 ? 113  TYR A C   1 
ATOM   899  O O   . TYR A 1 114 ? -5.573  1.055   -14.464 1.00 16.35 ? 113  TYR A O   1 
ATOM   900  C CB  . TYR A 1 114 ? -3.049  2.546   -13.727 1.00 15.07 ? 113  TYR A CB  1 
ATOM   901  C CG  . TYR A 1 114 ? -1.568  2.549   -13.595 1.00 14.95 ? 113  TYR A CG  1 
ATOM   902  C CD1 . TYR A 1 114 ? -0.784  1.833   -14.442 1.00 17.71 ? 113  TYR A CD1 1 
ATOM   903  C CD2 . TYR A 1 114 ? -0.999  3.293   -12.575 1.00 15.86 ? 113  TYR A CD2 1 
ATOM   904  C CE1 . TYR A 1 114 ? 0.622   1.821   -14.241 1.00 17.82 ? 113  TYR A CE1 1 
ATOM   905  C CE2 . TYR A 1 114 ? 0.368   3.303   -12.391 1.00 18.59 ? 113  TYR A CE2 1 
ATOM   906  C CZ  . TYR A 1 114 ? 1.150   2.591   -13.227 1.00 19.78 ? 113  TYR A CZ  1 
ATOM   907  O OH  . TYR A 1 114 ? 2.497   2.627   -12.947 1.00 18.87 ? 113  TYR A OH  1 
ATOM   908  N N   . ILE A 1 115 ? -5.779  1.592   -12.300 1.00 15.07 ? 114  ILE A N   1 
ATOM   909  C CA  . ILE A 1 115 ? -7.254  1.585   -12.323 1.00 16.30 ? 114  ILE A CA  1 
ATOM   910  C C   . ILE A 1 115 ? -7.783  3.003   -11.930 1.00 19.21 ? 114  ILE A C   1 
ATOM   911  O O   . ILE A 1 115 ? -7.400  3.531   -10.926 1.00 18.52 ? 114  ILE A O   1 
ATOM   912  C CB  . ILE A 1 115 ? -7.783  0.591   -11.294 1.00 15.96 ? 114  ILE A CB  1 
ATOM   913  C CG1 . ILE A 1 115 ? -7.163  -0.793  -11.448 1.00 20.18 ? 114  ILE A CG1 1 
ATOM   914  C CG2 . ILE A 1 115 ? -9.379  0.622   -11.325 1.00 18.12 ? 114  ILE A CG2 1 
ATOM   915  C CD1 . ILE A 1 115 ? -7.473  -1.761  -10.267 1.00 26.09 ? 114  ILE A CD1 1 
ATOM   916  N N   . PRO A 1 116 ? -8.706  3.586   -12.698 1.00 20.77 ? 115  PRO A N   1 
ATOM   917  C CA  . PRO A 1 116 ? -9.260  4.810   -12.208 1.00 24.19 ? 115  PRO A CA  1 
ATOM   918  C C   . PRO A 1 116 ? -10.412 4.497   -11.262 1.00 26.96 ? 115  PRO A C   1 
ATOM   919  O O   . PRO A 1 116 ? -11.470 4.047   -11.705 1.00 29.11 ? 115  PRO A O   1 
ATOM   920  C CB  . PRO A 1 116 ? -9.760  5.522   -13.473 1.00 22.95 ? 115  PRO A CB  1 
ATOM   921  C CG  . PRO A 1 116 ? -9.904  4.459   -14.506 1.00 22.40 ? 115  PRO A CG  1 
ATOM   922  C CD  . PRO A 1 116 ? -9.147  3.249   -14.060 1.00 21.40 ? 115  PRO A CD  1 
ATOM   923  N N   . VAL A 1 117 ? -10.194 4.670   -9.963  1.00 29.86 ? 116  VAL A N   1 
ATOM   924  C CA  . VAL A 1 117 ? -11.231 4.358   -8.975  1.00 30.53 ? 116  VAL A CA  1 
ATOM   925  C C   . VAL A 1 117 ? -12.091 5.599   -8.618  1.00 32.37 ? 116  VAL A C   1 
ATOM   926  O O   . VAL A 1 117 ? -13.049 5.492   -7.870  1.00 33.31 ? 116  VAL A O   1 
ATOM   927  C CB  . VAL A 1 117 ? -10.615 3.726   -7.712  1.00 31.32 ? 116  VAL A CB  1 
ATOM   928  C CG1 . VAL A 1 117 ? -9.674  2.555   -8.067  1.00 31.04 ? 116  VAL A CG1 1 
ATOM   929  C CG2 . VAL A 1 117 ? -9.827  4.790   -6.912  1.00 30.43 ? 116  VAL A CG2 1 
ATOM   930  N N   . GLY A 1 118 ? -11.688 6.780   -9.084  1.00 34.84 ? 117  GLY A N   1 
ATOM   931  C CA  . GLY A 1 118 ? -12.445 8.030   -8.884  1.00 34.51 ? 117  GLY A CA  1 
ATOM   932  C C   . GLY A 1 118 ? -12.351 8.579   -7.454  1.00 35.68 ? 117  GLY A C   1 
ATOM   933  O O   . GLY A 1 118 ? -11.248 8.802   -6.903  1.00 34.11 ? 117  GLY A O   1 
ATOM   934  N N   . GLN A 1 119 ? -13.525 8.748   -6.851  1.00 35.72 ? 118  GLN A N   1 
ATOM   935  C CA  . GLN A 1 119 ? -13.680 9.330   -5.538  1.00 37.16 ? 118  GLN A CA  1 
ATOM   936  C C   . GLN A 1 119 ? -13.321 8.399   -4.351  1.00 36.33 ? 118  GLN A C   1 
ATOM   937  O O   . GLN A 1 119 ? -13.858 7.282   -4.203  1.00 35.90 ? 118  GLN A O   1 
ATOM   938  C CB  . GLN A 1 119 ? -15.108 9.803   -5.395  1.00 37.31 ? 118  GLN A CB  1 
ATOM   939  C CG  . GLN A 1 119 ? -15.388 10.393  -4.036  1.00 42.41 ? 118  GLN A CG  1 
ATOM   940  C CD  . GLN A 1 119 ? -16.704 11.134  -4.014  1.00 45.35 ? 118  GLN A CD  1 
ATOM   941  O OE1 . GLN A 1 119 ? -16.905 12.056  -4.810  1.00 48.10 ? 118  GLN A OE1 1 
ATOM   942  N NE2 . GLN A 1 119 ? -17.608 10.736  -3.107  1.00 47.54 ? 118  GLN A NE2 1 
ATOM   943  N N   . VAL A 1 120 ? -12.412 8.915   -3.528  1.00 36.36 ? 119  VAL A N   1 
ATOM   944  C CA  . VAL A 1 120 ? -11.937 8.279   -2.299  1.00 36.63 ? 119  VAL A CA  1 
ATOM   945  C C   . VAL A 1 120 ? -12.445 9.060   -1.087  1.00 37.56 ? 119  VAL A C   1 
ATOM   946  O O   . VAL A 1 120 ? -12.148 10.260  -0.898  1.00 37.22 ? 119  VAL A O   1 
ATOM   947  C CB  . VAL A 1 120 ? -10.403 8.279   -2.228  1.00 36.44 ? 119  VAL A CB  1 
ATOM   948  C CG1 . VAL A 1 120 ? -9.904  7.668   -0.891  1.00 35.54 ? 119  VAL A CG1 1 
ATOM   949  C CG2 . VAL A 1 120 ? -9.843  7.543   -3.411  1.00 34.18 ? 119  VAL A CG2 1 
ATOM   950  N N   . THR A 1 121 ? -13.208 8.371   -0.263  1.00 38.70 ? 120  THR A N   1 
ATOM   951  C CA  . THR A 1 121 ? -13.732 9.001   0.925   1.00 40.26 ? 120  THR A CA  1 
ATOM   952  C C   . THR A 1 121 ? -13.302 8.239   2.154   1.00 40.33 ? 120  THR A C   1 
ATOM   953  O O   . THR A 1 121 ? -13.353 7.001   2.173   1.00 39.78 ? 120  THR A O   1 
ATOM   954  C CB  . THR A 1 121 ? -15.237 8.983   0.897   1.00 39.71 ? 120  THR A CB  1 
ATOM   955  O OG1 . THR A 1 121 ? -15.664 7.630   0.850   1.00 43.90 ? 120  THR A OG1 1 
ATOM   956  C CG2 . THR A 1 121 ? -15.750 9.703   -0.329  1.00 41.13 ? 120  THR A CG2 1 
ATOM   957  N N   . GLU A 1 122 ? -12.938 8.997   3.191   1.00 41.27 ? 121  GLU A N   1 
ATOM   958  C CA  . GLU A 1 122 ? -12.482 8.422   4.446   1.00 41.63 ? 121  GLU A CA  1 
ATOM   959  C C   . GLU A 1 122 ? -13.623 7.614   5.017   1.00 42.44 ? 121  GLU A C   1 
ATOM   960  O O   . GLU A 1 122 ? -14.700 8.154   5.340   1.00 42.82 ? 121  GLU A O   1 
ATOM   961  C CB  . GLU A 1 122 ? -12.036 9.506   5.441   1.00 42.06 ? 121  GLU A CB  1 
ATOM   962  C CG  . GLU A 1 122 ? -11.506 8.947   6.789   1.00 41.24 ? 121  GLU A CG  1 
ATOM   963  C CD  . GLU A 1 122 ? -11.440 10.012  7.879   1.00 43.19 ? 121  GLU A CD  1 
ATOM   964  O OE1 . GLU A 1 122 ? -11.576 11.224  7.557   1.00 44.19 ? 121  GLU A OE1 1 
ATOM   965  O OE2 . GLU A 1 122 ? -11.277 9.639   9.058   1.00 39.58 ? 121  GLU A OE2 1 
ATOM   966  N N   . TYR A 1 123 ? -13.377 6.323   5.133   1.00 42.03 ? 122  TYR A N   1 
ATOM   967  C CA  . TYR A 1 123 ? -14.397 5.382   5.482   1.00 42.78 ? 122  TYR A CA  1 
ATOM   968  C C   . TYR A 1 123 ? -14.305 5.093   6.962   1.00 42.33 ? 122  TYR A C   1 
ATOM   969  O O   . TYR A 1 123 ? -15.339 5.006   7.651   1.00 43.20 ? 122  TYR A O   1 
ATOM   970  C CB  . TYR A 1 123 ? -14.204 4.101   4.683   1.00 43.15 ? 122  TYR A CB  1 
ATOM   971  C CG  . TYR A 1 123 ? -15.391 3.209   4.727   1.00 44.74 ? 122  TYR A CG  1 
ATOM   972  C CD1 . TYR A 1 123 ? -16.584 3.595   4.107   1.00 45.20 ? 122  TYR A CD1 1 
ATOM   973  C CD2 . TYR A 1 123 ? -15.335 1.965   5.392   1.00 46.73 ? 122  TYR A CD2 1 
ATOM   974  C CE1 . TYR A 1 123 ? -17.712 2.784   4.145   1.00 47.10 ? 122  TYR A CE1 1 
ATOM   975  C CE2 . TYR A 1 123 ? -16.465 1.133   5.446   1.00 48.63 ? 122  TYR A CE2 1 
ATOM   976  C CZ  . TYR A 1 123 ? -17.649 1.553   4.811   1.00 48.96 ? 122  TYR A CZ  1 
ATOM   977  O OH  . TYR A 1 123 ? -18.773 0.757   4.863   1.00 51.76 ? 122  TYR A OH  1 
ATOM   978  N N   . GLY A 1 124 ? -13.073 4.965   7.443   1.00 41.24 ? 123  GLY A N   1 
ATOM   979  C CA  . GLY A 1 124 ? -12.801 4.749   8.850   1.00 40.06 ? 123  GLY A CA  1 
ATOM   980  C C   . GLY A 1 124 ? -12.978 3.305   9.254   1.00 39.49 ? 123  GLY A C   1 
ATOM   981  O O   . GLY A 1 124 ? -12.211 2.442   8.813   1.00 38.59 ? 123  GLY A O   1 
ATOM   982  N N   . PHE A 1 125 ? -13.975 3.035   10.106  1.00 38.96 ? 124  PHE A N   1 
ATOM   983  C CA  . PHE A 1 125 ? -14.077 1.695   10.729  1.00 39.14 ? 124  PHE A CA  1 
ATOM   984  C C   . PHE A 1 125 ? -14.663 0.680   9.770   1.00 39.50 ? 124  PHE A C   1 
ATOM   985  O O   . PHE A 1 125 ? -15.711 0.941   9.134   1.00 39.66 ? 124  PHE A O   1 
ATOM   986  C CB  . PHE A 1 125 ? -14.934 1.665   12.015  1.00 40.04 ? 124  PHE A CB  1 
ATOM   987  C CG  . PHE A 1 125 ? -15.307 0.268   12.426  1.00 40.20 ? 124  PHE A CG  1 
ATOM   988  C CD1 . PHE A 1 125 ? -14.336 -0.608  12.915  1.00 40.77 ? 124  PHE A CD1 1 
ATOM   989  C CD2 . PHE A 1 125 ? -16.612 -0.204  12.247  1.00 42.58 ? 124  PHE A CD2 1 
ATOM   990  C CE1 . PHE A 1 125 ? -14.644 -1.924  13.249  1.00 39.91 ? 124  PHE A CE1 1 
ATOM   991  C CE2 . PHE A 1 125 ? -16.950 -1.528  12.595  1.00 41.72 ? 124  PHE A CE2 1 
ATOM   992  C CZ  . PHE A 1 125 ? -15.954 -2.388  13.102  1.00 42.71 ? 124  PHE A CZ  1 
ATOM   993  N N   . LEU A 1 126 ? -14.011 -0.478  9.705   1.00 38.65 ? 125  LEU A N   1 
ATOM   994  C CA  . LEU A 1 126 ? -14.495 -1.581  8.904   1.00 39.61 ? 125  LEU A CA  1 
ATOM   995  C C   . LEU A 1 126 ? -14.093 -2.942  9.468   1.00 39.41 ? 125  LEU A C   1 
ATOM   996  O O   . LEU A 1 126 ? -12.923 -3.197  9.804   1.00 37.20 ? 125  LEU A O   1 
ATOM   997  C CB  . LEU A 1 126 ? -14.023 -1.461  7.462   1.00 39.77 ? 125  LEU A CB  1 
ATOM   998  C CG  . LEU A 1 126 ? -14.324 -2.656  6.550   1.00 41.29 ? 125  LEU A CG  1 
ATOM   999  C CD1 . LEU A 1 126 ? -15.821 -2.627  6.079   1.00 40.65 ? 125  LEU A CD1 1 
ATOM   1000 C CD2 . LEU A 1 126 ? -13.364 -2.631  5.366   1.00 41.47 ? 125  LEU A CD2 1 
ATOM   1001 N N   . ASN A 1 127 ? -15.102 -3.811  9.559   1.00 41.06 ? 126  ASN A N   1 
ATOM   1002 C CA  . ASN A 1 127 ? -14.861 -5.188  9.941   1.00 42.46 ? 126  ASN A CA  1 
ATOM   1003 C C   . ASN A 1 127 ? -14.316 -5.945  8.722   1.00 43.66 ? 126  ASN A C   1 
ATOM   1004 O O   . ASN A 1 127 ? -15.067 -6.275  7.781   1.00 43.55 ? 126  ASN A O   1 
ATOM   1005 C CB  . ASN A 1 127 ? -16.120 -5.843  10.550  1.00 42.76 ? 126  ASN A CB  1 
ATOM   1006 C CG  . ASN A 1 127 ? -15.811 -7.173  11.212  1.00 43.24 ? 126  ASN A CG  1 
ATOM   1007 O OD1 . ASN A 1 127 ? -14.899 -7.884  10.787  1.00 43.81 ? 126  ASN A OD1 1 
ATOM   1008 N ND2 . ASN A 1 127 ? -16.566 -7.519  12.266  1.00 46.09 ? 126  ASN A ND2 1 
ATOM   1009 N N   . LEU A 1 128 ? -13.004 -6.197  8.739   1.00 44.86 ? 127  LEU A N   1 
ATOM   1010 C CA  . LEU A 1 128 ? -12.304 -6.754  7.588   1.00 46.34 ? 127  LEU A CA  1 
ATOM   1011 C C   . LEU A 1 128 ? -11.955 -8.209  7.812   1.00 47.72 ? 127  LEU A C   1 
ATOM   1012 O O   . LEU A 1 128 ? -10.931 -8.521  8.433   1.00 48.59 ? 127  LEU A O   1 
ATOM   1013 C CB  . LEU A 1 128 ? -11.029 -5.945  7.295   1.00 46.42 ? 127  LEU A CB  1 
ATOM   1014 C CG  . LEU A 1 128 ? -10.279 -6.063  5.968   1.00 46.71 ? 127  LEU A CG  1 
ATOM   1015 C CD1 . LEU A 1 128 ? -11.164 -5.620  4.809   1.00 45.65 ? 127  LEU A CD1 1 
ATOM   1016 C CD2 . LEU A 1 128 ? -8.987  -5.224  6.029   1.00 45.09 ? 127  LEU A CD2 1 
ATOM   1017 N N   . GLY A 1 129 ? -12.806 -9.092  7.284   1.00 48.70 ? 128  GLY A N   1 
ATOM   1018 C CA  . GLY A 1 129 ? -12.601 -10.547 7.366   1.00 48.81 ? 128  GLY A CA  1 
ATOM   1019 C C   . GLY A 1 129 ? -12.502 -10.968 8.809   1.00 48.08 ? 128  GLY A C   1 
ATOM   1020 O O   . GLY A 1 129 ? -11.554 -11.663 9.212   1.00 48.25 ? 128  GLY A O   1 
ATOM   1021 N N   . GLY A 1 130 ? -13.476 -10.484 9.588   1.00 47.98 ? 129  GLY A N   1 
ATOM   1022 C CA  . GLY A 1 130 ? -13.542 -10.719 11.021  1.00 46.25 ? 129  GLY A CA  1 
ATOM   1023 C C   . GLY A 1 130 ? -12.773 -9.685  11.816  1.00 45.31 ? 129  GLY A C   1 
ATOM   1024 O O   . GLY A 1 130 ? -13.090 -9.463  12.990  1.00 45.92 ? 129  GLY A O   1 
ATOM   1025 N N   . THR A 1 131 ? -11.786 -9.041  11.177  1.00 42.83 ? 130  THR A N   1 
ATOM   1026 C CA  . THR A 1 131 ? -10.841 -8.165  11.869  1.00 39.98 ? 130  THR A CA  1 
ATOM   1027 C C   . THR A 1 131 ? -11.294 -6.694  11.876  1.00 38.32 ? 130  THR A C   1 
ATOM   1028 O O   . THR A 1 131 ? -11.316 -6.047  10.826  1.00 35.70 ? 130  THR A O   1 
ATOM   1029 C CB  . THR A 1 131 ? -9.404  -8.325  11.335  1.00 40.40 ? 130  THR A CB  1 
ATOM   1030 O OG1 . THR A 1 131 ? -9.133  -9.720  11.105  1.00 41.94 ? 130  THR A OG1 1 
ATOM   1031 C CG2 . THR A 1 131 ? -8.386  -7.765  12.330  1.00 38.84 ? 130  THR A CG2 1 
ATOM   1032 N N   . PRO A 1 132 ? -11.678 -6.180  13.077  1.00 36.69 ? 131  PRO A N   1 
ATOM   1033 C CA  . PRO A 1 132 ? -12.012 -4.749  13.294  1.00 35.09 ? 131  PRO A CA  1 
ATOM   1034 C C   . PRO A 1 132 ? -10.820 -3.950  12.832  1.00 32.80 ? 131  PRO A C   1 
ATOM   1035 O O   . PRO A 1 132 ? -9.717  -4.217  13.291  1.00 32.49 ? 131  PRO A O   1 
ATOM   1036 C CB  . PRO A 1 132 ? -12.103 -4.637  14.816  1.00 34.57 ? 131  PRO A CB  1 
ATOM   1037 C CG  . PRO A 1 132 ? -12.471 -6.036  15.287  1.00 36.64 ? 131  PRO A CG  1 
ATOM   1038 C CD  . PRO A 1 132 ? -11.717 -6.947  14.348  1.00 37.30 ? 131  PRO A CD  1 
ATOM   1039 N N   . THR A 1 133 ? -11.014 -3.028  11.898  1.00 32.18 ? 132  THR A N   1 
ATOM   1040 C CA  . THR A 1 133 ? -9.848  -2.306  11.330  1.00 30.39 ? 132  THR A CA  1 
ATOM   1041 C C   . THR A 1 133 ? -10.207 -0.847  11.209  1.00 30.11 ? 132  THR A C   1 
ATOM   1042 O O   . THR A 1 133 ? -11.371 -0.494  10.922  1.00 31.58 ? 132  THR A O   1 
ATOM   1043 C CB  . THR A 1 133 ? -9.413  -2.906  9.932   1.00 30.75 ? 132  THR A CB  1 
ATOM   1044 O OG1 . THR A 1 133 ? -9.340  -4.315  10.024  1.00 26.84 ? 132  THR A OG1 1 
ATOM   1045 C CG2 . THR A 1 133 ? -8.014  -2.366  9.431   1.00 28.92 ? 132  THR A CG2 1 
ATOM   1046 N N   . LYS A 1 134 ? -9.208  0.008   11.437  1.00 29.48 ? 133  LYS A N   1 
ATOM   1047 C CA  . LYS A 1 134 ? -9.458  1.439   11.343  1.00 28.75 ? 133  LYS A CA  1 
ATOM   1048 C C   . LYS A 1 134 ? -8.666  2.118   10.242  1.00 27.86 ? 133  LYS A C   1 
ATOM   1049 O O   . LYS A 1 134 ? -7.834  1.488   9.579   1.00 29.11 ? 133  LYS A O   1 
ATOM   1050 C CB  . LYS A 1 134 ? -9.283  2.116   12.719  1.00 28.40 ? 133  LYS A CB  1 
ATOM   1051 C CG  . LYS A 1 134 ? -10.588 1.889   13.580  1.00 30.78 ? 133  LYS A CG  1 
ATOM   1052 C CD  . LYS A 1 134 ? -10.508 2.488   14.967  1.00 34.33 ? 133  LYS A CD  1 
ATOM   1053 C CE  . LYS A 1 134 ? -11.509 1.771   15.893  1.00 36.45 ? 133  LYS A CE  1 
ATOM   1054 N NZ  . LYS A 1 134 ? -12.048 2.720   16.909  1.00 33.58 ? 133  LYS A NZ  1 
ATOM   1055 N N   . ARG A 1 135 ? -8.983  3.398   10.045  1.00 27.11 ? 134  ARG A N   1 
ATOM   1056 C CA  . ARG A 1 135 ? -8.353  4.291   9.062   1.00 26.68 ? 134  ARG A CA  1 
ATOM   1057 C C   . ARG A 1 135 ? -8.485  3.860   7.597   1.00 27.03 ? 134  ARG A C   1 
ATOM   1058 O O   . ARG A 1 135 ? -7.559  4.045   6.800   1.00 26.54 ? 134  ARG A O   1 
ATOM   1059 C CB  . ARG A 1 135 ? -6.913  4.576   9.468   1.00 24.66 ? 134  ARG A CB  1 
ATOM   1060 C CG  . ARG A 1 135 ? -6.877  5.453   10.708  1.00 28.50 ? 134  ARG A CG  1 
ATOM   1061 C CD  . ARG A 1 135 ? -5.493  5.408   11.348  1.00 28.74 ? 134  ARG A CD  1 
ATOM   1062 N NE  . ARG A 1 135 ? -5.495  5.812   12.760  1.00 30.10 ? 134  ARG A NE  1 
ATOM   1063 C CZ  . ARG A 1 135 ? -4.390  5.898   13.515  1.00 31.51 ? 134  ARG A CZ  1 
ATOM   1064 N NH1 . ARG A 1 135 ? -3.199  5.646   12.976  1.00 25.94 ? 134  ARG A NH1 1 
ATOM   1065 N NH2 . ARG A 1 135 ? -4.461  6.263   14.806  1.00 29.53 ? 134  ARG A NH2 1 
ATOM   1066 N N   . MET A 1 136 ? -9.652  3.339   7.223   1.00 25.92 ? 135  MET A N   1 
ATOM   1067 C CA  . MET A 1 136 ? -9.831  2.814   5.890   1.00 26.95 ? 135  MET A CA  1 
ATOM   1068 C C   . MET A 1 136 ? -10.270 3.925   4.976   1.00 27.53 ? 135  MET A C   1 
ATOM   1069 O O   . MET A 1 136 ? -11.071 4.799   5.398   1.00 28.76 ? 135  MET A O   1 
ATOM   1070 C CB  . MET A 1 136 ? -10.923 1.722   5.911   1.00 26.81 ? 135  MET A CB  1 
ATOM   1071 C CG  . MET A 1 136 ? -10.555 0.544   6.761   1.00 29.75 ? 135  MET A CG  1 
ATOM   1072 S SD  . MET A 1 136 ? -9.592  -0.638  5.791   1.00 34.20 ? 135  MET A SD  1 
ATOM   1073 C CE  . MET A 1 136 ? -7.920  -0.310  6.365   1.00 29.96 ? 135  MET A CE  1 
ATOM   1074 N N   . LEU A 1 137 ? -9.772  3.889   3.742   1.00 25.37 ? 136  LEU A N   1 
ATOM   1075 C CA  . LEU A 1 137 ? -10.255 4.727   2.660   1.00 27.09 ? 136  LEU A CA  1 
ATOM   1076 C C   . LEU A 1 137 ? -11.102 3.859   1.724   1.00 28.52 ? 136  LEU A C   1 
ATOM   1077 O O   . LEU A 1 137 ? -10.721 2.738   1.431   1.00 28.83 ? 136  LEU A O   1 
ATOM   1078 C CB  . LEU A 1 137 ? -9.086  5.379   1.898   1.00 25.77 ? 136  LEU A CB  1 
ATOM   1079 C CG  . LEU A 1 137 ? -8.015  5.915   2.869   1.00 26.60 ? 136  LEU A CG  1 
ATOM   1080 C CD1 . LEU A 1 137 ? -6.703  6.329   2.262   1.00 29.40 ? 136  LEU A CD1 1 
ATOM   1081 C CD2 . LEU A 1 137 ? -8.611  7.063   3.729   1.00 28.02 ? 136  LEU A CD2 1 
ATOM   1082 N N   . MET A 1 138 ? -12.208 4.390   1.193   1.00 31.23 ? 137  MET A N   1 
ATOM   1083 C CA  . MET A 1 138 ? -13.106 3.566   0.323   1.00 32.10 ? 137  MET A CA  1 
ATOM   1084 C C   . MET A 1 138 ? -13.255 4.222   -1.037  1.00 31.61 ? 137  MET A C   1 
ATOM   1085 O O   . MET A 1 138 ? -13.313 5.463   -1.151  1.00 30.85 ? 137  MET A O   1 
ATOM   1086 C CB  . MET A 1 138 ? -14.500 3.299   0.976   1.00 33.21 ? 137  MET A CB  1 
ATOM   1087 C CG  . MET A 1 138 ? -15.528 2.525   0.115   1.00 34.54 ? 137  MET A CG  1 
ATOM   1088 S SD  . MET A 1 138 ? -16.290 3.734   -1.032  1.00 43.92 ? 137  MET A SD  1 
ATOM   1089 C CE  . MET A 1 138 ? -17.186 4.828   0.088   1.00 44.11 ? 137  MET A CE  1 
ATOM   1090 N N   . TYR A 1 139 ? -13.291 3.380   -2.071  1.00 31.91 ? 138  TYR A N   1 
ATOM   1091 C CA  . TYR A 1 139 ? -13.487 3.836   -3.442  1.00 32.28 ? 138  TYR A CA  1 
ATOM   1092 C C   . TYR A 1 139 ? -14.405 2.832   -4.110  1.00 33.30 ? 138  TYR A C   1 
ATOM   1093 O O   . TYR A 1 139 ? -14.430 1.646   -3.764  1.00 31.59 ? 138  TYR A O   1 
ATOM   1094 C CB  . TYR A 1 139 ? -12.161 3.976   -4.203  1.00 31.12 ? 138  TYR A CB  1 
ATOM   1095 C CG  . TYR A 1 139 ? -11.073 3.065   -3.683  1.00 31.40 ? 138  TYR A CG  1 
ATOM   1096 C CD1 . TYR A 1 139 ? -10.273 3.459   -2.603  1.00 29.33 ? 138  TYR A CD1 1 
ATOM   1097 C CD2 . TYR A 1 139 ? -10.857 1.805   -4.236  1.00 29.50 ? 138  TYR A CD2 1 
ATOM   1098 C CE1 . TYR A 1 139 ? -9.282  2.615   -2.079  1.00 25.28 ? 138  TYR A CE1 1 
ATOM   1099 C CE2 . TYR A 1 139 ? -9.878  0.935   -3.695  1.00 27.00 ? 138  TYR A CE2 1 
ATOM   1100 C CZ  . TYR A 1 139 ? -9.091  1.383   -2.644  1.00 27.04 ? 138  TYR A CZ  1 
ATOM   1101 O OH  . TYR A 1 139 ? -8.127  0.614   -2.134  1.00 22.65 ? 138  TYR A OH  1 
ATOM   1102 N N   . ASN A 1 140 ? -15.182 3.318   -5.073  1.00 35.20 ? 139  ASN A N   1 
ATOM   1103 C CA  . ASN A 1 140 ? -16.007 2.444   -5.846  1.00 37.43 ? 139  ASN A CA  1 
ATOM   1104 C C   . ASN A 1 140 ? -15.272 2.073   -7.111  1.00 39.61 ? 139  ASN A C   1 
ATOM   1105 O O   . ASN A 1 140 ? -14.882 2.920   -7.943  1.00 40.87 ? 139  ASN A O   1 
ATOM   1106 C CB  . ASN A 1 140 ? -17.395 3.069   -6.096  1.00 37.53 ? 139  ASN A CB  1 
ATOM   1107 C CG  . ASN A 1 140 ? -18.082 3.413   -4.805  1.00 37.48 ? 139  ASN A CG  1 
ATOM   1108 O OD1 . ASN A 1 140 ? -18.416 2.526   -4.011  1.00 39.26 ? 139  ASN A OD1 1 
ATOM   1109 N ND2 . ASN A 1 140 ? -18.225 4.710   -4.538  1.00 36.68 ? 139  ASN A ND2 1 
ATOM   1110 N N   . PHE A 1 141 ? -15.010 0.789   -7.226  1.00 41.04 ? 140  PHE A N   1 
ATOM   1111 C CA  . PHE A 1 141 ? -14.457 0.248   -8.455  1.00 41.94 ? 140  PHE A CA  1 
ATOM   1112 C C   . PHE A 1 141 ? -14.446 -1.238  -8.127  1.00 41.99 ? 140  PHE A C   1 
ATOM   1113 O O   . PHE A 1 141 ? -14.243 -1.605  -6.970  1.00 40.66 ? 140  PHE A O   1 
ATOM   1114 C CB  . PHE A 1 141 ? -13.027 0.742   -8.732  1.00 42.83 ? 140  PHE A CB  1 
ATOM   1115 C CG  . PHE A 1 141 ? -11.975 -0.255  -8.319  1.00 44.14 ? 140  PHE A CG  1 
ATOM   1116 C CD1 . PHE A 1 141 ? -11.561 -1.262  -9.205  1.00 45.78 ? 140  PHE A CD1 1 
ATOM   1117 C CD2 . PHE A 1 141 ? -11.461 -0.255  -7.004  1.00 45.64 ? 140  PHE A CD2 1 
ATOM   1118 C CE1 . PHE A 1 141 ? -10.601 -2.219  -8.804  1.00 45.63 ? 140  PHE A CE1 1 
ATOM   1119 C CE2 . PHE A 1 141 ? -10.478 -1.211  -6.600  1.00 44.17 ? 140  PHE A CE2 1 
ATOM   1120 C CZ  . PHE A 1 141 ? -10.054 -2.185  -7.489  1.00 43.85 ? 140  PHE A CZ  1 
ATOM   1121 N N   . PRO A 1 142 ? -14.641 -2.089  -9.155  1.00 43.32 ? 141  PRO A N   1 
ATOM   1122 C CA  . PRO A 1 142 ? -14.778 -3.532  -8.945  1.00 43.24 ? 141  PRO A CA  1 
ATOM   1123 C C   . PRO A 1 142 ? -13.457 -4.229  -8.670  1.00 43.90 ? 141  PRO A C   1 
ATOM   1124 O O   . PRO A 1 142 ? -12.676 -4.521  -9.593  1.00 43.80 ? 141  PRO A O   1 
ATOM   1125 C CB  . PRO A 1 142 ? -15.415 -4.017  -10.242 1.00 43.04 ? 141  PRO A CB  1 
ATOM   1126 C CG  . PRO A 1 142 ? -14.913 -3.064  -11.303 1.00 43.53 ? 141  PRO A CG  1 
ATOM   1127 C CD  . PRO A 1 142 ? -14.739 -1.717  -10.588 1.00 43.24 ? 141  PRO A CD  1 
ATOM   1128 N N   . THR A 1 143 ? -13.258 -4.523  -7.393  1.00 43.76 ? 142  THR A N   1 
ATOM   1129 C CA  . THR A 1 143 ? -11.993 -5.007  -6.834  1.00 43.98 ? 142  THR A CA  1 
ATOM   1130 C C   . THR A 1 143 ? -11.648 -6.419  -7.230  1.00 43.10 ? 142  THR A C   1 
ATOM   1131 O O   . THR A 1 143 ? -12.536 -7.182  -7.598  1.00 44.32 ? 142  THR A O   1 
ATOM   1132 C CB  . THR A 1 143 ? -12.100 -5.010  -5.297  1.00 44.73 ? 142  THR A CB  1 
ATOM   1133 O OG1 . THR A 1 143 ? -13.472 -5.276  -4.873  1.00 44.81 ? 142  THR A OG1 1 
ATOM   1134 C CG2 . THR A 1 143 ? -11.621 -3.700  -4.771  1.00 43.36 ? 142  THR A CG2 1 
ATOM   1135 N N   . ARG A 1 144 ? -10.366 -6.777  -7.135  1.00 42.36 ? 143  ARG A N   1 
ATOM   1136 C CA  . ARG A 1 144 ? -9.938  -8.176  -7.356  1.00 42.10 ? 143  ARG A CA  1 
ATOM   1137 C C   . ARG A 1 144 ? -8.766  -8.683  -6.497  1.00 40.43 ? 143  ARG A C   1 
ATOM   1138 O O   . ARG A 1 144 ? -7.865  -7.896  -6.116  1.00 41.69 ? 143  ARG A O   1 
ATOM   1139 C CB  . ARG A 1 144 ? -9.680  -8.457  -8.852  1.00 42.04 ? 143  ARG A CB  1 
ATOM   1140 C CG  . ARG A 1 144 ? -10.771 -9.318  -9.525  1.00 45.80 ? 143  ARG A CG  1 
ATOM   1141 C CD  . ARG A 1 144 ? -11.943 -8.496  -10.047 1.00 48.89 ? 143  ARG A CD  1 
ATOM   1142 N NE  . ARG A 1 144 ? -12.993 -9.373  -10.569 1.00 51.58 ? 143  ARG A NE  1 
ATOM   1143 C CZ  . ARG A 1 144 ? -14.146 -8.995  -11.128 1.00 53.86 ? 143  ARG A CZ  1 
ATOM   1144 N NH1 . ARG A 1 144 ? -14.475 -7.709  -11.256 1.00 52.23 ? 143  ARG A NH1 1 
ATOM   1145 N NH2 . ARG A 1 144 ? -14.997 -9.938  -11.546 1.00 54.89 ? 143  ARG A NH2 1 
ATOM   1146 N N   . ALA A 1 145 ? -8.757  -9.995  -6.214  1.00 37.99 ? 144  ALA A N   1 
ATOM   1147 C CA  . ALA A 1 145 ? -7.688  -10.598 -5.421  1.00 35.85 ? 144  ALA A CA  1 
ATOM   1148 C C   . ALA A 1 145 ? -6.356  -10.403 -6.140  1.00 34.46 ? 144  ALA A C   1 
ATOM   1149 O O   . ALA A 1 145 ? -6.361  -10.309 -7.355  1.00 33.96 ? 144  ALA A O   1 
ATOM   1150 C CB  . ALA A 1 145 ? -7.960  -12.059 -5.204  1.00 35.51 ? 144  ALA A CB  1 
ATOM   1151 N N   . GLY A 1 146 ? -5.241  -10.303 -5.387  1.00 34.23 ? 145  GLY A N   1 
ATOM   1152 C CA  . GLY A 1 146 ? -3.859  -10.082 -5.940  1.00 32.00 ? 145  GLY A CA  1 
ATOM   1153 C C   . GLY A 1 146 ? -3.494  -8.628  -6.235  1.00 31.00 ? 145  GLY A C   1 
ATOM   1154 O O   . GLY A 1 146 ? -2.360  -8.304  -6.742  1.00 30.69 ? 145  GLY A O   1 
ATOM   1155 N N   . GLN A 1 147 ? -4.459  -7.766  -5.943  1.00 30.11 ? 146  GLN A N   1 
ATOM   1156 C CA  . GLN A 1 147 ? -4.322  -6.312  -6.000  1.00 28.60 ? 146  GLN A CA  1 
ATOM   1157 C C   . GLN A 1 147 ? -3.901  -5.748  -4.609  1.00 27.63 ? 146  GLN A C   1 
ATOM   1158 O O   . GLN A 1 147 ? -3.651  -4.526  -4.452  1.00 25.06 ? 146  GLN A O   1 
ATOM   1159 C CB  . GLN A 1 147 ? -5.622  -5.696  -6.466  1.00 29.57 ? 146  GLN A CB  1 
ATOM   1160 C CG  . GLN A 1 147 ? -5.957  -6.060  -7.942  1.00 32.57 ? 146  GLN A CG  1 
ATOM   1161 C CD  . GLN A 1 147 ? -7.224  -5.414  -8.470  1.00 34.67 ? 146  GLN A CD  1 
ATOM   1162 O OE1 . GLN A 1 147 ? -8.133  -5.059  -7.717  1.00 38.54 ? 146  GLN A OE1 1 
ATOM   1163 N NE2 . GLN A 1 147 ? -7.301  -5.289  -9.791  1.00 37.93 ? 146  GLN A NE2 1 
ATOM   1164 N N   . CYS A 1 148 ? -3.806  -6.623  -3.605  1.00 26.76 ? 147  CYS A N   1 
ATOM   1165 C CA  . CYS A 1 148 ? -3.443  -6.140  -2.275  1.00 26.91 ? 147  CYS A CA  1 
ATOM   1166 C C   . CYS A 1 148 ? -2.005  -5.631  -2.263  1.00 25.27 ? 147  CYS A C   1 
ATOM   1167 O O   . CYS A 1 148 ? -1.090  -6.202  -2.857  1.00 25.63 ? 147  CYS A O   1 
ATOM   1168 C CB  . CYS A 1 148 ? -3.854  -7.105  -1.100  1.00 26.01 ? 147  CYS A CB  1 
ATOM   1169 S SG  . CYS A 1 148 ? -5.685  -7.014  -0.834  1.00 32.55 ? 147  CYS A SG  1 
ATOM   1170 N N   . GLY A 1 149 ? -1.816  -4.488  -1.619  1.00 24.69 ? 148  GLY A N   1 
ATOM   1171 C CA  . GLY A 1 149 ? -0.545  -3.795  -1.703  1.00 20.90 ? 148  GLY A CA  1 
ATOM   1172 C C   . GLY A 1 149 ? -0.503  -2.735  -2.810  1.00 22.14 ? 148  GLY A C   1 
ATOM   1173 O O   . GLY A 1 149 ? 0.435   -1.897  -2.864  1.00 22.10 ? 148  GLY A O   1 
ATOM   1174 N N   . GLY A 1 150 ? -1.510  -2.747  -3.674  1.00 20.63 ? 149  GLY A N   1 
ATOM   1175 C CA  . GLY A 1 150 ? -1.598  -1.710  -4.731  1.00 18.52 ? 149  GLY A CA  1 
ATOM   1176 C C   . GLY A 1 150 ? -1.526  -0.338  -4.043  1.00 17.11 ? 149  GLY A C   1 
ATOM   1177 O O   . GLY A 1 150 ? -2.069  -0.152  -2.949  1.00 20.01 ? 149  GLY A O   1 
ATOM   1178 N N   . VAL A 1 151 ? -0.980  0.659   -4.734  1.00 16.51 ? 150  VAL A N   1 
ATOM   1179 C CA  . VAL A 1 151 ? -0.745  1.973   -4.122  1.00 17.33 ? 150  VAL A CA  1 
ATOM   1180 C C   . VAL A 1 151 ? -1.855  2.893   -4.622  1.00 15.98 ? 150  VAL A C   1 
ATOM   1181 O O   . VAL A 1 151 ? -1.994  3.095   -5.840  1.00 16.65 ? 150  VAL A O   1 
ATOM   1182 C CB  . VAL A 1 151 ? 0.609   2.497   -4.579  1.00 16.19 ? 150  VAL A CB  1 
ATOM   1183 C CG1 . VAL A 1 151 ? 0.994   3.836   -3.845  1.00 18.08 ? 150  VAL A CG1 1 
ATOM   1184 C CG2 . VAL A 1 151 ? 1.694   1.431   -4.309  1.00 19.57 ? 150  VAL A CG2 1 
ATOM   1185 N N   . LEU A 1 152 ? -2.605  3.489   -3.704  1.00 16.62 ? 151  LEU A N   1 
ATOM   1186 C CA  . LEU A 1 152 ? -3.655  4.455   -4.037  1.00 19.14 ? 151  LEU A CA  1 
ATOM   1187 C C   . LEU A 1 152 ? -3.103  5.895   -4.115  1.00 20.66 ? 151  LEU A C   1 
ATOM   1188 O O   . LEU A 1 152 ? -2.486  6.389   -3.141  1.00 21.83 ? 151  LEU A O   1 
ATOM   1189 C CB  . LEU A 1 152 ? -4.785  4.384   -2.980  1.00 19.94 ? 151  LEU A CB  1 
ATOM   1190 C CG  . LEU A 1 152 ? -6.037  5.232   -3.231  1.00 20.78 ? 151  LEU A CG  1 
ATOM   1191 C CD1 . LEU A 1 152 ? -6.813  4.695   -4.444  1.00 19.15 ? 151  LEU A CD1 1 
ATOM   1192 C CD2 . LEU A 1 152 ? -6.816  5.151   -1.904  1.00 20.56 ? 151  LEU A CD2 1 
ATOM   1193 N N   . MET A 1 153 ? -3.364  6.587   -5.227  1.00 20.66 ? 152  MET A N   1 
ATOM   1194 C CA  . MET A 1 153 ? -2.699  7.857   -5.526  1.00 21.92 ? 152  MET A CA  1 
ATOM   1195 C C   . MET A 1 153 ? -3.624  8.919   -6.162  1.00 23.02 ? 152  MET A C   1 
ATOM   1196 O O   . MET A 1 153 ? -4.609  8.617   -6.835  1.00 22.92 ? 152  MET A O   1 
ATOM   1197 C CB  . MET A 1 153 ? -1.408  7.668   -6.342  1.00 19.89 ? 152  MET A CB  1 
ATOM   1198 C CG  . MET A 1 153 ? -0.243  6.909   -5.613  1.00 21.99 ? 152  MET A CG  1 
ATOM   1199 S SD  . MET A 1 153 ? 1.150   6.690   -6.672  1.00 21.71 ? 152  MET A SD  1 
ATOM   1200 C CE  . MET A 1 153 ? 0.862   5.074   -7.471  1.00 20.59 ? 152  MET A CE  1 
ATOM   1201 N N   . SER A 1 154 ? -3.302  10.200  -5.932  1.00 23.79 ? 153  SER A N   1 
ATOM   1202 C CA  . SER A 1 154 ? -3.802  11.267  -6.806  1.00 24.73 ? 153  SER A CA  1 
ATOM   1203 C C   . SER A 1 154 ? -2.644  12.223  -7.062  1.00 25.95 ? 153  SER A C   1 
ATOM   1204 O O   . SER A 1 154 ? -1.495  11.947  -6.686  1.00 24.20 ? 153  SER A O   1 
ATOM   1205 C CB  . SER A 1 154 ? -4.980  11.968  -6.188  1.00 23.65 ? 153  SER A CB  1 
ATOM   1206 O OG  . SER A 1 154 ? -4.563  12.554  -4.958  1.00 29.28 ? 153  SER A OG  1 
ATOM   1207 N N   . THR A 1 155 ? -2.915  13.318  -7.775  1.00 27.43 ? 154  THR A N   1 
ATOM   1208 C CA  . THR A 1 155 ? -1.823  14.186  -8.172  1.00 29.91 ? 154  THR A CA  1 
ATOM   1209 C C   . THR A 1 155 ? -1.078  14.618  -6.919  1.00 28.36 ? 154  THR A C   1 
ATOM   1210 O O   . THR A 1 155 ? -1.688  15.199  -6.030  1.00 31.01 ? 154  THR A O   1 
ATOM   1211 C CB  . THR A 1 155 ? -2.328  15.447  -8.936  1.00 29.90 ? 154  THR A CB  1 
ATOM   1212 O OG1 . THR A 1 155 ? -3.454  15.105  -9.728  1.00 36.98 ? 154  THR A OG1 1 
ATOM   1213 C CG2 . THR A 1 155 ? -1.243  15.956  -9.841  1.00 33.32 ? 154  THR A CG2 1 
ATOM   1214 N N   . GLY A 1 156 ? 0.190   14.251  -6.815  1.00 27.15 ? 155  GLY A N   1 
ATOM   1215 C CA  . GLY A 1 156 ? 1.064   14.677  -5.726  1.00 28.03 ? 155  GLY A CA  1 
ATOM   1216 C C   . GLY A 1 156 ? 0.772   14.052  -4.360  1.00 28.16 ? 155  GLY A C   1 
ATOM   1217 O O   . GLY A 1 156 ? 1.296   14.523  -3.345  1.00 28.19 ? 155  GLY A O   1 
ATOM   1218 N N   . LYS A 1 157 ? -0.038  12.979  -4.330  1.00 25.89 ? 156  LYS A N   1 
ATOM   1219 C CA  . LYS A 1 157 ? -0.404  12.348  -3.079  1.00 24.30 ? 156  LYS A CA  1 
ATOM   1220 C C   . LYS A 1 157 ? -0.320  10.835  -3.153  1.00 23.69 ? 156  LYS A C   1 
ATOM   1221 O O   . LYS A 1 157 ? -0.756  10.245  -4.163  1.00 25.18 ? 156  LYS A O   1 
ATOM   1222 C CB  . LYS A 1 157 ? -1.834  12.701  -2.728  1.00 24.31 ? 156  LYS A CB  1 
ATOM   1223 C CG  . LYS A 1 157 ? -2.015  14.190  -2.487  1.00 25.25 ? 156  LYS A CG  1 
ATOM   1224 C CD  . LYS A 1 157 ? -3.476  14.482  -2.394  1.00 27.89 ? 156  LYS A CD  1 
ATOM   1225 C CE  . LYS A 1 157 ? -3.640  15.997  -2.129  1.00 33.58 ? 156  LYS A CE  1 
ATOM   1226 N NZ  . LYS A 1 157 ? -4.880  16.555  -2.743  1.00 34.14 ? 156  LYS A NZ  1 
ATOM   1227 N N   . VAL A 1 158 ? 0.279   10.239  -2.122  1.00 22.34 ? 157  VAL A N   1 
ATOM   1228 C CA  . VAL A 1 158 ? 0.189   8.786   -1.903  1.00 21.27 ? 157  VAL A CA  1 
ATOM   1229 C C   . VAL A 1 158 ? -0.773  8.641   -0.731  1.00 20.69 ? 157  VAL A C   1 
ATOM   1230 O O   . VAL A 1 158 ? -0.464  9.102   0.402   1.00 22.21 ? 157  VAL A O   1 
ATOM   1231 C CB  . VAL A 1 158 ? 1.506   8.195   -1.679  1.00 20.54 ? 157  VAL A CB  1 
ATOM   1232 C CG1 . VAL A 1 158 ? 1.389   6.704   -1.241  1.00 21.28 ? 157  VAL A CG1 1 
ATOM   1233 C CG2 . VAL A 1 158 ? 2.381   8.278   -2.976  1.00 21.99 ? 157  VAL A CG2 1 
ATOM   1234 N N   . LEU A 1 159 ? -1.974  8.135   -1.013  1.00 21.14 ? 158  LEU A N   1 
ATOM   1235 C CA  . LEU A 1 159 ? -3.092  8.094   -0.035  1.00 21.78 ? 158  LEU A CA  1 
ATOM   1236 C C   . LEU A 1 159 ? -3.078  6.846   0.849   1.00 21.87 ? 158  LEU A C   1 
ATOM   1237 O O   . LEU A 1 159 ? -3.360  6.919   2.033   1.00 22.69 ? 158  LEU A O   1 
ATOM   1238 C CB  . LEU A 1 159 ? -4.432  8.122   -0.683  1.00 22.52 ? 158  LEU A CB  1 
ATOM   1239 C CG  . LEU A 1 159 ? -4.995  9.000   -1.791  1.00 27.27 ? 158  LEU A CG  1 
ATOM   1240 C CD1 . LEU A 1 159 ? -6.217  9.629   -1.345  1.00 28.57 ? 158  LEU A CD1 1 
ATOM   1241 C CD2 . LEU A 1 159 ? -4.000  9.926   -2.420  1.00 25.14 ? 158  LEU A CD2 1 
ATOM   1242 N N   . GLY A 1 160 ? -2.724  5.707   0.299   1.00 21.06 ? 159  GLY A N   1 
ATOM   1243 C CA  . GLY A 1 160 ? -2.700  4.484   1.116   1.00 20.47 ? 159  GLY A CA  1 
ATOM   1244 C C   . GLY A 1 160 ? -2.446  3.240   0.288   1.00 19.64 ? 159  GLY A C   1 
ATOM   1245 O O   . GLY A 1 160 ? -2.127  3.360   -0.876  1.00 19.71 ? 159  GLY A O   1 
ATOM   1246 N N   . ILE A 1 161 ? -2.522  2.060   0.932   1.00 21.04 ? 160  ILE A N   1 
ATOM   1247 C CA  . ILE A 1 161 ? -2.215  0.783   0.327   1.00 20.52 ? 160  ILE A CA  1 
ATOM   1248 C C   . ILE A 1 161 ? -3.483  -0.048  0.307   1.00 21.42 ? 160  ILE A C   1 
ATOM   1249 O O   . ILE A 1 161 ? -4.156  -0.159  1.365   1.00 22.48 ? 160  ILE A O   1 
ATOM   1250 C CB  . ILE A 1 161 ? -1.190  0.052   1.150   1.00 21.01 ? 160  ILE A CB  1 
ATOM   1251 C CG1 . ILE A 1 161 ? 0.154   0.850   1.262   1.00 21.61 ? 160  ILE A CG1 1 
ATOM   1252 C CG2 . ILE A 1 161 ? -1.045  -1.358  0.617   1.00 21.03 ? 160  ILE A CG2 1 
ATOM   1253 C CD1 . ILE A 1 161 ? 0.982   1.154   -0.095  1.00 20.47 ? 160  ILE A CD1 1 
ATOM   1254 N N   . HIS A 1 162 ? -3.801  -0.647  -0.858  1.00 21.26 ? 161  HIS A N   1 
ATOM   1255 C CA  . HIS A 1 162 ? -5.018  -1.439  -1.027  1.00 21.37 ? 161  HIS A CA  1 
ATOM   1256 C C   . HIS A 1 162 ? -4.937  -2.732  -0.161  1.00 21.97 ? 161  HIS A C   1 
ATOM   1257 O O   . HIS A 1 162 ? -3.931  -3.479  -0.224  1.00 20.32 ? 161  HIS A O   1 
ATOM   1258 C CB  . HIS A 1 162 ? -5.265  -1.809  -2.515  1.00 22.02 ? 161  HIS A CB  1 
ATOM   1259 C CG  . HIS A 1 162 ? -6.494  -2.643  -2.711  1.00 18.93 ? 161  HIS A CG  1 
ATOM   1260 N ND1 . HIS A 1 162 ? -7.754  -2.097  -2.792  1.00 25.02 ? 161  HIS A ND1 1 
ATOM   1261 C CD2 . HIS A 1 162 ? -6.649  -3.984  -2.863  1.00 26.61 ? 161  HIS A CD2 1 
ATOM   1262 C CE1 . HIS A 1 162 ? -8.644  -3.062  -2.978  1.00 25.91 ? 161  HIS A CE1 1 
ATOM   1263 N NE2 . HIS A 1 162 ? -8.000  -4.214  -3.024  1.00 25.74 ? 161  HIS A NE2 1 
ATOM   1264 N N   . VAL A 1 163 ? -6.001  -3.000  0.595   1.00 21.31 ? 162  VAL A N   1 
ATOM   1265 C CA  . VAL A 1 163 ? -5.995  -4.130  1.541   1.00 22.91 ? 162  VAL A CA  1 
ATOM   1266 C C   . VAL A 1 163 ? -7.252  -5.000  1.444   1.00 23.82 ? 162  VAL A C   1 
ATOM   1267 O O   . VAL A 1 163 ? -7.269  -6.093  1.976   1.00 22.08 ? 162  VAL A O   1 
ATOM   1268 C CB  . VAL A 1 163 ? -5.750  -3.711  3.040   1.00 23.49 ? 162  VAL A CB  1 
ATOM   1269 C CG1 . VAL A 1 163 ? -4.433  -3.016  3.168   1.00 21.23 ? 162  VAL A CG1 1 
ATOM   1270 C CG2 . VAL A 1 163 ? -6.889  -2.835  3.609   1.00 24.28 ? 162  VAL A CG2 1 
ATOM   1271 N N   . GLY A 1 164 ? -8.293  -4.529  0.751   1.00 26.09 ? 163  GLY A N   1 
ATOM   1272 C CA  . GLY A 1 164 ? -9.540  -5.286  0.743   1.00 29.43 ? 163  GLY A CA  1 
ATOM   1273 C C   . GLY A 1 164 ? -10.575 -4.852  -0.271  1.00 31.96 ? 163  GLY A C   1 
ATOM   1274 O O   . GLY A 1 164 ? -10.507 -3.770  -0.851  1.00 31.29 ? 163  GLY A O   1 
ATOM   1275 N N   . GLY A 1 165 ? -11.558 -5.721  -0.506  1.00 33.91 ? 164  GLY A N   1 
ATOM   1276 C CA  . GLY A 1 165 ? -12.660 -5.327  -1.362  1.00 36.76 ? 164  GLY A CA  1 
ATOM   1277 C C   . GLY A 1 165 ? -13.653 -6.449  -1.536  1.00 39.32 ? 164  GLY A C   1 
ATOM   1278 O O   . GLY A 1 165 ? -13.357 -7.609  -1.224  1.00 38.62 ? 164  GLY A O   1 
ATOM   1279 N N   . ASN A 1 166 ? -14.835 -6.085  -2.030  1.00 42.16 ? 165  ASN A N   1 
ATOM   1280 C CA  . ASN A 1 166 ? -15.750 -7.095  -2.582  1.00 44.48 ? 165  ASN A CA  1 
ATOM   1281 C C   . ASN A 1 166 ? -16.691 -6.529  -3.636  1.00 46.16 ? 165  ASN A C   1 
ATOM   1282 O O   . ASN A 1 166 ? -17.454 -5.560  -3.415  1.00 47.57 ? 165  ASN A O   1 
ATOM   1283 C CB  . ASN A 1 166 ? -16.489 -7.813  -1.471  1.00 44.23 ? 165  ASN A CB  1 
ATOM   1284 C CG  . ASN A 1 166 ? -16.739 -6.913  -0.286  1.00 45.72 ? 165  ASN A CG  1 
ATOM   1285 O OD1 . ASN A 1 166 ? -17.311 -5.834  -0.418  1.00 47.13 ? 165  ASN A OD1 1 
ATOM   1286 N ND2 . ASN A 1 166 ? -16.284 -7.342  0.884   1.00 49.11 ? 165  ASN A ND2 1 
ATOM   1287 N N   . GLY A 1 167 ? -16.589 -7.135  -4.801  1.00 46.61 ? 166  GLY A N   1 
ATOM   1288 C CA  . GLY A 1 167 ? -17.369 -6.756  -5.941  1.00 47.50 ? 166  GLY A CA  1 
ATOM   1289 C C   . GLY A 1 167 ? -17.001 -5.435  -6.559  1.00 47.61 ? 166  GLY A C   1 
ATOM   1290 O O   . GLY A 1 167 ? -16.371 -5.403  -7.644  1.00 47.62 ? 166  GLY A O   1 
ATOM   1291 N N   . HIS A 1 168 ? -17.382 -4.358  -5.858  1.00 47.44 ? 167  HIS A N   1 
ATOM   1292 C CA  . HIS A 1 168 ? -17.579 -3.031  -6.457  1.00 46.95 ? 167  HIS A CA  1 
ATOM   1293 C C   . HIS A 1 168 ? -17.150 -1.898  -5.535  1.00 45.52 ? 167  HIS A C   1 
ATOM   1294 O O   . HIS A 1 168 ? -17.418 -0.718  -5.813  1.00 45.66 ? 167  HIS A O   1 
ATOM   1295 C CB  . HIS A 1 168 ? -19.059 -2.860  -6.781  1.00 47.88 ? 167  HIS A CB  1 
ATOM   1296 C CG  . HIS A 1 168 ? -19.862 -4.085  -6.500  1.00 50.39 ? 167  HIS A CG  1 
ATOM   1297 N ND1 . HIS A 1 168 ? -20.390 -4.870  -7.500  1.00 52.62 ? 167  HIS A ND1 1 
ATOM   1298 C CD2 . HIS A 1 168 ? -20.168 -4.700  -5.332  1.00 54.84 ? 167  HIS A CD2 1 
ATOM   1299 C CE1 . HIS A 1 168 ? -21.011 -5.907  -6.961  1.00 55.47 ? 167  HIS A CE1 1 
ATOM   1300 N NE2 . HIS A 1 168 ? -20.888 -5.831  -5.647  1.00 56.55 ? 167  HIS A NE2 1 
ATOM   1301 N N   . GLN A 1 169 ? -16.516 -2.274  -4.424  1.00 43.76 ? 168  GLN A N   1 
ATOM   1302 C CA  . GLN A 1 169 ? -16.052 -1.323  -3.415  1.00 41.40 ? 168  GLN A CA  1 
ATOM   1303 C C   . GLN A 1 169 ? -14.695 -1.813  -2.946  1.00 38.79 ? 168  GLN A C   1 
ATOM   1304 O O   . GLN A 1 169 ? -14.567 -2.967  -2.543  1.00 38.64 ? 168  GLN A O   1 
ATOM   1305 C CB  . GLN A 1 169 ? -17.028 -1.304  -2.225  1.00 42.31 ? 168  GLN A CB  1 
ATOM   1306 C CG  . GLN A 1 169 ? -17.556 0.067   -1.859  1.00 43.62 ? 168  GLN A CG  1 
ATOM   1307 C CD  . GLN A 1 169 ? -18.339 0.055   -0.560  1.00 47.45 ? 168  GLN A CD  1 
ATOM   1308 O OE1 . GLN A 1 169 ? -18.438 -0.982  0.105   1.00 46.27 ? 168  GLN A OE1 1 
ATOM   1309 N NE2 . GLN A 1 169 ? -18.907 1.207   -0.191  1.00 48.43 ? 168  GLN A NE2 1 
ATOM   1310 N N   . GLY A 1 170 ? -13.669 -0.959  -3.009  1.00 36.27 ? 169  GLY A N   1 
ATOM   1311 C CA  . GLY A 1 170 ? -12.397 -1.335  -2.418  1.00 32.84 ? 169  GLY A CA  1 
ATOM   1312 C C   . GLY A 1 170 ? -11.949 -0.414  -1.279  1.00 31.41 ? 169  GLY A C   1 
ATOM   1313 O O   . GLY A 1 170 ? -12.449 0.721   -1.146  1.00 31.47 ? 169  GLY A O   1 
ATOM   1314 N N   . PHE A 1 171 ? -11.015 -0.913  -0.474  1.00 29.41 ? 170  PHE A N   1 
ATOM   1315 C CA  . PHE A 1 171 ? -10.522 -0.226  0.701   1.00 28.36 ? 170  PHE A CA  1 
ATOM   1316 C C   . PHE A 1 171 ? -9.013  -0.235  0.830   1.00 26.41 ? 170  PHE A C   1 
ATOM   1317 O O   . PHE A 1 171 ? -8.348  -1.252  0.615   1.00 26.39 ? 170  PHE A O   1 
ATOM   1318 C CB  . PHE A 1 171 ? -11.073 -0.878  1.957   1.00 28.66 ? 170  PHE A CB  1 
ATOM   1319 C CG  . PHE A 1 171 ? -12.563 -0.970  1.980   1.00 32.92 ? 170  PHE A CG  1 
ATOM   1320 C CD1 . PHE A 1 171 ? -13.325 0.068   2.489   1.00 34.95 ? 170  PHE A CD1 1 
ATOM   1321 C CD2 . PHE A 1 171 ? -13.198 -2.097  1.504   1.00 33.51 ? 170  PHE A CD2 1 
ATOM   1322 C CE1 . PHE A 1 171 ? -14.732 -0.041  2.524   1.00 38.44 ? 170  PHE A CE1 1 
ATOM   1323 C CE2 . PHE A 1 171 ? -14.591 -2.196  1.538   1.00 36.45 ? 170  PHE A CE2 1 
ATOM   1324 C CZ  . PHE A 1 171 ? -15.349 -1.170  2.045   1.00 35.25 ? 170  PHE A CZ  1 
ATOM   1325 N N   . SER A 1 172 ? -8.473  0.916   1.204   1.00 23.79 ? 171  SER A N   1 
ATOM   1326 C CA  . SER A 1 172 ? -7.049  1.017   1.445   1.00 22.69 ? 171  SER A CA  1 
ATOM   1327 C C   . SER A 1 172 ? -6.886  1.420   2.884   1.00 22.51 ? 171  SER A C   1 
ATOM   1328 O O   . SER A 1 172 ? -7.723  2.167   3.446   1.00 23.02 ? 171  SER A O   1 
ATOM   1329 C CB  . SER A 1 172 ? -6.396  2.157   0.585   1.00 22.67 ? 171  SER A CB  1 
ATOM   1330 O OG  . SER A 1 172 ? -6.017  1.731   -0.703  1.00 20.04 ? 171  SER A OG  1 
ATOM   1331 N N   . ALA A 1 173 ? -5.781  0.977   3.467   1.00 21.23 ? 172  ALA A N   1 
ATOM   1332 C CA  . ALA A 1 173 ? -5.263  1.535   4.675   1.00 22.15 ? 172  ALA A CA  1 
ATOM   1333 C C   . ALA A 1 173 ? -4.565  2.860   4.427   1.00 22.90 ? 172  ALA A C   1 
ATOM   1334 O O   . ALA A 1 173 ? -3.653  2.901   3.583   1.00 21.35 ? 172  ALA A O   1 
ATOM   1335 C CB  . ALA A 1 173 ? -4.263  0.556   5.275   1.00 21.63 ? 172  ALA A CB  1 
ATOM   1336 N N   . ALA A 1 174 ? -4.954  3.922   5.162   1.00 22.07 ? 173  ALA A N   1 
ATOM   1337 C CA  . ALA A 1 174 ? -4.315  5.224   4.938   1.00 23.53 ? 173  ALA A CA  1 
ATOM   1338 C C   . ALA A 1 174 ? -2.824  5.159   5.252   1.00 22.57 ? 173  ALA A C   1 
ATOM   1339 O O   . ALA A 1 174 ? -2.414  4.526   6.188   1.00 25.46 ? 173  ALA A O   1 
ATOM   1340 C CB  . ALA A 1 174 ? -5.001  6.341   5.706   1.00 23.94 ? 173  ALA A CB  1 
ATOM   1341 N N   . LEU A 1 175 ? -1.995  5.781   4.423   1.00 22.78 ? 174  LEU A N   1 
ATOM   1342 C CA  . LEU A 1 175 ? -0.574  5.661   4.607   1.00 23.34 ? 174  LEU A CA  1 
ATOM   1343 C C   . LEU A 1 175 ? -0.118  7.029   5.185   1.00 24.24 ? 174  LEU A C   1 
ATOM   1344 O O   . LEU A 1 175 ? 0.039   7.990   4.430   1.00 25.64 ? 174  LEU A O   1 
ATOM   1345 C CB  . LEU A 1 175 ? 0.086   5.402   3.247   1.00 21.10 ? 174  LEU A CB  1 
ATOM   1346 C CG  . LEU A 1 175 ? 1.509   4.883   3.441   1.00 23.44 ? 174  LEU A CG  1 
ATOM   1347 C CD1 . LEU A 1 175 ? 1.498   3.594   4.230   1.00 23.74 ? 174  LEU A CD1 1 
ATOM   1348 C CD2 . LEU A 1 175 ? 2.189   4.664   2.078   1.00 22.93 ? 174  LEU A CD2 1 
ATOM   1349 N N   . LEU A 1 176 ? 0.003   7.087   6.518   1.00 24.89 ? 175  LEU A N   1 
ATOM   1350 C CA  . LEU A 1 176 ? 0.140   8.374   7.281   1.00 24.52 ? 175  LEU A CA  1 
ATOM   1351 C C   . LEU A 1 176 ? 1.582   8.672   7.533   1.00 23.92 ? 175  LEU A C   1 
ATOM   1352 O O   . LEU A 1 176 ? 2.396   7.766   7.757   1.00 24.30 ? 175  LEU A O   1 
ATOM   1353 C CB  . LEU A 1 176 ? -0.667  8.304   8.586   1.00 25.05 ? 175  LEU A CB  1 
ATOM   1354 C CG  . LEU A 1 176 ? -2.146  8.163   8.294   1.00 23.13 ? 175  LEU A CG  1 
ATOM   1355 C CD1 . LEU A 1 176 ? -2.980  8.229   9.592   1.00 29.83 ? 175  LEU A CD1 1 
ATOM   1356 C CD2 . LEU A 1 176 ? -2.485  9.258   7.353   1.00 24.49 ? 175  LEU A CD2 1 
ATOM   1357 N N   . LYS A 1 177 ? 1.916   9.952   7.484   1.00 26.62 ? 176  LYS A N   1 
ATOM   1358 C CA  . LYS A 1 177 ? 3.339   10.362  7.522   1.00 26.98 ? 176  LYS A CA  1 
ATOM   1359 C C   . LYS A 1 177 ? 4.007   9.902   8.817   1.00 26.59 ? 176  LYS A C   1 
ATOM   1360 O O   . LYS A 1 177 ? 5.159   9.428   8.815   1.00 25.60 ? 176  LYS A O   1 
ATOM   1361 C CB  . LYS A 1 177 ? 3.438   11.884  7.313   1.00 27.48 ? 176  LYS A CB  1 
ATOM   1362 C CG  . LYS A 1 177 ? 4.843   12.406  6.973   1.00 30.36 ? 176  LYS A CG  1 
ATOM   1363 C CD  . LYS A 1 177 ? 4.871   13.958  7.038   1.00 32.03 ? 176  LYS A CD  1 
ATOM   1364 C CE  . LYS A 1 177 ? 4.428   14.601  5.754   1.00 32.20 ? 176  LYS A CE  1 
ATOM   1365 N NZ  . LYS A 1 177 ? 2.945   14.738  5.963   1.00 31.61 ? 176  LYS A NZ  1 
ATOM   1366 N N   . HIS A 1 178 ? 3.247   9.942   9.916   1.00 27.15 ? 177  HIS A N   1 
ATOM   1367 C CA  . HIS A 1 178 ? 3.818   9.721   11.254  1.00 27.67 ? 177  HIS A CA  1 
ATOM   1368 C C   . HIS A 1 178 ? 4.184   8.243   11.538  1.00 28.12 ? 177  HIS A C   1 
ATOM   1369 O O   . HIS A 1 178 ? 4.893   7.923   12.511  1.00 28.86 ? 177  HIS A O   1 
ATOM   1370 C CB  . HIS A 1 178 ? 2.877   10.319  12.297  1.00 29.23 ? 177  HIS A CB  1 
ATOM   1371 C CG  . HIS A 1 178 ? 1.722   9.442   12.652  1.00 27.37 ? 177  HIS A CG  1 
ATOM   1372 N ND1 . HIS A 1 178 ? 0.428   9.754   12.321  1.00 32.22 ? 177  HIS A ND1 1 
ATOM   1373 C CD2 . HIS A 1 178 ? 1.664   8.281   13.343  1.00 32.81 ? 177  HIS A CD2 1 
ATOM   1374 C CE1 . HIS A 1 178 ? -0.383  8.820   12.785  1.00 31.45 ? 177  HIS A CE1 1 
ATOM   1375 N NE2 . HIS A 1 178 ? 0.342   7.915   13.418  1.00 35.57 ? 177  HIS A NE2 1 
ATOM   1376 N N   . TYR A 1 179 ? 3.727   7.345   10.654  1.00 27.20 ? 178  TYR A N   1 
ATOM   1377 C CA  . TYR A 1 179 ? 4.078   5.952   10.763  1.00 27.36 ? 178  TYR A CA  1 
ATOM   1378 C C   . TYR A 1 179 ? 5.539   5.819   10.479  1.00 27.89 ? 178  TYR A C   1 
ATOM   1379 O O   . TYR A 1 179 ? 6.114   4.795   10.807  1.00 27.59 ? 178  TYR A O   1 
ATOM   1380 C CB  . TYR A 1 179 ? 3.344   5.076   9.754   1.00 25.91 ? 178  TYR A CB  1 
ATOM   1381 C CG  . TYR A 1 179 ? 1.822   4.977   9.972   1.00 23.85 ? 178  TYR A CG  1 
ATOM   1382 C CD1 . TYR A 1 179 ? 1.239   5.334   11.179  1.00 28.54 ? 178  TYR A CD1 1 
ATOM   1383 C CD2 . TYR A 1 179 ? 1.020   4.525   8.973   1.00 21.31 ? 178  TYR A CD2 1 
ATOM   1384 C CE1 . TYR A 1 179 ? -0.143  5.279   11.347  1.00 27.59 ? 178  TYR A CE1 1 
ATOM   1385 C CE2 . TYR A 1 179 ? -0.336  4.450   9.103   1.00 19.61 ? 178  TYR A CE2 1 
ATOM   1386 C CZ  . TYR A 1 179 ? -0.920  4.801   10.312  1.00 23.93 ? 178  TYR A CZ  1 
ATOM   1387 O OH  . TYR A 1 179 ? -2.283  4.705   10.429  1.00 25.59 ? 178  TYR A OH  1 
ATOM   1388 N N   . PHE A 1 180 ? 6.118   6.816   9.838   1.00 30.35 ? 179  PHE A N   1 
ATOM   1389 C CA  . PHE A 1 180 ? 7.538   6.763   9.535   1.00 34.80 ? 179  PHE A CA  1 
ATOM   1390 C C   . PHE A 1 180 ? 8.317   7.747   10.453  1.00 38.32 ? 179  PHE A C   1 
ATOM   1391 O O   . PHE A 1 180 ? 7.864   8.874   10.753  1.00 38.83 ? 179  PHE A O   1 
ATOM   1392 C CB  . PHE A 1 180 ? 7.796   6.762   8.010   1.00 34.16 ? 179  PHE A CB  1 
ATOM   1393 C CG  . PHE A 1 180 ? 6.939   5.720   7.254   1.00 33.09 ? 179  PHE A CG  1 
ATOM   1394 C CD1 . PHE A 1 180 ? 5.630   6.037   6.854   1.00 31.04 ? 179  PHE A CD1 1 
ATOM   1395 C CD2 . PHE A 1 180 ? 7.428   4.433   6.977   1.00 33.02 ? 179  PHE A CD2 1 
ATOM   1396 C CE1 . PHE A 1 180 ? 4.805   5.113   6.197   1.00 28.25 ? 179  PHE A CE1 1 
ATOM   1397 C CE2 . PHE A 1 180 ? 6.608   3.479   6.287   1.00 25.93 ? 179  PHE A CE2 1 
ATOM   1398 C CZ  . PHE A 1 180 ? 5.314   3.816   5.926   1.00 30.77 ? 179  PHE A CZ  1 
ATOM   1399 N N   . ASN A 1 181 ? 9.424   7.249   11.002  1.00 42.20 ? 180  ASN A N   1 
ATOM   1400 C CA  . ASN A 1 181 ? 10.041  7.818   12.224  1.00 44.24 ? 180  ASN A CA  1 
ATOM   1401 C C   . ASN A 1 181 ? 11.163  8.825   11.987  1.00 45.29 ? 180  ASN A C   1 
ATOM   1402 O O   . ASN A 1 181 ? 12.277  8.641   12.532  1.00 46.69 ? 180  ASN A O   1 
ATOM   1403 C CB  . ASN A 1 181 ? 10.599  6.669   13.092  1.00 44.98 ? 180  ASN A CB  1 
ATOM   1404 C CG  . ASN A 1 181 ? 9.646   6.233   14.218  1.00 47.39 ? 180  ASN A CG  1 
ATOM   1405 O OD1 . ASN A 1 181 ? 8.651   6.921   14.537  1.00 49.17 ? 180  ASN A OD1 1 
ATOM   1406 N ND2 . ASN A 1 181 ? 9.968   5.080   14.846  1.00 47.98 ? 180  ASN A ND2 1 
HETATM 1407 O O35 . G81 B 2 .   ? -11.108 -8.292  1.195   1.00 55.86 ? 1181 G81 A O35 1 
HETATM 1408 C C31 . G81 B 2 .   ? -10.984 -8.952  2.243   1.00 57.00 ? 1181 G81 A C31 1 
HETATM 1409 O O1  . G81 B 2 .   ? -12.130 -9.360  3.048   1.00 56.51 ? 1181 G81 A O1  1 
HETATM 1410 C C1  . G81 B 2 .   ? -13.501 -9.157  2.786   1.00 55.82 ? 1181 G81 A C1  1 
HETATM 1411 C C2  . G81 B 2 .   ? -13.804 -9.715  1.400   1.00 56.40 ? 1181 G81 A C2  1 
HETATM 1412 C C4  . G81 B 2 .   ? -14.270 -9.938  3.853   1.00 56.66 ? 1181 G81 A C4  1 
HETATM 1413 C C6  . G81 B 2 .   ? -13.821 -7.674  2.908   1.00 55.00 ? 1181 G81 A C6  1 
HETATM 1414 N N33 . G81 B 2 .   ? -9.845  -9.398  2.788   1.00 55.97 ? 1181 G81 A N33 1 
HETATM 1415 C C37 . G81 B 2 .   ? -8.496  -9.225  2.303   1.00 54.17 ? 1181 G81 A C37 1 
HETATM 1416 C C41 . G81 B 2 .   ? -7.655  -10.210 3.089   1.00 56.30 ? 1181 G81 A C41 1 
HETATM 1417 C C51 . G81 B 2 .   ? -7.879  -9.861  4.539   1.00 60.18 ? 1181 G81 A C51 1 
HETATM 1418 C C53 . G81 B 2 .   ? -7.262  -8.739  5.087   1.00 59.69 ? 1181 G81 A C53 1 
HETATM 1419 C C7  . G81 B 2 .   ? -7.479  -8.426  6.432   1.00 61.60 ? 1181 G81 A C7  1 
HETATM 1420 C C9  . G81 B 2 .   ? -8.309  -9.223  7.228   1.00 61.28 ? 1181 G81 A C9  1 
HETATM 1421 C C11 . G81 B 2 .   ? -8.941  -10.341 6.681   1.00 61.32 ? 1181 G81 A C11 1 
HETATM 1422 C C55 . G81 B 2 .   ? -8.723  -10.660 5.335   1.00 62.10 ? 1181 G81 A C55 1 
HETATM 1423 C C39 . G81 B 2 .   ? -8.403  -9.564  0.863   1.00 53.82 ? 1181 G81 A C39 1 
HETATM 1424 O O47 . G81 B 2 .   ? -9.003  -10.516 0.403   1.00 53.22 ? 1181 G81 A O47 1 
HETATM 1425 N N49 . G81 B 2 .   ? -7.641  -8.746  0.162   1.00 49.98 ? 1181 G81 A N49 1 
HETATM 1426 C C57 . G81 B 2 .   ? -7.448  -8.931  -1.251  1.00 48.25 ? 1181 G81 A C57 1 
HETATM 1427 C C59 . G81 B 2 .   ? -8.384  -7.864  -1.835  1.00 48.33 ? 1181 G81 A C59 1 
HETATM 1428 C C61 . G81 B 2 .   ? -9.213  -8.344  -3.023  1.00 49.18 ? 1181 G81 A C61 1 
HETATM 1429 C C73 . G81 B 2 .   ? -10.048 -9.626  -2.819  1.00 48.95 ? 1181 G81 A C73 1 
HETATM 1430 C C71 . G81 B 2 .   ? -11.361 -9.389  -3.587  1.00 49.95 ? 1181 G81 A C71 1 
HETATM 1431 N N69 . G81 B 2 .   ? -11.328 -7.936  -3.742  1.00 47.76 ? 1181 G81 A N69 1 
HETATM 1432 C C65 . G81 B 2 .   ? -10.243 -7.344  -3.463  1.00 49.87 ? 1181 G81 A C65 1 
HETATM 1433 O O66 . G81 B 2 .   ? -10.009 -6.140  -3.557  1.00 46.45 ? 1181 G81 A O66 1 
HETATM 1434 C C63 . G81 B 2 .   ? -5.946  -8.707  -1.452  1.00 46.10 ? 1181 G81 A C63 1 
HETATM 1435 C C82 . G81 B 2 .   ? -5.098  -9.698  -0.631  1.00 51.05 ? 1181 G81 A C82 1 
HETATM 1436 C C84 . G81 B 2 .   ? -4.946  -11.098 -1.212  1.00 54.04 ? 1181 G81 A C84 1 
HETATM 1437 O O88 . G81 B 2 .   ? -5.136  -12.041 -0.472  1.00 54.92 ? 1181 G81 A O88 1 
HETATM 1438 O O86 . G81 B 2 .   ? -4.551  -11.379 -2.604  1.00 55.17 ? 1181 G81 A O86 1 
HETATM 1439 C C3  . G81 B 2 .   ? -3.510  -12.330 -2.910  1.00 55.65 ? 1181 G81 A C3  1 
HETATM 1440 C C5  . G81 B 2 .   ? -2.159  -11.656 -3.114  1.00 53.70 ? 1181 G81 A C5  1 
HETATM 1441 O O   . HOH C 3 .   ? -5.946  13.702  -11.990 1.00 38.99 ? 2001 HOH A O   1 
HETATM 1442 O O   . HOH C 3 .   ? 0.979   14.587  -12.496 1.00 31.55 ? 2002 HOH A O   1 
HETATM 1443 O O   . HOH C 3 .   ? 4.885   9.951   -15.419 1.00 27.00 ? 2003 HOH A O   1 
HETATM 1444 O O   . HOH C 3 .   ? 6.008   10.444  -8.819  1.00 40.14 ? 2004 HOH A O   1 
HETATM 1445 O O   . HOH C 3 .   ? 13.426  4.189   -4.568  1.00 33.53 ? 2005 HOH A O   1 
HETATM 1446 O O   . HOH C 3 .   ? 16.891  10.164  -4.272  1.00 40.66 ? 2006 HOH A O   1 
HETATM 1447 O O   . HOH C 3 .   ? 9.892   -1.449  -3.427  1.00 24.60 ? 2007 HOH A O   1 
HETATM 1448 O O   . HOH C 3 .   ? 11.154  -2.275  -9.044  1.00 43.87 ? 2008 HOH A O   1 
HETATM 1449 O O   . HOH C 3 .   ? 9.659   -11.053 -6.639  1.00 25.71 ? 2009 HOH A O   1 
HETATM 1450 O O   . HOH C 3 .   ? -0.583  -6.183  -5.648  1.00 20.71 ? 2010 HOH A O   1 
HETATM 1451 O O   . HOH C 3 .   ? 2.923   -1.615  -0.718  1.00 31.59 ? 2011 HOH A O   1 
HETATM 1452 O O   . HOH C 3 .   ? 15.418  7.521   2.063   1.00 35.47 ? 2012 HOH A O   1 
HETATM 1453 O O   . HOH C 3 .   ? 15.936  3.931   9.611   1.00 42.24 ? 2013 HOH A O   1 
HETATM 1454 O O   . HOH C 3 .   ? 1.950   -8.830  8.424   1.00 35.94 ? 2014 HOH A O   1 
HETATM 1455 O O   . HOH C 3 .   ? -6.801  -10.850 11.058  1.00 52.85 ? 2015 HOH A O   1 
HETATM 1456 O O   . HOH C 3 .   ? -9.127  6.265   13.862  1.00 40.43 ? 2016 HOH A O   1 
HETATM 1457 O O   . HOH C 3 .   ? 2.044   3.775   14.567  1.00 42.07 ? 2017 HOH A O   1 
HETATM 1458 O O   . HOH C 3 .   ? 17.798  -14.880 -4.589  1.00 37.50 ? 2018 HOH A O   1 
HETATM 1459 O O   . HOH C 3 .   ? 19.098  -9.447  2.284   1.00 39.19 ? 2019 HOH A O   1 
HETATM 1460 O O   . HOH C 3 .   ? 13.686  -6.054  15.507  1.00 49.19 ? 2020 HOH A O   1 
HETATM 1461 O O   . HOH C 3 .   ? -1.061  -7.266  13.927  1.00 52.30 ? 2021 HOH A O   1 
HETATM 1462 O O   . HOH C 3 .   ? 1.789   0.195   15.793  1.00 52.08 ? 2022 HOH A O   1 
HETATM 1463 O O   . HOH C 3 .   ? -1.144  0.114   20.920  1.00 51.19 ? 2023 HOH A O   1 
HETATM 1464 O O   . HOH C 3 .   ? -9.648  2.097   17.858  1.00 30.83 ? 2024 HOH A O   1 
HETATM 1465 O O   . HOH C 3 .   ? 11.139  10.419  17.481  1.00 51.51 ? 2025 HOH A O   1 
HETATM 1466 O O   . HOH C 3 .   ? -8.363  -5.065  15.418  1.00 31.01 ? 2026 HOH A O   1 
HETATM 1467 O O   . HOH C 3 .   ? -5.453  1.494   8.079   1.00 21.85 ? 2027 HOH A O   1 
HETATM 1468 O O   . HOH C 3 .   ? 15.022  0.793   -4.677  1.00 37.01 ? 2028 HOH A O   1 
HETATM 1469 O O   . HOH C 3 .   ? 17.699  -1.280  -8.380  1.00 50.71 ? 2029 HOH A O   1 
HETATM 1470 O O   . HOH C 3 .   ? 15.852  10.415  -1.236  1.00 31.31 ? 2030 HOH A O   1 
HETATM 1471 O O   . HOH C 3 .   ? 9.548   12.982  0.192   1.00 36.90 ? 2031 HOH A O   1 
HETATM 1472 O O   . HOH C 3 .   ? 11.427  13.484  3.544   1.00 41.04 ? 2032 HOH A O   1 
HETATM 1473 O O   . HOH C 3 .   ? 14.586  11.270  8.682   1.00 50.37 ? 2033 HOH A O   1 
HETATM 1474 O O   . HOH C 3 .   ? -1.313  9.770   2.929   1.00 22.71 ? 2034 HOH A O   1 
HETATM 1475 O O   . HOH C 3 .   ? -8.876  13.383  7.493   1.00 41.08 ? 2035 HOH A O   1 
HETATM 1476 O O   . HOH C 3 .   ? -9.698  13.948  4.401   1.00 37.94 ? 2036 HOH A O   1 
HETATM 1477 O O   . HOH C 3 .   ? -7.765  12.180  11.609  1.00 52.27 ? 2037 HOH A O   1 
HETATM 1478 O O   . HOH C 3 .   ? -4.501  9.199   3.324   1.00 25.42 ? 2038 HOH A O   1 
HETATM 1479 O O   . HOH C 3 .   ? -9.929  8.215   -11.170 1.00 31.90 ? 2039 HOH A O   1 
HETATM 1480 O O   . HOH C 3 .   ? 1.960   -0.151  -11.455 1.00 34.53 ? 2040 HOH A O   1 
HETATM 1481 O O   . HOH C 3 .   ? -0.826  -10.314 -8.108  1.00 30.92 ? 2041 HOH A O   1 
HETATM 1482 O O   . HOH C 3 .   ? -14.804 6.027   -6.023  1.00 36.73 ? 2042 HOH A O   1 
HETATM 1483 O O   . HOH C 3 .   ? -11.705 13.147  5.837   1.00 46.26 ? 2043 HOH A O   1 
HETATM 1484 O O   . HOH C 3 .   ? -17.756 -3.255  9.165   1.00 37.37 ? 2044 HOH A O   1 
HETATM 1485 O O   . HOH C 3 .   ? -9.155  -9.704  15.838  1.00 54.18 ? 2045 HOH A O   1 
HETATM 1486 O O   . HOH C 3 .   ? -10.862 5.003   11.658  1.00 28.58 ? 2046 HOH A O   1 
HETATM 1487 O O   . HOH C 3 .   ? -0.848  5.463   15.393  1.00 35.38 ? 2047 HOH A O   1 
HETATM 1488 O O   . HOH C 3 .   ? -4.353  15.277  -5.563  1.00 27.29 ? 2048 HOH A O   1 
HETATM 1489 O O   . HOH C 3 .   ? -3.843  3.680   8.438   1.00 25.61 ? 2049 HOH A O   1 
HETATM 1490 O O   . HOH C 3 .   ? 7.607   11.469  11.502  1.00 44.57 ? 2050 HOH A O   1 
HETATM 1491 O O   . HOH C 3 .   ? 10.748  8.305   16.163  1.00 45.35 ? 2051 HOH A O   1 
# 
